data_6QD8
#
_entry.id   6QD8
#
_cell.length_a   1.0
_cell.length_b   1.0
_cell.length_c   1.0
_cell.angle_alpha   90.0
_cell.angle_beta   90.0
_cell.angle_gamma   90.0
#
_symmetry.space_group_name_H-M   'P 1'
#
loop_
_entity.id
_entity.type
_entity.pdbx_description
1 polymer 'Light chain'
2 polymer 'Envelope glycoprotein,Virion spike glycoprotein,EBOV-GP1'
3 polymer 'Envelope glycoprotein'
4 polymer 'Heavy chain'
5 branched beta-D-mannopyranose-(1-4)-2-acetamido-2-deoxy-beta-D-glucopyranose-(1-4)-2-acetamido-2-deoxy-beta-D-glucopyranose
6 non-polymer 2-acetamido-2-deoxy-beta-D-glucopyranose
#
loop_
_entity_poly.entity_id
_entity_poly.type
_entity_poly.pdbx_seq_one_letter_code
_entity_poly.pdbx_strand_id
1 'polypeptide(L)'
;DIQLTQSPSSLSASVGDRVTITCRASQSISTYLNWYQQKPGKAPKFLIFSASNLQSGVPSRFSGGGSGTDFTLTISSLQP
EDFATYYCQQTYNTPRTFGQGTKVEIKRTVAAPSVFIFPPSDEQLKSGTASVVCLLNNFYPREAKVQWKVDNALQSGNSQ
ESVTEQDSKDSTYSLSSTLTLSKADYEKHKVYACEVTHQGLSSPVTKSFNRGEC
;
Z,Y,L
2 'polypeptide(L)'
;GSRSIPLGVIHNSALQVSDVDKLVCRDKLSSTNQLRSVGLNLEGNGVATDVPSATKRWGFRSGVPPKVVNYEAGEWAENC
YNLEIKKPDGSECLPAAPDGIRGFPRCRYVHKVSGTGPCAGDFAFHKEGAFFLYDRLASTVIYRGTTFAEGVVAFLILPQ
AKKDFFSSHPLREPVNATEDPSSGYYSTTIRYQATGFGTNETEYLFEVDNLTYVQLESRFTPQFLLQLNETIYTSGKRSN
TTGKLIWKVNPEIDTTIGEWAFWETKKNLTRKIRSEELSFTVV(UNK)(UNK)(UNK)(UNK)(UNK)(UNK)(UNK)
(UNK)(UNK)(UNK)(UNK)(UNK)(UNK)(UNK)(UNK)(UNK)(UNK)(UNK)(UNK)(UNK)(UNK)(UNK)(UNK)
(UNK)(UNK)(UNK)(UNK)(UNK)(UNK)(UNK)(UNK)(UNK)(UNK)(UNK)(UNK)(UNK)(UNK)(UNK)(UNK)
;
A,C,E
3 'polypeptide(L)'
;EAIVNAQPKCNPNLHYWTTQDEGAAIGLAWIPYFGPAAEGIYIEGLMHNQDGLICGLRQLANETTQALQLFLRATTELRT
FSILNRKAIDFLLQRWGGTCHILGPDCCIEPHDWTKNITDKIDQIIHDFVDGSGYIPEAPRDGQAYVRKDGEWVLLSTFL
GTHHHHHH
;
B,F,D
4 'polypeptide(L)'
;QVQLQESGPGLVKPSGTLSLTCAVSGGSISGTNWWTWVRQPPGRGLEWIGEIYYRGSPNYNPSLKSRVTISVDQSKSQFS
LKLTSVTAADTAVYYCLRLSHYGGAWGQGTLVTVSSASTKGPSVFPLAPSSKSTSGGTAALGCLVKDYFPEPVTVSWNSG
ALTSGVHTFPAVLQSSGLYSLSSVVTVPSSSLGTQTYICNVNHKPSNTKVDKRVEPKSC
;
H,W,Q
#
# COMPACT_ATOMS: atom_id res chain seq x y z
N ILE A 2 9.89 -35.81 10.43
CA ILE A 2 11.28 -35.54 10.16
C ILE A 2 12.14 -36.42 11.03
N GLN A 3 13.19 -37.00 10.45
CA GLN A 3 14.09 -37.87 11.18
C GLN A 3 15.53 -37.58 10.77
N LEU A 4 16.44 -37.78 11.71
CA LEU A 4 17.86 -37.51 11.48
C LEU A 4 18.65 -38.81 11.50
N THR A 5 19.85 -38.74 10.97
CA THR A 5 20.72 -39.91 10.88
C THR A 5 22.06 -39.52 11.47
N GLN A 6 22.52 -40.27 12.44
CA GLN A 6 23.72 -39.94 13.16
C GLN A 6 24.78 -40.99 12.91
N SER A 7 25.95 -40.54 12.49
CA SER A 7 27.06 -41.40 12.13
C SER A 7 28.28 -41.02 12.95
N PRO A 8 29.11 -42.00 13.31
CA PRO A 8 28.83 -43.44 13.24
C PRO A 8 28.33 -43.93 14.58
N SER A 9 27.87 -45.17 14.67
CA SER A 9 27.16 -45.58 15.86
C SER A 9 28.07 -45.84 17.04
N SER A 10 29.36 -46.04 16.83
CA SER A 10 30.26 -46.34 17.92
C SER A 10 31.65 -45.82 17.60
N LEU A 11 32.35 -45.31 18.60
CA LEU A 11 33.72 -44.92 18.39
C LEU A 11 34.61 -45.37 19.53
N SER A 12 35.91 -45.32 19.26
CA SER A 12 36.97 -45.52 20.24
C SER A 12 38.20 -44.80 19.73
N ALA A 13 38.87 -44.03 20.57
CA ALA A 13 40.10 -43.38 20.18
C ALA A 13 40.96 -43.16 21.42
N SER A 14 42.06 -42.45 21.21
CA SER A 14 43.05 -42.19 22.25
C SER A 14 43.18 -40.68 22.47
N VAL A 15 44.19 -40.28 23.24
CA VAL A 15 44.40 -38.89 23.57
C VAL A 15 45.31 -38.26 22.53
N GLY A 16 44.83 -37.19 21.90
CA GLY A 16 45.67 -36.40 21.01
C GLY A 16 45.14 -36.23 19.60
N ASP A 17 44.06 -36.94 19.28
CA ASP A 17 43.48 -36.93 17.95
C ASP A 17 42.39 -35.86 17.84
N ARG A 18 41.59 -35.94 16.77
CA ARG A 18 40.47 -35.04 16.52
C ARG A 18 39.28 -35.88 16.09
N VAL A 19 38.17 -35.77 16.83
CA VAL A 19 37.04 -36.68 16.68
C VAL A 19 35.85 -35.92 16.11
N THR A 20 35.09 -36.57 15.23
CA THR A 20 34.03 -35.90 14.48
C THR A 20 32.79 -36.77 14.36
N ILE A 21 31.65 -36.24 14.79
CA ILE A 21 30.38 -36.96 14.84
C ILE A 21 29.37 -36.21 13.98
N THR A 22 28.60 -36.92 13.15
CA THR A 22 27.79 -36.30 12.11
C THR A 22 26.32 -36.53 12.37
N CYS A 23 25.53 -35.47 12.23
CA CYS A 23 24.09 -35.50 12.34
C CYS A 23 23.55 -34.93 11.05
N ARG A 24 22.73 -35.70 10.33
CA ARG A 24 22.29 -35.35 8.98
C ARG A 24 20.78 -35.47 8.85
N ALA A 25 20.15 -34.41 8.37
CA ALA A 25 18.70 -34.30 8.36
C ALA A 25 18.11 -34.64 7.00
N SER A 26 16.89 -35.14 7.00
CA SER A 26 16.22 -35.48 5.75
C SER A 26 15.82 -34.25 4.94
N GLN A 27 15.72 -33.10 5.60
CA GLN A 27 15.08 -31.90 5.04
C GLN A 27 16.11 -30.79 5.21
N SER A 28 15.68 -29.54 5.09
CA SER A 28 16.50 -28.41 5.45
C SER A 28 15.92 -27.73 6.66
N ILE A 29 16.72 -27.56 7.71
CA ILE A 29 16.28 -26.92 8.94
C ILE A 29 17.12 -25.69 9.31
N SER A 30 18.37 -25.63 8.86
CA SER A 30 19.29 -24.52 8.66
C SER A 30 20.06 -23.91 9.82
N THR A 31 19.66 -24.03 11.08
CA THR A 31 20.64 -23.85 12.15
C THR A 31 20.28 -24.71 13.36
N TYR A 32 19.29 -25.55 13.29
CA TYR A 32 18.62 -26.01 14.50
C TYR A 32 19.18 -27.31 15.01
N LEU A 33 20.32 -27.23 15.68
CA LEU A 33 20.83 -28.49 16.20
C LEU A 33 21.31 -28.29 17.62
N ASN A 34 20.68 -29.04 18.52
CA ASN A 34 21.05 -29.22 19.91
C ASN A 34 21.95 -30.44 20.06
N TRP A 35 23.24 -30.23 20.28
CA TRP A 35 24.19 -31.27 20.64
C TRP A 35 24.30 -31.43 22.14
N TYR A 36 24.21 -32.66 22.62
CA TYR A 36 24.28 -32.95 24.05
C TYR A 36 25.29 -34.05 24.33
N GLN A 37 25.63 -34.19 25.61
CA GLN A 37 26.62 -35.13 26.14
C GLN A 37 26.03 -35.83 27.35
N GLN A 38 26.20 -37.14 27.47
CA GLN A 38 25.58 -37.81 28.60
C GLN A 38 26.37 -39.02 29.06
N LYS A 39 26.77 -39.01 30.33
CA LYS A 39 27.41 -40.14 30.97
C LYS A 39 26.36 -41.14 31.45
N PRO A 40 26.70 -42.41 31.67
CA PRO A 40 25.67 -43.38 32.04
C PRO A 40 25.15 -43.21 33.45
N GLY A 41 23.82 -43.34 33.58
CA GLY A 41 23.13 -43.17 34.84
C GLY A 41 22.72 -41.75 35.15
N LYS A 42 23.37 -40.79 34.55
CA LYS A 42 23.20 -39.37 34.86
C LYS A 42 22.04 -38.82 34.03
N ALA A 43 21.92 -37.51 33.96
CA ALA A 43 21.06 -36.73 33.11
C ALA A 43 21.91 -35.95 32.12
N PRO A 44 21.44 -35.69 30.91
CA PRO A 44 22.32 -35.08 29.90
C PRO A 44 22.56 -33.61 30.16
N LYS A 45 23.81 -33.21 30.03
CA LYS A 45 24.17 -31.80 30.03
C LYS A 45 23.97 -31.26 28.62
N PHE A 46 24.19 -29.97 28.43
CA PHE A 46 24.24 -29.39 27.10
C PHE A 46 25.62 -29.50 26.56
N LEU A 47 25.73 -29.35 25.25
CA LEU A 47 26.95 -28.79 24.68
C LEU A 47 26.66 -27.56 23.84
N ILE A 48 25.87 -27.70 22.78
CA ILE A 48 25.90 -26.71 21.71
C ILE A 48 24.49 -26.54 21.16
N PHE A 49 23.98 -25.32 21.19
CA PHE A 49 22.66 -25.01 20.65
C PHE A 49 22.79 -23.98 19.53
N SER A 50 21.85 -24.02 18.56
CA SER A 50 21.93 -23.36 17.25
C SER A 50 23.18 -23.76 16.50
N ALA A 51 23.59 -25.00 16.70
CA ALA A 51 24.60 -25.71 15.95
C ALA A 51 26.01 -25.10 16.01
N SER A 52 26.20 -23.97 16.67
CA SER A 52 27.51 -23.32 16.66
C SER A 52 27.97 -22.75 17.98
N ASN A 53 27.08 -22.42 18.92
CA ASN A 53 27.44 -21.64 20.08
C ASN A 53 27.35 -22.49 21.33
N LEU A 54 28.34 -22.35 22.21
CA LEU A 54 28.46 -23.21 23.38
C LEU A 54 27.46 -22.82 24.44
N GLN A 55 27.48 -23.50 25.56
CA GLN A 55 26.75 -23.01 26.72
C GLN A 55 27.74 -22.75 27.84
N SER A 56 27.35 -21.92 28.78
CA SER A 56 28.24 -21.54 29.87
C SER A 56 28.43 -22.69 30.83
N GLY A 57 29.65 -23.19 30.96
CA GLY A 57 29.94 -24.38 31.72
C GLY A 57 30.47 -25.52 30.90
N VAL A 58 30.68 -25.31 29.61
CA VAL A 58 31.12 -26.35 28.68
C VAL A 58 32.51 -25.96 28.18
N PRO A 59 33.48 -26.88 28.20
CA PRO A 59 34.89 -26.52 27.95
C PRO A 59 35.14 -26.00 26.55
N SER A 60 36.33 -25.44 26.38
CA SER A 60 36.67 -24.65 25.21
C SER A 60 37.36 -25.46 24.13
N ARG A 61 37.26 -26.79 24.18
CA ARG A 61 37.82 -27.63 23.14
C ARG A 61 36.76 -28.25 22.23
N PHE A 62 35.51 -28.23 22.64
CA PHE A 62 34.45 -28.67 21.74
C PHE A 62 34.19 -27.60 20.71
N SER A 63 33.57 -28.00 19.59
CA SER A 63 33.10 -27.04 18.60
C SER A 63 32.02 -27.70 17.75
N GLY A 64 31.08 -26.91 17.28
CA GLY A 64 30.01 -27.40 16.44
C GLY A 64 30.06 -26.77 15.07
N GLY A 65 29.13 -27.18 14.23
CA GLY A 65 29.01 -26.49 12.96
C GLY A 65 27.98 -27.13 12.08
N GLY A 66 27.70 -26.46 10.98
CA GLY A 66 26.83 -27.00 9.95
C GLY A 66 25.50 -26.28 9.88
N SER A 67 24.83 -26.51 8.76
CA SER A 67 23.57 -25.84 8.45
C SER A 67 22.91 -26.59 7.32
N GLY A 68 21.79 -26.07 6.86
CA GLY A 68 21.09 -26.71 5.77
C GLY A 68 20.56 -28.06 6.17
N THR A 69 21.25 -29.09 5.71
CA THR A 69 20.94 -30.44 6.08
C THR A 69 22.07 -31.21 6.73
N ASP A 70 23.28 -30.63 6.83
CA ASP A 70 24.43 -31.35 7.36
C ASP A 70 24.99 -30.63 8.56
N PHE A 71 25.16 -31.35 9.67
CA PHE A 71 25.67 -30.76 10.90
C PHE A 71 26.72 -31.67 11.47
N THR A 72 27.80 -31.08 11.98
CA THR A 72 28.87 -31.85 12.59
C THR A 72 29.16 -31.33 14.00
N LEU A 73 29.81 -32.19 14.78
CA LEU A 73 30.40 -31.85 16.08
C LEU A 73 31.84 -32.36 16.10
N THR A 74 32.75 -31.55 16.63
CA THR A 74 34.15 -31.90 16.62
C THR A 74 34.78 -31.67 17.98
N ILE A 75 35.58 -32.64 18.42
CA ILE A 75 36.27 -32.59 19.70
C ILE A 75 37.76 -32.63 19.40
N SER A 76 38.47 -31.58 19.79
CA SER A 76 39.90 -31.50 19.56
C SER A 76 40.66 -31.73 20.87
N SER A 77 41.73 -32.52 20.79
CA SER A 77 42.60 -32.88 21.93
C SER A 77 41.79 -33.55 23.04
N LEU A 78 41.33 -34.76 22.72
CA LEU A 78 40.47 -35.53 23.61
C LEU A 78 41.19 -35.89 24.92
N GLN A 79 40.44 -35.90 26.01
CA GLN A 79 40.90 -36.33 27.32
C GLN A 79 40.11 -37.57 27.73
N PRO A 80 40.58 -38.33 28.71
CA PRO A 80 39.80 -39.48 29.20
C PRO A 80 38.59 -39.12 30.05
N GLU A 81 38.20 -37.86 30.13
CA GLU A 81 36.92 -37.53 30.74
C GLU A 81 35.76 -37.77 29.78
N ASP A 82 35.98 -37.59 28.50
CA ASP A 82 34.89 -37.39 27.56
C ASP A 82 34.19 -38.67 27.12
N PHE A 83 34.41 -39.81 27.76
CA PHE A 83 33.66 -41.00 27.36
C PHE A 83 32.24 -40.85 27.87
N ALA A 84 31.33 -40.61 26.93
CA ALA A 84 29.92 -40.42 27.20
C ALA A 84 29.19 -40.58 25.89
N THR A 85 27.91 -40.96 25.96
CA THR A 85 27.11 -40.99 24.74
C THR A 85 26.82 -39.55 24.31
N TYR A 86 26.60 -39.33 23.02
CA TYR A 86 26.36 -37.99 22.49
C TYR A 86 25.05 -37.97 21.71
N TYR A 87 24.37 -36.84 21.65
CA TYR A 87 23.11 -36.80 20.94
C TYR A 87 22.94 -35.49 20.20
N CYS A 88 21.95 -35.45 19.30
CA CYS A 88 21.55 -34.24 18.56
C CYS A 88 20.03 -34.18 18.41
N GLN A 89 19.47 -32.97 18.51
CA GLN A 89 18.04 -32.72 18.35
C GLN A 89 17.82 -31.53 17.43
N GLN A 90 16.84 -31.64 16.54
CA GLN A 90 16.38 -30.52 15.73
C GLN A 90 15.27 -29.77 16.45
N THR A 91 15.19 -28.47 16.20
CA THR A 91 14.13 -27.69 16.82
C THR A 91 13.20 -27.02 15.82
N TYR A 92 13.24 -27.43 14.55
CA TYR A 92 12.63 -26.65 13.49
C TYR A 92 11.12 -26.77 13.46
N ASN A 93 10.55 -27.92 13.82
CA ASN A 93 9.10 -28.05 13.95
C ASN A 93 8.75 -29.27 14.78
N THR A 94 7.61 -29.21 15.37
CA THR A 94 7.16 -30.31 16.20
C THR A 94 6.59 -31.44 15.34
N PRO A 95 6.73 -32.71 15.76
CA PRO A 95 7.45 -33.27 16.91
C PRO A 95 8.97 -33.28 16.72
N ARG A 96 9.68 -32.71 17.69
CA ARG A 96 11.13 -32.64 17.59
C ARG A 96 11.74 -34.02 17.80
N THR A 97 12.90 -34.26 17.21
CA THR A 97 13.42 -35.61 17.14
C THR A 97 14.89 -35.67 17.48
N PHE A 98 15.26 -36.73 18.18
CA PHE A 98 16.63 -36.98 18.61
C PHE A 98 17.27 -38.01 17.70
N GLY A 99 18.59 -38.02 17.71
CA GLY A 99 19.38 -39.04 17.02
C GLY A 99 19.36 -40.37 17.74
N GLN A 100 20.34 -41.21 17.39
CA GLN A 100 20.43 -42.55 17.95
C GLN A 100 21.72 -42.76 18.72
N GLY A 101 22.32 -41.71 19.23
CA GLY A 101 23.47 -41.84 20.08
C GLY A 101 24.75 -42.04 19.28
N THR A 102 25.88 -41.81 19.94
CA THR A 102 27.19 -42.05 19.34
C THR A 102 28.17 -42.26 20.49
N LYS A 103 28.49 -43.50 20.79
CA LYS A 103 29.32 -43.81 21.94
C LYS A 103 30.73 -43.31 21.73
N VAL A 104 31.37 -42.84 22.79
CA VAL A 104 32.75 -42.42 22.70
C VAL A 104 33.54 -43.15 23.76
N GLU A 105 34.67 -43.73 23.37
CA GLU A 105 35.60 -44.36 24.30
C GLU A 105 36.99 -44.38 23.67
N SER B 4 -13.74 11.83 9.68
CA SER B 4 -13.61 11.11 8.43
C SER B 4 -13.74 12.04 7.23
N ILE B 5 -13.14 11.64 6.12
CA ILE B 5 -13.22 12.29 4.81
C ILE B 5 -14.61 12.08 4.25
N PRO B 6 -15.36 13.14 3.89
CA PRO B 6 -16.72 12.95 3.39
C PRO B 6 -16.72 12.17 2.09
N LEU B 7 -17.81 11.43 1.85
CA LEU B 7 -17.88 10.66 0.63
C LEU B 7 -19.21 10.94 -0.04
N GLY B 8 -19.13 11.44 -1.27
CA GLY B 8 -20.30 11.78 -2.06
C GLY B 8 -20.92 10.54 -2.66
N VAL B 9 -22.24 10.46 -2.67
CA VAL B 9 -22.85 9.32 -3.33
C VAL B 9 -24.00 9.89 -4.14
N ILE B 10 -24.24 9.24 -5.26
CA ILE B 10 -25.30 9.63 -6.18
C ILE B 10 -26.53 8.81 -5.89
N HIS B 11 -27.61 9.45 -5.45
CA HIS B 11 -28.86 8.72 -5.38
C HIS B 11 -29.93 9.56 -6.05
N ASN B 12 -30.86 8.86 -6.71
CA ASN B 12 -32.02 9.40 -7.45
C ASN B 12 -31.60 10.59 -8.31
N SER B 13 -30.55 10.36 -9.10
CA SER B 13 -29.92 11.32 -10.01
C SER B 13 -29.52 12.63 -9.32
N ALA B 14 -29.04 12.54 -8.08
CA ALA B 14 -28.72 13.75 -7.32
C ALA B 14 -27.61 13.43 -6.33
N LEU B 15 -26.67 14.36 -6.23
CA LEU B 15 -25.55 14.26 -5.31
C LEU B 15 -25.95 14.48 -3.86
N GLN B 16 -25.53 13.59 -2.98
CA GLN B 16 -25.77 13.70 -1.55
C GLN B 16 -24.46 13.34 -0.89
N VAL B 17 -24.27 13.77 0.34
CA VAL B 17 -23.14 13.30 1.14
C VAL B 17 -23.66 12.44 2.27
N SER B 18 -23.01 11.30 2.46
CA SER B 18 -23.29 10.37 3.53
C SER B 18 -21.93 9.79 3.85
N ASP B 19 -21.58 9.77 5.11
CA ASP B 19 -20.29 9.25 5.55
C ASP B 19 -20.47 7.76 5.71
N VAL B 20 -19.54 7.05 6.34
CA VAL B 20 -19.75 5.60 6.40
C VAL B 20 -20.78 5.37 7.50
N ASP B 21 -22.05 5.63 7.15
CA ASP B 21 -23.27 5.42 7.91
C ASP B 21 -24.35 4.98 6.93
N LYS B 22 -23.95 4.30 5.85
CA LYS B 22 -24.87 3.81 4.82
C LYS B 22 -25.59 2.55 5.26
N LEU B 23 -25.84 2.40 6.55
CA LEU B 23 -26.63 1.31 7.10
C LEU B 23 -28.13 1.51 6.90
N VAL B 24 -28.52 1.92 5.69
CA VAL B 24 -29.88 2.06 5.20
C VAL B 24 -29.90 0.78 4.38
N CYS B 25 -28.68 0.40 3.95
CA CYS B 25 -28.25 -0.76 3.18
C CYS B 25 -28.79 -0.80 1.75
N ARG B 26 -29.80 0.00 1.39
CA ARG B 26 -30.29 -0.04 0.03
C ARG B 26 -29.34 0.66 -0.95
N ASP B 27 -28.49 1.58 -0.47
CA ASP B 27 -27.38 2.07 -1.27
C ASP B 27 -26.50 0.88 -1.57
N LYS B 28 -26.03 0.75 -2.80
CA LYS B 28 -25.29 -0.46 -3.15
C LYS B 28 -23.89 -0.14 -3.61
N LEU B 29 -22.92 -0.73 -2.92
CA LEU B 29 -21.52 -0.72 -3.28
C LEU B 29 -21.16 -2.19 -3.42
N SER B 30 -21.28 -2.71 -4.64
CA SER B 30 -21.03 -4.10 -4.89
C SER B 30 -19.63 -4.40 -5.41
N SER B 31 -18.79 -3.39 -5.65
CA SER B 31 -17.45 -3.65 -6.15
C SER B 31 -16.61 -2.41 -6.01
N THR B 32 -15.31 -2.63 -5.88
CA THR B 32 -14.31 -1.58 -5.86
C THR B 32 -14.15 -0.81 -7.16
N ASN B 33 -14.64 -1.30 -8.30
CA ASN B 33 -14.60 -0.45 -9.50
C ASN B 33 -15.49 0.79 -9.36
N GLN B 34 -16.51 0.72 -8.52
CA GLN B 34 -17.43 1.82 -8.26
C GLN B 34 -16.85 2.99 -7.46
N LEU B 35 -15.68 2.89 -6.85
CA LEU B 35 -15.16 4.02 -6.10
C LEU B 35 -14.32 4.89 -7.00
N ARG B 36 -14.60 6.19 -7.01
CA ARG B 36 -13.81 7.05 -7.88
C ARG B 36 -13.39 8.34 -7.18
N SER B 37 -12.17 8.77 -7.40
CA SER B 37 -11.72 10.09 -7.00
C SER B 37 -11.48 10.99 -8.21
N VAL B 38 -11.90 12.26 -8.13
CA VAL B 38 -11.83 13.17 -9.26
C VAL B 38 -11.26 14.51 -8.80
N GLY B 39 -10.33 15.08 -9.56
CA GLY B 39 -9.81 16.41 -9.27
C GLY B 39 -10.52 17.44 -10.12
N LEU B 40 -11.06 18.44 -9.43
CA LEU B 40 -11.85 19.52 -10.01
C LEU B 40 -11.16 20.85 -9.77
N ASN B 41 -11.21 21.71 -10.77
CA ASN B 41 -10.48 22.96 -10.78
C ASN B 41 -11.29 24.05 -10.07
N LEU B 42 -10.58 24.83 -9.26
CA LEU B 42 -11.13 25.99 -8.57
C LEU B 42 -11.74 27.03 -9.52
N GLU B 43 -11.19 27.16 -10.73
CA GLU B 43 -11.71 27.89 -11.88
C GLU B 43 -13.22 27.88 -12.06
N GLY B 44 -13.84 26.72 -11.95
CA GLY B 44 -15.28 26.63 -12.17
C GLY B 44 -16.12 27.40 -11.17
N ASN B 45 -15.55 27.87 -10.07
CA ASN B 45 -16.20 28.75 -9.11
C ASN B 45 -15.85 30.23 -9.29
N GLY B 46 -15.12 30.59 -10.33
CA GLY B 46 -14.94 31.99 -10.62
C GLY B 46 -13.73 32.69 -10.07
N VAL B 47 -12.70 31.96 -9.65
CA VAL B 47 -11.51 32.61 -9.13
C VAL B 47 -10.79 33.27 -10.30
N ALA B 48 -10.13 34.41 -10.02
CA ALA B 48 -9.36 35.13 -11.03
C ALA B 48 -8.20 34.27 -11.51
N THR B 49 -8.07 34.12 -12.82
CA THR B 49 -7.07 33.19 -13.29
C THR B 49 -5.84 33.81 -13.91
N ASP B 50 -5.86 35.10 -14.22
CA ASP B 50 -4.65 35.79 -14.64
C ASP B 50 -3.56 35.67 -13.58
N VAL B 51 -2.32 35.59 -14.05
CA VAL B 51 -1.14 35.36 -13.20
C VAL B 51 -0.94 36.30 -12.02
N PRO B 52 -1.09 37.64 -12.09
CA PRO B 52 -0.90 38.45 -10.87
C PRO B 52 -1.86 38.16 -9.74
N SER B 53 -3.13 37.94 -10.03
CA SER B 53 -4.07 37.61 -8.98
C SER B 53 -3.84 36.21 -8.45
N ALA B 54 -3.63 35.25 -9.35
CA ALA B 54 -3.46 33.85 -8.94
C ALA B 54 -2.23 33.62 -8.08
N THR B 55 -1.07 34.19 -8.45
CA THR B 55 0.18 33.92 -7.73
C THR B 55 0.21 34.45 -6.32
N LYS B 56 -0.62 35.42 -5.96
CA LYS B 56 -0.67 35.84 -4.57
C LYS B 56 -1.22 34.77 -3.63
N ARG B 57 -1.88 33.74 -4.14
CA ARG B 57 -2.31 32.65 -3.29
C ARG B 57 -1.23 31.66 -2.92
N TRP B 58 -0.03 31.75 -3.47
CA TRP B 58 1.01 30.81 -3.11
C TRP B 58 2.11 31.50 -2.32
N GLY B 59 2.72 30.76 -1.39
CA GLY B 59 3.71 31.34 -0.52
C GLY B 59 4.63 30.29 0.04
N PHE B 60 5.82 30.69 0.39
CA PHE B 60 6.83 29.75 0.86
C PHE B 60 6.74 29.55 2.37
N ARG B 61 7.04 28.33 2.79
CA ARG B 61 6.94 27.91 4.19
C ARG B 61 7.93 26.77 4.37
N SER B 62 8.64 26.77 5.50
CA SER B 62 9.51 25.68 5.86
C SER B 62 8.97 24.87 7.03
N GLY B 63 9.52 23.68 7.23
CA GLY B 63 9.15 22.86 8.35
C GLY B 63 8.00 21.89 8.18
N VAL B 64 7.26 21.95 7.08
CA VAL B 64 6.11 21.07 6.85
C VAL B 64 6.45 20.14 5.69
N PRO B 65 6.57 18.82 5.92
CA PRO B 65 6.87 17.86 4.83
C PRO B 65 5.78 17.76 3.79
N PRO B 66 6.12 17.66 2.50
CA PRO B 66 5.13 17.49 1.44
C PRO B 66 4.41 16.15 1.47
N LYS B 67 3.22 16.12 0.88
CA LYS B 67 2.36 14.94 0.85
C LYS B 67 1.64 14.85 -0.50
N VAL B 68 1.39 13.63 -1.00
CA VAL B 68 0.82 13.40 -2.33
C VAL B 68 -0.37 12.44 -2.23
N VAL B 69 -1.45 12.70 -2.98
CA VAL B 69 -2.63 11.85 -3.01
C VAL B 69 -3.13 11.68 -4.45
N ASN B 70 -3.53 10.46 -4.84
CA ASN B 70 -3.96 10.19 -6.21
C ASN B 70 -5.43 10.55 -6.47
N TYR B 71 -5.75 10.75 -7.76
CA TYR B 71 -7.11 10.94 -8.28
C TYR B 71 -7.19 10.35 -9.69
N GLU B 72 -8.35 9.82 -10.03
CA GLU B 72 -8.52 9.00 -11.23
C GLU B 72 -9.01 9.73 -12.49
N ALA B 73 -9.76 10.82 -12.37
CA ALA B 73 -10.40 11.51 -13.49
C ALA B 73 -10.33 13.01 -13.25
N GLY B 74 -10.25 13.82 -14.30
CA GLY B 74 -10.09 15.24 -14.09
C GLY B 74 -10.92 16.08 -15.03
N GLU B 75 -10.77 17.39 -14.89
CA GLU B 75 -11.52 18.40 -15.64
C GLU B 75 -10.55 19.14 -16.55
N TRP B 76 -10.99 19.50 -17.76
CA TRP B 76 -10.13 20.30 -18.64
C TRP B 76 -9.87 21.65 -18.04
N ALA B 77 -8.63 22.07 -18.04
CA ALA B 77 -8.30 23.34 -17.45
C ALA B 77 -8.26 24.34 -18.57
N GLU B 78 -8.78 25.53 -18.30
CA GLU B 78 -8.58 26.64 -19.21
C GLU B 78 -7.16 27.18 -19.09
N ASN B 79 -6.67 27.30 -17.86
CA ASN B 79 -5.38 27.91 -17.54
C ASN B 79 -4.55 26.97 -16.70
N CYS B 80 -3.35 26.69 -17.13
CA CYS B 80 -2.37 25.97 -16.33
C CYS B 80 -1.13 26.82 -16.20
N TYR B 81 -0.24 26.46 -15.27
CA TYR B 81 0.91 27.27 -14.89
C TYR B 81 2.18 26.45 -14.83
N ASN B 82 3.31 27.13 -15.01
CA ASN B 82 4.63 26.49 -15.07
C ASN B 82 5.65 27.47 -14.49
N LEU B 83 6.28 27.15 -13.36
CA LEU B 83 7.07 28.14 -12.64
C LEU B 83 8.53 27.73 -12.64
N GLU B 84 9.39 28.68 -12.98
CA GLU B 84 10.85 28.64 -12.93
C GLU B 84 11.31 29.82 -12.09
N ILE B 85 11.34 29.65 -10.78
CA ILE B 85 11.66 30.73 -9.84
C ILE B 85 13.08 30.48 -9.40
N LYS B 86 13.89 31.53 -9.39
CA LYS B 86 15.26 31.37 -8.93
C LYS B 86 15.49 32.22 -7.70
N LYS B 87 16.52 31.88 -6.94
CA LYS B 87 16.99 32.77 -5.90
C LYS B 87 17.87 33.83 -6.54
N PRO B 88 18.08 34.97 -5.87
CA PRO B 88 19.03 35.98 -6.41
C PRO B 88 20.44 35.44 -6.67
N ASP B 89 20.87 34.45 -5.90
CA ASP B 89 22.14 33.75 -6.11
C ASP B 89 22.04 32.71 -7.22
N GLY B 90 20.90 32.60 -7.89
CA GLY B 90 20.78 31.69 -9.00
C GLY B 90 20.38 30.28 -8.61
N SER B 91 20.36 29.97 -7.32
CA SER B 91 20.03 28.63 -6.88
C SER B 91 18.52 28.43 -6.92
N GLU B 92 18.11 27.19 -7.09
CA GLU B 92 16.70 26.91 -7.28
C GLU B 92 15.88 27.01 -6.00
N CYS B 93 14.72 27.66 -6.10
CA CYS B 93 13.75 27.83 -5.02
C CYS B 93 12.81 26.65 -4.80
N LEU B 94 12.52 25.84 -5.84
CA LEU B 94 11.50 24.77 -5.83
C LEU B 94 12.11 23.38 -5.99
N PRO B 95 11.52 22.34 -5.40
CA PRO B 95 12.14 21.02 -5.51
C PRO B 95 11.99 20.42 -6.90
N ALA B 96 12.95 19.56 -7.24
CA ALA B 96 12.91 18.79 -8.48
C ALA B 96 11.76 17.80 -8.45
N ALA B 97 11.19 17.55 -9.60
CA ALA B 97 10.12 16.58 -9.77
C ALA B 97 10.53 15.18 -9.36
N PRO B 98 9.82 14.55 -8.41
CA PRO B 98 9.98 13.10 -8.20
C PRO B 98 9.64 12.28 -9.44
N ASP B 99 10.19 11.08 -9.47
CA ASP B 99 9.85 10.10 -10.50
C ASP B 99 8.35 9.85 -10.49
N GLY B 100 7.73 9.90 -11.67
CA GLY B 100 6.30 9.65 -11.78
C GLY B 100 5.41 10.85 -11.59
N ILE B 101 5.96 12.06 -11.56
CA ILE B 101 5.20 13.30 -11.58
C ILE B 101 5.33 13.88 -12.99
N ARG B 102 4.29 13.75 -13.82
CA ARG B 102 4.31 14.38 -15.12
C ARG B 102 3.37 15.59 -15.13
N GLY B 103 3.45 16.43 -16.16
CA GLY B 103 2.63 17.62 -16.23
C GLY B 103 1.16 17.32 -16.42
N PHE B 104 0.30 18.28 -16.08
CA PHE B 104 -1.15 18.14 -16.30
C PHE B 104 -1.45 17.97 -17.78
N PRO B 105 -2.23 16.94 -18.18
CA PRO B 105 -2.29 16.56 -19.59
C PRO B 105 -3.17 17.42 -20.50
N ARG B 106 -4.06 18.26 -19.99
CA ARG B 106 -5.03 18.99 -20.82
C ARG B 106 -5.10 20.46 -20.39
N CYS B 107 -4.32 21.30 -21.06
CA CYS B 107 -4.28 22.74 -20.82
C CYS B 107 -4.42 23.48 -22.13
N ARG B 108 -5.37 24.40 -22.22
CA ARG B 108 -5.46 25.20 -23.42
C ARG B 108 -4.36 26.25 -23.46
N TYR B 109 -4.14 26.94 -22.35
CA TYR B 109 -3.08 27.95 -22.26
C TYR B 109 -2.16 27.58 -21.10
N VAL B 110 -0.88 27.48 -21.35
CA VAL B 110 0.10 27.29 -20.29
C VAL B 110 0.82 28.60 -20.01
N HIS B 111 0.58 29.15 -18.82
CA HIS B 111 1.19 30.41 -18.40
C HIS B 111 2.54 30.07 -17.82
N LYS B 112 3.60 30.28 -18.58
CA LYS B 112 4.93 29.89 -18.14
C LYS B 112 5.61 31.07 -17.47
N VAL B 113 5.83 30.96 -16.17
CA VAL B 113 6.39 32.04 -15.36
C VAL B 113 7.83 31.70 -15.01
N SER B 114 8.74 32.59 -15.35
CA SER B 114 10.13 32.50 -14.98
C SER B 114 10.54 33.74 -14.18
N GLY B 115 11.51 33.60 -13.30
CA GLY B 115 11.95 34.80 -12.62
C GLY B 115 12.63 34.53 -11.29
N THR B 116 12.61 35.56 -10.43
CA THR B 116 13.36 35.60 -9.19
C THR B 116 12.44 36.01 -8.04
N GLY B 117 12.78 35.55 -6.84
CA GLY B 117 12.13 35.97 -5.63
C GLY B 117 12.99 35.69 -4.40
N PRO B 118 12.58 36.21 -3.23
CA PRO B 118 13.34 35.90 -2.01
C PRO B 118 13.18 34.47 -1.52
N CYS B 119 12.05 33.82 -1.81
CA CYS B 119 11.77 32.40 -1.52
C CYS B 119 12.08 31.99 -0.08
N ALA B 120 11.43 32.64 0.87
CA ALA B 120 11.76 32.47 2.28
C ALA B 120 11.04 31.24 2.84
N GLY B 121 11.47 30.07 2.36
CA GLY B 121 10.85 28.82 2.76
C GLY B 121 11.21 27.65 1.87
N ASP B 122 11.18 26.45 2.44
CA ASP B 122 11.59 25.26 1.72
C ASP B 122 10.57 24.77 0.71
N PHE B 123 9.29 25.00 0.92
CA PHE B 123 8.30 24.54 -0.03
C PHE B 123 7.28 25.63 -0.29
N ALA B 124 6.64 25.60 -1.44
CA ALA B 124 5.60 26.56 -1.78
C ALA B 124 4.23 25.95 -1.55
N PHE B 125 3.42 26.56 -0.69
CA PHE B 125 2.10 26.06 -0.38
C PHE B 125 1.02 27.03 -0.84
N HIS B 126 -0.20 26.51 -0.91
CA HIS B 126 -1.38 27.27 -1.25
C HIS B 126 -1.99 27.89 0.00
N LYS B 127 -2.14 29.22 0.02
CA LYS B 127 -2.64 29.91 1.20
C LYS B 127 -4.09 29.63 1.51
N GLU B 128 -4.88 29.20 0.54
CA GLU B 128 -6.25 28.85 0.83
C GLU B 128 -6.41 27.37 1.08
N GLY B 129 -5.32 26.62 1.15
CA GLY B 129 -5.41 25.21 1.45
C GLY B 129 -5.77 24.30 0.30
N ALA B 130 -5.80 24.80 -0.94
CA ALA B 130 -6.06 23.98 -2.10
C ALA B 130 -4.83 23.15 -2.47
N PHE B 131 -4.98 22.31 -3.49
CA PHE B 131 -3.92 21.43 -3.97
C PHE B 131 -3.41 21.90 -5.32
N PHE B 132 -2.23 21.45 -5.67
CA PHE B 132 -1.72 21.57 -7.02
C PHE B 132 -1.90 20.24 -7.73
N LEU B 133 -2.69 20.20 -8.80
CA LEU B 133 -3.01 18.97 -9.51
C LEU B 133 -2.06 18.77 -10.68
N TYR B 134 -1.45 17.58 -10.75
CA TYR B 134 -0.55 17.08 -11.79
C TYR B 134 -1.22 15.89 -12.50
N ASP B 135 -0.42 15.10 -13.21
CA ASP B 135 -0.90 13.93 -13.94
C ASP B 135 -1.30 12.83 -12.99
N ARG B 136 -2.56 12.86 -12.57
CA ARG B 136 -3.24 11.91 -11.67
C ARG B 136 -2.60 11.82 -10.29
N LEU B 137 -1.86 12.85 -9.90
CA LEU B 137 -1.28 12.99 -8.58
C LEU B 137 -1.44 14.42 -8.13
N ALA B 138 -2.00 14.63 -6.94
CA ALA B 138 -2.18 15.94 -6.35
C ALA B 138 -1.16 16.11 -5.25
N SER B 139 -0.46 17.21 -5.26
CA SER B 139 0.58 17.50 -4.29
C SER B 139 0.22 18.76 -3.53
N THR B 140 0.70 18.87 -2.30
CA THR B 140 0.57 20.14 -1.62
C THR B 140 1.59 21.15 -2.07
N VAL B 141 2.61 20.77 -2.85
CA VAL B 141 3.70 21.66 -3.18
C VAL B 141 3.86 21.76 -4.69
N ILE B 142 4.54 22.81 -5.11
CA ILE B 142 4.87 23.07 -6.49
C ILE B 142 6.22 22.42 -6.74
N TYR B 143 6.31 21.61 -7.78
CA TYR B 143 7.55 21.05 -8.26
C TYR B 143 8.05 21.85 -9.45
N ARG B 144 9.34 21.82 -9.67
CA ARG B 144 9.92 22.62 -10.74
C ARG B 144 9.49 22.15 -12.12
N GLY B 145 9.14 23.11 -12.97
CA GLY B 145 8.94 22.88 -14.38
C GLY B 145 7.85 21.92 -14.76
N THR B 146 6.84 21.74 -13.93
CA THR B 146 5.84 20.71 -14.16
C THR B 146 4.49 21.37 -14.12
N THR B 147 3.78 21.30 -15.22
CA THR B 147 2.53 22.03 -15.41
C THR B 147 1.43 21.51 -14.50
N PHE B 148 0.76 22.41 -13.79
CA PHE B 148 -0.29 22.07 -12.86
C PHE B 148 -1.51 22.95 -12.99
N ALA B 149 -2.63 22.45 -12.49
CA ALA B 149 -3.82 23.27 -12.31
C ALA B 149 -4.12 23.33 -10.83
N GLU B 150 -4.67 24.42 -10.33
CA GLU B 150 -5.06 24.45 -8.93
C GLU B 150 -6.39 23.75 -8.76
N GLY B 151 -6.50 22.91 -7.76
CA GLY B 151 -7.76 22.21 -7.66
C GLY B 151 -7.92 21.52 -6.34
N VAL B 152 -9.01 20.77 -6.24
CA VAL B 152 -9.37 20.06 -5.03
C VAL B 152 -9.93 18.72 -5.45
N VAL B 153 -9.95 17.75 -4.53
CA VAL B 153 -10.24 16.36 -4.85
C VAL B 153 -11.54 15.91 -4.19
N ALA B 154 -12.37 15.15 -4.91
CA ALA B 154 -13.58 14.56 -4.38
C ALA B 154 -13.55 13.04 -4.48
N PHE B 155 -14.30 12.36 -3.61
CA PHE B 155 -14.44 10.91 -3.63
C PHE B 155 -15.91 10.56 -3.77
N LEU B 156 -16.22 9.64 -4.67
CA LEU B 156 -17.58 9.31 -5.09
C LEU B 156 -17.85 7.82 -5.12
N ILE B 157 -19.09 7.47 -4.77
CA ILE B 157 -19.72 6.22 -5.15
C ILE B 157 -20.54 6.44 -6.41
N LEU B 158 -20.16 5.81 -7.45
CA LEU B 158 -20.82 5.75 -8.74
C LEU B 158 -21.93 4.71 -8.63
N PRO B 159 -23.03 4.86 -9.35
CA PRO B 159 -24.04 3.79 -9.34
C PRO B 159 -23.61 2.53 -10.06
N GLN B 160 -23.91 1.42 -9.37
CA GLN B 160 -23.59 0.04 -9.71
C GLN B 160 -24.18 -0.43 -11.01
N ALA B 161 -25.25 0.20 -11.50
CA ALA B 161 -25.74 -0.18 -12.80
C ALA B 161 -24.75 0.20 -13.90
N LYS B 162 -25.10 -0.19 -15.13
CA LYS B 162 -24.30 -0.04 -16.33
C LYS B 162 -23.98 1.38 -16.77
N LYS B 163 -23.54 1.46 -18.03
CA LYS B 163 -23.14 2.59 -18.87
C LYS B 163 -21.72 3.09 -18.60
N ASP B 164 -21.11 2.74 -17.44
CA ASP B 164 -19.73 3.18 -17.11
C ASP B 164 -19.63 4.71 -17.20
N PHE B 165 -20.42 5.38 -16.32
CA PHE B 165 -20.69 6.82 -16.18
C PHE B 165 -19.97 7.78 -17.11
N PHE B 166 -18.66 7.67 -17.26
CA PHE B 166 -18.06 8.66 -18.14
C PHE B 166 -18.23 8.23 -19.61
N SER B 167 -17.60 8.99 -20.52
CA SER B 167 -17.57 8.74 -21.97
C SER B 167 -18.95 8.95 -22.61
N SER B 168 -19.78 9.82 -22.02
CA SER B 168 -21.14 10.00 -22.49
C SER B 168 -21.22 10.81 -23.77
N HIS B 169 -20.11 11.39 -24.23
CA HIS B 169 -20.04 12.15 -25.46
C HIS B 169 -18.69 11.86 -26.09
N PRO B 170 -18.50 12.21 -27.36
CA PRO B 170 -17.12 12.32 -27.83
C PRO B 170 -16.52 13.68 -27.52
N TYR B 186 -5.05 20.24 -27.24
CA TYR B 186 -4.27 21.28 -27.90
C TYR B 186 -3.64 22.17 -26.83
N SER B 187 -2.35 22.50 -26.94
CA SER B 187 -1.69 23.28 -25.91
C SER B 187 -0.93 24.45 -26.53
N THR B 188 -0.97 25.59 -25.84
CA THR B 188 -0.37 26.82 -26.34
C THR B 188 0.45 27.42 -25.21
N THR B 189 1.70 27.75 -25.49
CA THR B 189 2.54 28.34 -24.45
C THR B 189 2.45 29.85 -24.47
N ILE B 190 2.11 30.44 -23.33
CA ILE B 190 2.07 31.88 -23.14
C ILE B 190 3.11 32.13 -22.06
N ARG B 191 4.19 32.82 -22.39
CA ARG B 191 5.28 32.92 -21.42
C ARG B 191 5.26 34.25 -20.66
N TYR B 192 5.59 34.21 -19.36
CA TYR B 192 5.64 35.40 -18.51
C TYR B 192 6.91 35.41 -17.65
N GLN B 193 7.39 36.60 -17.35
CA GLN B 193 8.43 36.82 -16.35
C GLN B 193 7.87 37.50 -15.09
N ALA B 194 8.40 37.12 -13.93
CA ALA B 194 7.92 37.65 -12.64
C ALA B 194 9.13 37.99 -11.78
N THR B 195 9.02 39.06 -11.00
CA THR B 195 9.99 39.37 -9.96
C THR B 195 9.28 39.59 -8.63
N GLY B 196 9.96 39.30 -7.53
CA GLY B 196 9.42 39.38 -6.17
C GLY B 196 8.24 38.50 -5.89
N PHE B 197 8.28 37.27 -6.39
CA PHE B 197 7.19 36.30 -6.27
C PHE B 197 6.88 35.92 -4.83
N GLY B 198 5.59 35.84 -4.53
CA GLY B 198 5.11 35.46 -3.22
C GLY B 198 5.24 36.53 -2.17
N THR B 199 5.30 37.80 -2.57
CA THR B 199 5.46 38.94 -1.68
C THR B 199 4.41 40.01 -1.97
N ASN B 200 4.55 41.12 -1.28
CA ASN B 200 3.73 42.30 -1.56
C ASN B 200 4.14 42.96 -2.87
N GLU B 201 5.43 42.98 -3.17
CA GLU B 201 5.98 43.68 -4.34
C GLU B 201 6.18 42.70 -5.52
N THR B 202 5.09 42.04 -5.91
CA THR B 202 5.21 41.21 -7.09
C THR B 202 5.06 42.10 -8.33
N GLU B 203 5.89 41.87 -9.33
CA GLU B 203 5.82 42.56 -10.59
C GLU B 203 5.79 41.52 -11.70
N TYR B 204 4.90 41.71 -12.67
CA TYR B 204 4.71 40.74 -13.73
C TYR B 204 4.94 41.39 -15.09
N LEU B 205 5.57 40.64 -15.99
CA LEU B 205 5.76 41.08 -17.37
C LEU B 205 5.31 39.93 -18.27
N PHE B 206 4.46 40.22 -19.24
CA PHE B 206 4.13 39.24 -20.25
C PHE B 206 5.20 39.24 -21.34
N GLU B 207 5.67 38.05 -21.72
CA GLU B 207 6.78 37.89 -22.65
C GLU B 207 6.24 37.82 -24.07
N VAL B 208 6.64 38.76 -24.90
CA VAL B 208 6.30 38.72 -26.31
C VAL B 208 7.37 37.95 -27.08
N ASP B 209 8.64 38.30 -26.87
CA ASP B 209 9.73 37.41 -27.26
C ASP B 209 10.81 37.51 -26.19
N ASN B 210 11.97 36.90 -26.46
CA ASN B 210 13.06 36.83 -25.49
C ASN B 210 13.69 38.18 -25.19
N LEU B 211 13.50 39.18 -26.05
CA LEU B 211 14.01 40.52 -25.82
C LEU B 211 12.94 41.60 -25.85
N THR B 212 11.67 41.24 -25.99
CA THR B 212 10.56 42.19 -26.02
C THR B 212 9.50 41.77 -25.01
N TYR B 213 9.17 42.65 -24.06
CA TYR B 213 8.22 42.32 -23.00
C TYR B 213 7.21 43.46 -22.90
N VAL B 214 6.07 43.17 -22.23
CA VAL B 214 5.04 44.17 -21.96
C VAL B 214 4.65 44.11 -20.48
N GLN B 215 4.45 45.28 -19.88
CA GLN B 215 4.08 45.33 -18.47
C GLN B 215 2.63 44.85 -18.34
N LEU B 216 2.40 43.85 -17.49
CA LEU B 216 1.14 43.11 -17.41
C LEU B 216 0.10 43.74 -16.49
N GLU B 217 -1.16 43.72 -16.93
CA GLU B 217 -2.30 44.13 -16.12
C GLU B 217 -3.21 42.92 -15.91
N SER B 218 -3.96 42.95 -14.81
CA SER B 218 -4.95 41.91 -14.46
C SER B 218 -6.06 41.74 -15.49
N ARG B 219 -6.49 42.82 -16.15
CA ARG B 219 -7.61 42.79 -17.08
C ARG B 219 -7.37 42.07 -18.40
N PHE B 220 -6.15 41.61 -18.68
CA PHE B 220 -5.92 40.93 -19.95
C PHE B 220 -6.32 39.46 -19.86
N THR B 221 -7.28 39.06 -20.70
CA THR B 221 -7.73 37.68 -20.82
C THR B 221 -6.73 37.00 -21.76
N PRO B 222 -6.61 35.67 -21.76
CA PRO B 222 -5.74 35.03 -22.77
C PRO B 222 -6.08 35.30 -24.24
N GLN B 223 -7.35 35.34 -24.64
CA GLN B 223 -7.70 35.56 -26.05
C GLN B 223 -7.35 36.97 -26.49
N PHE B 224 -7.56 37.92 -25.59
CA PHE B 224 -7.18 39.31 -25.81
C PHE B 224 -5.66 39.42 -25.94
N LEU B 225 -4.92 38.68 -25.08
CA LEU B 225 -3.45 38.66 -25.19
C LEU B 225 -3.02 38.14 -26.56
N LEU B 226 -3.63 37.04 -27.04
CA LEU B 226 -3.26 36.53 -28.36
C LEU B 226 -3.64 37.50 -29.49
N GLN B 227 -4.74 38.24 -29.37
CA GLN B 227 -5.05 39.22 -30.42
C GLN B 227 -4.02 40.36 -30.41
N LEU B 228 -3.60 40.84 -29.22
CA LEU B 228 -2.51 41.84 -29.18
C LEU B 228 -1.25 41.30 -29.82
N ASN B 229 -0.91 40.04 -29.51
CA ASN B 229 0.27 39.40 -30.11
C ASN B 229 0.17 39.31 -31.62
N GLU B 230 -0.99 38.93 -32.15
CA GLU B 230 -1.10 38.86 -33.61
C GLU B 230 -1.05 40.26 -34.23
N THR B 231 -1.59 41.28 -33.55
CA THR B 231 -1.47 42.65 -34.04
C THR B 231 -0.03 43.18 -34.04
N ILE B 232 0.71 42.96 -32.94
CA ILE B 232 2.11 43.36 -32.86
C ILE B 232 2.98 42.62 -33.88
N TYR B 233 2.74 41.32 -34.06
CA TYR B 233 3.46 40.50 -35.02
C TYR B 233 3.21 40.98 -36.45
N THR B 234 1.95 41.22 -36.82
CA THR B 234 1.62 41.62 -38.18
C THR B 234 1.94 43.07 -38.50
N SER B 235 1.84 43.98 -37.52
CA SER B 235 2.21 45.38 -37.75
C SER B 235 3.71 45.65 -37.90
N GLY B 236 4.61 44.78 -37.45
CA GLY B 236 6.02 45.06 -37.68
C GLY B 236 6.56 46.06 -36.67
N LYS B 237 6.23 45.82 -35.40
CA LYS B 237 6.59 46.65 -34.26
C LYS B 237 7.59 45.93 -33.35
N ARG B 238 8.44 45.09 -33.93
CA ARG B 238 9.52 44.47 -33.18
C ARG B 238 10.74 45.38 -33.01
N SER B 239 11.56 44.98 -32.04
CA SER B 239 12.82 45.64 -31.70
C SER B 239 13.85 45.48 -32.82
N ASN B 240 14.40 46.59 -33.27
CA ASN B 240 15.47 46.53 -34.26
C ASN B 240 16.69 47.13 -33.54
N THR B 241 16.99 46.62 -32.35
CA THR B 241 18.02 47.21 -31.49
C THR B 241 18.40 46.22 -30.39
N THR B 242 19.68 46.32 -30.00
CA THR B 242 20.26 45.55 -28.90
C THR B 242 19.55 45.73 -27.56
N GLY B 243 18.99 46.91 -27.30
CA GLY B 243 18.39 47.18 -26.02
C GLY B 243 16.94 46.76 -25.87
N LYS B 244 16.43 46.94 -24.66
CA LYS B 244 15.14 46.41 -24.25
C LYS B 244 14.07 47.43 -24.57
N LEU B 245 13.01 46.99 -25.24
CA LEU B 245 11.87 47.83 -25.59
C LEU B 245 10.70 47.38 -24.72
N ILE B 246 10.28 48.25 -23.80
CA ILE B 246 9.18 47.97 -22.89
C ILE B 246 8.01 48.87 -23.31
N TRP B 247 7.00 48.23 -23.88
CA TRP B 247 5.76 48.91 -24.22
C TRP B 247 4.93 49.09 -22.97
N LYS B 248 4.06 50.10 -22.97
CA LYS B 248 3.19 50.31 -21.84
C LYS B 248 1.76 50.53 -22.30
N VAL B 249 0.83 50.18 -21.40
CA VAL B 249 -0.61 50.23 -21.66
C VAL B 249 -1.23 51.14 -20.60
N ASN B 250 -1.56 52.37 -20.98
CA ASN B 250 -2.17 53.30 -20.03
C ASN B 250 -3.61 52.87 -19.72
N PRO B 251 -4.13 53.20 -18.51
CA PRO B 251 -5.39 52.55 -18.04
C PRO B 251 -6.61 52.83 -18.92
N GLU B 252 -6.56 53.92 -19.71
CA GLU B 252 -7.55 54.45 -20.63
C GLU B 252 -7.75 53.61 -21.89
N ILE B 253 -6.96 52.55 -22.04
CA ILE B 253 -7.17 51.54 -23.06
C ILE B 253 -8.38 50.69 -22.66
N ASP B 254 -9.27 50.45 -23.62
CA ASP B 254 -10.45 49.65 -23.36
C ASP B 254 -10.05 48.18 -23.22
N THR B 255 -10.79 47.48 -22.37
CA THR B 255 -10.61 46.04 -22.17
C THR B 255 -11.96 45.38 -21.92
N THR B 256 -11.98 44.08 -22.20
CA THR B 256 -13.15 43.24 -21.97
C THR B 256 -13.36 42.94 -20.50
N SER B 275 -6.53 44.71 -33.79
CA SER B 275 -7.00 45.49 -34.93
C SER B 275 -5.95 46.55 -35.31
N GLU B 276 -6.25 47.36 -36.34
CA GLU B 276 -5.36 48.43 -36.80
C GLU B 276 -5.66 49.76 -36.09
N GLU B 277 -6.22 49.70 -34.89
CA GLU B 277 -6.59 50.90 -34.14
C GLU B 277 -5.56 51.29 -33.08
N LEU B 278 -4.56 50.45 -32.79
CA LEU B 278 -3.54 50.79 -31.78
C LEU B 278 -2.37 51.50 -32.45
N SER B 279 -2.03 52.69 -31.95
CA SER B 279 -0.90 53.48 -32.40
C SER B 279 0.21 53.50 -31.35
N PHE B 280 1.42 53.11 -31.73
CA PHE B 280 2.54 52.99 -30.82
C PHE B 280 3.48 54.18 -30.99
N THR B 281 3.98 54.67 -29.85
CA THR B 281 4.86 55.84 -29.81
C THR B 281 5.92 55.64 -28.74
N VAL B 282 7.17 55.82 -29.11
CA VAL B 282 8.30 55.58 -28.21
C VAL B 282 8.62 56.87 -27.48
N VAL B 283 8.75 56.78 -26.16
CA VAL B 283 9.09 57.92 -25.32
C VAL B 283 10.60 58.17 -25.36
N UNK B 284 20.90 50.70 -23.39
CA UNK B 284 20.39 50.55 -22.04
C UNK B 284 18.95 50.07 -22.06
N UNK B 285 18.01 51.01 -22.01
CA UNK B 285 16.59 50.68 -22.03
C UNK B 285 15.79 51.79 -22.71
N UNK B 286 14.56 51.46 -23.10
CA UNK B 286 13.69 52.41 -23.78
C UNK B 286 12.22 52.11 -23.50
N UNK B 287 11.55 53.07 -22.89
CA UNK B 287 10.12 52.93 -22.58
C UNK B 287 9.28 53.50 -23.71
N UNK B 288 8.16 52.85 -24.01
CA UNK B 288 7.26 53.30 -25.06
C UNK B 288 5.83 53.43 -24.53
N UNK B 289 4.88 53.56 -25.45
CA UNK B 289 3.47 53.69 -25.07
C UNK B 289 2.56 53.17 -26.18
N UNK B 290 1.34 52.80 -25.80
CA UNK B 290 0.37 52.30 -26.77
C UNK B 290 -1.01 52.90 -26.51
N UNK B 291 -1.45 53.75 -27.43
CA UNK B 291 -2.75 54.43 -27.29
C UNK B 291 -3.73 53.94 -28.34
N UNK B 292 -4.98 54.37 -28.23
CA UNK B 292 -6.02 53.98 -29.17
C UNK B 292 -6.33 55.12 -30.14
N ILE C 2 -21.78 1.48 -31.80
CA ILE C 2 -20.71 2.14 -32.55
C ILE C 2 -20.86 1.83 -34.01
N GLN C 3 -20.69 2.82 -34.86
CA GLN C 3 -20.81 2.65 -36.29
C GLN C 3 -19.72 3.43 -36.99
N LEU C 4 -19.28 2.92 -38.14
CA LEU C 4 -18.22 3.54 -38.92
C LEU C 4 -18.76 4.07 -40.23
N THR C 5 -17.99 4.94 -40.85
CA THR C 5 -18.38 5.57 -42.10
C THR C 5 -17.24 5.39 -43.08
N GLN C 6 -17.53 4.82 -44.22
CA GLN C 6 -16.50 4.48 -45.18
C GLN C 6 -16.70 5.30 -46.44
N SER C 7 -15.64 5.96 -46.86
CA SER C 7 -15.65 6.85 -48.01
C SER C 7 -14.58 6.42 -49.00
N PRO C 8 -14.84 6.58 -50.30
CA PRO C 8 -16.14 6.87 -50.89
C PRO C 8 -16.80 5.59 -51.34
N SER C 9 -18.07 5.64 -51.74
CA SER C 9 -18.79 4.40 -51.94
C SER C 9 -18.40 3.67 -53.22
N SER C 10 -17.78 4.34 -54.18
CA SER C 10 -17.45 3.70 -55.44
C SER C 10 -16.19 4.34 -56.01
N LEU C 11 -15.33 3.55 -56.62
CA LEU C 11 -14.18 4.10 -57.30
C LEU C 11 -13.96 3.45 -58.65
N SER C 12 -13.14 4.12 -59.44
CA SER C 12 -12.63 3.61 -60.71
C SER C 12 -11.32 4.33 -60.98
N ALA C 13 -10.28 3.60 -61.36
CA ALA C 13 -9.02 4.23 -61.73
C ALA C 13 -8.28 3.33 -62.71
N SER C 14 -7.05 3.72 -63.01
CA SER C 14 -6.21 3.04 -63.98
C SER C 14 -4.95 2.54 -63.30
N VAL C 15 -3.99 2.09 -64.11
CA VAL C 15 -2.74 1.53 -63.61
C VAL C 15 -1.72 2.65 -63.47
N GLY C 16 -1.18 2.83 -62.28
CA GLY C 16 -0.08 3.75 -62.08
C GLY C 16 -0.31 4.83 -61.04
N ASP C 17 -1.54 4.93 -60.55
CA ASP C 17 -1.92 5.95 -59.59
C ASP C 17 -1.74 5.45 -58.15
N ARG C 18 -2.33 6.18 -57.20
CA ARG C 18 -2.30 5.84 -55.79
C ARG C 18 -3.71 6.03 -55.22
N VAL C 19 -4.28 4.97 -54.67
CA VAL C 19 -5.69 4.93 -54.31
C VAL C 19 -5.83 4.89 -52.80
N THR C 20 -6.84 5.60 -52.27
CA THR C 20 -6.97 5.78 -50.82
C THR C 20 -8.43 5.68 -50.38
N ILE C 21 -8.70 4.78 -49.43
CA ILE C 21 -10.03 4.48 -48.94
C ILE C 21 -10.08 4.77 -47.45
N THR C 22 -11.13 5.43 -46.98
CA THR C 22 -11.17 5.98 -45.63
C THR C 22 -12.25 5.30 -44.80
N CYS C 23 -11.89 4.93 -43.57
CA CYS C 23 -12.80 4.36 -42.60
C CYS C 23 -12.71 5.24 -41.36
N ARG C 24 -13.84 5.81 -40.93
CA ARG C 24 -13.86 6.82 -39.89
C ARG C 24 -14.88 6.46 -38.81
N ALA C 25 -14.46 6.46 -37.56
CA ALA C 25 -15.25 5.96 -36.45
C ALA C 25 -15.92 7.09 -35.69
N SER C 26 -17.06 6.80 -35.09
CA SER C 26 -17.77 7.79 -34.30
C SER C 26 -17.05 8.13 -33.00
N GLN C 27 -16.20 7.24 -32.52
CA GLN C 27 -15.66 7.28 -31.17
C GLN C 27 -14.14 7.21 -31.33
N SER C 28 -13.43 6.91 -30.27
CA SER C 28 -12.01 6.59 -30.36
C SER C 28 -11.79 5.14 -30.03
N ILE C 29 -11.14 4.40 -30.94
CA ILE C 29 -10.87 2.98 -30.74
C ILE C 29 -9.38 2.65 -30.79
N SER C 30 -8.58 3.46 -31.48
CA SER C 30 -7.14 3.69 -31.43
C SER C 30 -6.15 2.75 -32.09
N THR C 31 -6.46 1.49 -32.38
CA THR C 31 -5.69 0.79 -33.41
C THR C 31 -6.55 -0.24 -34.11
N TYR C 32 -7.83 -0.32 -33.85
CA TYR C 32 -8.55 -1.55 -34.12
C TYR C 32 -9.23 -1.54 -35.47
N LEU C 33 -8.46 -1.79 -36.51
CA LEU C 33 -9.12 -1.82 -37.79
C LEU C 33 -8.64 -3.01 -38.60
N ASN C 34 -9.60 -3.87 -38.92
CA ASN C 34 -9.47 -4.98 -39.85
C ASN C 34 -9.88 -4.56 -41.25
N TRP C 35 -8.91 -4.38 -42.14
CA TRP C 35 -9.15 -4.15 -43.56
C TRP C 35 -9.17 -5.47 -44.33
N TYR C 36 -10.19 -5.65 -45.17
CA TYR C 36 -10.34 -6.88 -45.95
C TYR C 36 -10.57 -6.56 -47.41
N GLN C 37 -10.44 -7.59 -48.25
CA GLN C 37 -10.57 -7.54 -49.70
C GLN C 37 -11.45 -8.67 -50.15
N GLN C 38 -12.37 -8.45 -51.07
CA GLN C 38 -13.26 -9.54 -51.45
C GLN C 38 -13.72 -9.44 -52.90
N LYS C 39 -13.43 -10.46 -53.69
CA LYS C 39 -13.92 -10.59 -55.05
C LYS C 39 -15.33 -11.16 -55.04
N PRO C 40 -16.12 -10.96 -56.11
CA PRO C 40 -17.51 -11.42 -56.07
C PRO C 40 -17.66 -12.92 -56.15
N GLY C 41 -18.56 -13.45 -55.32
CA GLY C 41 -18.82 -14.88 -55.23
C GLY C 41 -17.94 -15.61 -54.25
N LYS C 42 -16.79 -15.06 -53.94
CA LYS C 42 -15.77 -15.72 -53.13
C LYS C 42 -16.07 -15.46 -51.64
N ALA C 43 -15.10 -15.72 -50.79
CA ALA C 43 -15.04 -15.41 -49.38
C ALA C 43 -13.92 -14.39 -49.16
N PRO C 44 -14.04 -13.50 -48.18
CA PRO C 44 -13.06 -12.42 -48.07
C PRO C 44 -11.74 -12.90 -47.51
N LYS C 45 -10.66 -12.46 -48.13
CA LYS C 45 -9.33 -12.66 -47.59
C LYS C 45 -9.05 -11.56 -46.58
N PHE C 46 -7.90 -11.60 -45.93
CA PHE C 46 -7.45 -10.49 -45.10
C PHE C 46 -6.71 -9.51 -45.93
N LEU C 47 -6.57 -8.30 -45.42
CA LEU C 47 -5.40 -7.50 -45.74
C LEU C 47 -4.62 -7.10 -44.50
N ILE C 48 -5.24 -6.37 -43.59
CA ILE C 48 -4.48 -5.59 -42.62
C ILE C 48 -5.21 -5.60 -41.29
N PHE C 49 -4.56 -6.06 -40.25
CA PHE C 49 -5.14 -6.07 -38.90
C PHE C 49 -4.26 -5.23 -37.96
N SER C 50 -4.90 -4.65 -36.93
CA SER C 50 -4.37 -3.57 -36.08
C SER C 50 -3.95 -2.37 -36.91
N ALA C 51 -4.67 -2.15 -37.99
CA ALA C 51 -4.64 -0.96 -38.83
C ALA C 51 -3.29 -0.69 -39.51
N SER C 52 -2.26 -1.49 -39.27
CA SER C 52 -0.95 -1.18 -39.84
C SER C 52 -0.17 -2.37 -40.36
N ASN C 53 -0.43 -3.60 -39.92
CA ASN C 53 0.45 -4.73 -40.19
C ASN C 53 -0.26 -5.70 -41.11
N LEU C 54 0.48 -6.21 -42.09
CA LEU C 54 -0.09 -7.06 -43.14
C LEU C 54 -0.36 -8.45 -42.61
N GLN C 55 -0.87 -9.32 -43.47
CA GLN C 55 -0.89 -10.73 -43.12
C GLN C 55 -0.05 -11.48 -44.13
N SER C 56 0.40 -12.68 -43.75
CA SER C 56 1.28 -13.45 -44.61
C SER C 56 0.50 -14.03 -45.78
N GLY C 57 0.87 -13.61 -46.99
CA GLY C 57 0.13 -13.96 -48.18
C GLY C 57 -0.48 -12.77 -48.89
N VAL C 58 -0.22 -11.57 -48.41
CA VAL C 58 -0.80 -10.34 -48.94
C VAL C 58 0.34 -9.51 -49.53
N PRO C 59 0.21 -9.00 -50.75
CA PRO C 59 1.34 -8.39 -51.46
C PRO C 59 1.87 -7.13 -50.79
N SER C 60 3.05 -6.71 -51.25
CA SER C 60 3.84 -5.70 -50.58
C SER C 60 3.59 -4.30 -51.12
N ARG C 61 2.48 -4.09 -51.81
CA ARG C 61 2.12 -2.76 -52.28
C ARG C 61 0.96 -2.14 -51.53
N PHE C 62 0.22 -2.91 -50.77
CA PHE C 62 -0.80 -2.36 -49.90
C PHE C 62 -0.14 -1.73 -48.69
N SER C 63 -0.86 -0.82 -48.03
CA SER C 63 -0.43 -0.29 -46.75
C SER C 63 -1.62 0.28 -46.02
N GLY C 64 -1.59 0.23 -44.68
CA GLY C 64 -2.65 0.75 -43.87
C GLY C 64 -2.16 1.88 -43.00
N GLY C 65 -3.08 2.45 -42.24
CA GLY C 65 -2.64 3.41 -41.24
C GLY C 65 -3.81 4.02 -40.52
N GLY C 66 -3.48 4.78 -39.50
CA GLY C 66 -4.46 5.57 -38.78
C GLY C 66 -4.71 5.03 -37.38
N SER C 67 -5.33 5.87 -36.58
CA SER C 67 -5.58 5.60 -35.17
C SER C 67 -6.61 6.59 -34.68
N GLY C 68 -6.90 6.52 -33.39
CA GLY C 68 -7.86 7.43 -32.81
C GLY C 68 -9.23 7.19 -33.36
N THR C 69 -9.64 8.07 -34.26
CA THR C 69 -10.90 7.93 -34.96
C THR C 69 -10.78 7.88 -36.46
N ASP C 70 -9.60 8.06 -37.04
CA ASP C 70 -9.45 8.12 -38.49
C ASP C 70 -8.49 7.03 -38.97
N PHE C 71 -8.93 6.24 -39.95
CA PHE C 71 -8.12 5.15 -40.46
C PHE C 71 -8.18 5.17 -41.96
N THR C 72 -7.04 4.93 -42.61
CA THR C 72 -6.97 4.90 -44.06
C THR C 72 -6.34 3.59 -44.53
N LEU C 73 -6.61 3.27 -45.80
CA LEU C 73 -5.95 2.21 -46.55
C LEU C 73 -5.47 2.78 -47.88
N THR C 74 -4.26 2.41 -48.28
CA THR C 74 -3.68 2.96 -49.49
C THR C 74 -3.07 1.86 -50.35
N ILE C 75 -3.34 1.95 -51.65
CA ILE C 75 -2.85 1.00 -52.63
C ILE C 75 -1.98 1.77 -53.60
N SER C 76 -0.70 1.41 -53.67
CA SER C 76 0.23 2.07 -54.57
C SER C 76 0.56 1.18 -55.76
N SER C 77 0.58 1.78 -56.95
CA SER C 77 0.86 1.11 -58.23
C SER C 77 -0.13 -0.03 -58.48
N LEU C 78 -1.38 0.38 -58.71
CA LEU C 78 -2.49 -0.55 -58.88
C LEU C 78 -2.29 -1.43 -60.12
N GLN C 79 -2.73 -2.67 -60.02
CA GLN C 79 -2.76 -3.63 -61.11
C GLN C 79 -4.21 -3.98 -61.42
N PRO C 80 -4.51 -4.57 -62.59
CA PRO C 80 -5.87 -5.02 -62.87
C PRO C 80 -6.30 -6.27 -62.13
N GLU C 81 -5.54 -6.75 -61.16
CA GLU C 81 -6.04 -7.81 -60.30
C GLU C 81 -6.97 -7.27 -59.23
N ASP C 82 -6.73 -6.04 -58.77
CA ASP C 82 -7.26 -5.59 -57.50
C ASP C 82 -8.71 -5.14 -57.55
N PHE C 83 -9.47 -5.40 -58.61
CA PHE C 83 -10.87 -5.01 -58.58
C PHE C 83 -11.61 -5.99 -57.68
N ALA C 84 -12.00 -5.48 -56.52
CA ALA C 84 -12.71 -6.24 -55.51
C ALA C 84 -13.32 -5.24 -54.55
N THR C 85 -14.39 -5.64 -53.87
CA THR C 85 -14.95 -4.78 -52.83
C THR C 85 -14.00 -4.80 -51.63
N TYR C 86 -13.99 -3.74 -50.83
CA TYR C 86 -13.10 -3.64 -49.69
C TYR C 86 -13.91 -3.36 -48.42
N TYR C 87 -13.42 -3.79 -47.27
CA TYR C 87 -14.18 -3.55 -46.06
C TYR C 87 -13.26 -3.23 -44.89
N CYS C 88 -13.87 -2.74 -43.79
CA CYS C 88 -13.17 -2.46 -42.53
C CYS C 88 -14.06 -2.85 -41.34
N GLN C 89 -13.44 -3.39 -40.29
CA GLN C 89 -14.13 -3.77 -39.06
C GLN C 89 -13.34 -3.28 -37.85
N GLN C 90 -14.05 -2.75 -36.85
CA GLN C 90 -13.47 -2.41 -35.56
C GLN C 90 -13.54 -3.60 -34.63
N THR C 91 -12.57 -3.69 -33.73
CA THR C 91 -12.57 -4.78 -32.77
C THR C 91 -12.64 -4.32 -31.32
N TYR C 92 -12.98 -3.06 -31.08
CA TYR C 92 -12.77 -2.46 -29.77
C TYR C 92 -13.78 -2.90 -28.74
N ASN C 93 -15.02 -3.16 -29.13
CA ASN C 93 -16.01 -3.73 -28.21
C ASN C 93 -17.16 -4.34 -28.98
N THR C 94 -17.81 -5.27 -28.37
CA THR C 94 -18.93 -5.93 -29.01
C THR C 94 -20.19 -5.08 -28.90
N PRO C 95 -21.09 -5.14 -29.88
CA PRO C 95 -21.06 -5.83 -31.18
C PRO C 95 -20.16 -5.16 -32.19
N ARG C 96 -19.24 -5.92 -32.77
CA ARG C 96 -18.30 -5.37 -33.73
C ARG C 96 -19.02 -5.06 -35.04
N THR C 97 -18.51 -4.08 -35.78
CA THR C 97 -19.26 -3.55 -36.90
C THR C 97 -18.40 -3.36 -38.13
N PHE C 98 -18.99 -3.64 -39.28
CA PHE C 98 -18.35 -3.53 -40.58
C PHE C 98 -18.80 -2.25 -41.26
N GLY C 99 -18.00 -1.82 -42.22
CA GLY C 99 -18.34 -0.70 -43.08
C GLY C 99 -19.38 -1.06 -44.13
N GLN C 100 -19.46 -0.23 -45.17
CA GLN C 100 -20.45 -0.42 -46.22
C GLN C 100 -19.81 -0.65 -47.57
N GLY C 101 -18.60 -1.15 -47.60
CA GLY C 101 -17.97 -1.52 -48.85
C GLY C 101 -17.38 -0.33 -49.56
N THR C 102 -16.48 -0.61 -50.50
CA THR C 102 -15.89 0.43 -51.34
C THR C 102 -15.41 -0.25 -52.62
N LYS C 103 -16.20 -0.14 -53.68
CA LYS C 103 -15.90 -0.86 -54.91
C LYS C 103 -14.65 -0.31 -55.56
N VAL C 104 -13.87 -1.18 -56.18
CA VAL C 104 -12.68 -0.73 -56.89
C VAL C 104 -12.75 -1.27 -58.30
N GLU C 105 -12.52 -0.41 -59.29
CA GLU C 105 -12.43 -0.82 -60.68
C GLU C 105 -11.61 0.22 -61.44
N GLU D 1 -28.46 14.47 3.17
CA GLU D 1 -28.67 15.91 3.12
C GLU D 1 -28.33 16.38 1.72
N ALA D 2 -28.96 17.45 1.26
CA ALA D 2 -28.54 18.11 0.03
C ALA D 2 -27.34 19.04 0.18
N ILE D 3 -26.64 19.20 -0.94
CA ILE D 3 -25.49 20.09 -1.09
C ILE D 3 -25.99 21.38 -1.69
N VAL D 4 -25.81 22.48 -0.98
CA VAL D 4 -26.20 23.79 -1.47
C VAL D 4 -24.92 24.55 -1.74
N ASN D 5 -24.66 24.75 -3.02
CA ASN D 5 -23.50 25.44 -3.53
C ASN D 5 -23.54 26.90 -3.13
N ALA D 6 -22.53 27.32 -2.36
CA ALA D 6 -22.39 28.67 -1.84
C ALA D 6 -21.16 29.36 -2.39
N GLN D 7 -20.82 29.09 -3.62
CA GLN D 7 -19.70 29.67 -4.33
C GLN D 7 -20.13 30.90 -5.12
N PRO D 8 -19.18 31.80 -5.45
CA PRO D 8 -19.56 32.96 -6.28
C PRO D 8 -20.13 32.65 -7.65
N LYS D 9 -19.56 31.69 -8.38
CA LYS D 9 -20.09 31.25 -9.66
C LYS D 9 -20.11 29.74 -9.73
N CYS D 10 -20.79 29.20 -10.74
CA CYS D 10 -20.74 27.78 -11.02
C CYS D 10 -20.62 27.62 -12.52
N ASN D 11 -19.56 26.97 -12.99
CA ASN D 11 -19.51 26.51 -14.37
C ASN D 11 -20.40 25.29 -14.49
N PRO D 12 -21.54 25.39 -15.17
CA PRO D 12 -22.50 24.29 -15.20
C PRO D 12 -22.14 23.11 -16.08
N ASN D 13 -21.09 23.18 -16.90
CA ASN D 13 -20.71 22.08 -17.76
C ASN D 13 -19.40 21.46 -17.30
N LEU D 14 -19.27 20.15 -17.46
CA LEU D 14 -18.10 19.43 -16.98
C LEU D 14 -17.41 18.82 -18.17
N HIS D 15 -16.35 19.47 -18.63
CA HIS D 15 -15.48 18.98 -19.68
C HIS D 15 -14.38 18.12 -19.07
N TYR D 16 -14.52 16.79 -19.15
CA TYR D 16 -13.64 15.85 -18.44
C TYR D 16 -12.70 15.04 -19.33
N TRP D 17 -11.66 14.48 -18.68
CA TRP D 17 -10.80 13.43 -19.20
C TRP D 17 -10.68 12.30 -18.19
N THR D 18 -10.54 11.07 -18.70
CA THR D 18 -10.28 9.84 -17.93
C THR D 18 -9.56 8.82 -18.80
N THR D 19 -9.31 7.62 -18.26
CA THR D 19 -8.71 6.55 -19.07
C THR D 19 -9.85 5.68 -19.58
N GLN D 20 -9.62 5.05 -20.73
CA GLN D 20 -10.51 4.06 -21.36
C GLN D 20 -10.41 2.59 -20.98
N ASP D 21 -11.29 2.18 -20.06
CA ASP D 21 -11.33 0.82 -19.54
C ASP D 21 -11.66 -0.20 -20.62
N GLU D 22 -11.04 -1.39 -20.48
CA GLU D 22 -10.63 -2.34 -21.52
C GLU D 22 -10.18 -1.49 -22.70
N GLY D 23 -9.00 -0.98 -22.58
CA GLY D 23 -8.41 -0.24 -23.62
C GLY D 23 -7.83 -1.03 -24.72
N ALA D 24 -7.93 -2.37 -24.71
CA ALA D 24 -7.55 -3.12 -25.91
C ALA D 24 -8.19 -4.50 -26.10
N ALA D 25 -9.40 -4.56 -26.69
CA ALA D 25 -10.21 -5.80 -26.71
C ALA D 25 -9.43 -6.89 -27.43
N ILE D 26 -9.33 -6.81 -28.75
CA ILE D 26 -8.69 -7.83 -29.59
C ILE D 26 -7.49 -7.02 -30.03
N GLY D 27 -6.69 -7.46 -30.96
CA GLY D 27 -5.52 -6.72 -31.37
C GLY D 27 -4.36 -6.66 -30.39
N LEU D 28 -3.32 -5.99 -30.84
CA LEU D 28 -2.07 -5.89 -30.11
C LEU D 28 -1.91 -4.65 -29.27
N ALA D 29 -2.91 -3.80 -29.16
CA ALA D 29 -2.72 -2.57 -28.41
C ALA D 29 -2.46 -2.76 -26.92
N TRP D 30 -2.86 -3.90 -26.33
CA TRP D 30 -2.58 -4.15 -24.91
C TRP D 30 -1.13 -4.45 -24.63
N ILE D 31 -0.39 -4.93 -25.61
CA ILE D 31 1.02 -5.20 -25.42
C ILE D 31 1.70 -3.85 -25.29
N PRO D 32 2.38 -3.56 -24.18
CA PRO D 32 3.05 -2.26 -24.01
C PRO D 32 3.93 -1.81 -25.14
N TYR D 33 4.73 -2.71 -25.72
CA TYR D 33 5.58 -2.35 -26.85
C TYR D 33 4.81 -1.71 -28.00
N PHE D 34 3.63 -2.21 -28.31
CA PHE D 34 2.90 -1.68 -29.44
C PHE D 34 1.90 -0.59 -29.10
N GLY D 35 1.45 -0.50 -27.85
CA GLY D 35 0.38 0.40 -27.48
C GLY D 35 0.70 1.89 -27.49
N PRO D 36 -0.27 2.68 -27.01
CA PRO D 36 -0.13 4.13 -26.99
C PRO D 36 0.86 4.59 -25.95
N ALA D 37 1.38 5.80 -26.13
CA ALA D 37 2.18 6.37 -25.07
C ALA D 37 1.29 6.81 -23.91
N ALA D 38 1.93 7.23 -22.81
CA ALA D 38 1.24 7.75 -21.62
C ALA D 38 0.22 8.83 -21.94
N GLU D 39 0.52 9.67 -22.93
CA GLU D 39 -0.30 10.81 -23.29
C GLU D 39 -1.54 10.42 -24.09
N GLY D 40 -1.58 9.24 -24.66
CA GLY D 40 -2.68 8.91 -25.53
C GLY D 40 -3.70 7.94 -24.99
N ILE D 41 -3.78 7.77 -23.67
CA ILE D 41 -4.71 6.81 -23.11
C ILE D 41 -5.99 7.44 -22.62
N TYR D 42 -6.18 8.75 -22.81
CA TYR D 42 -7.31 9.42 -22.19
C TYR D 42 -8.45 9.55 -23.19
N ILE D 43 -9.67 9.49 -22.67
CA ILE D 43 -10.87 9.83 -23.39
C ILE D 43 -11.45 11.07 -22.76
N GLU D 44 -12.32 11.75 -23.50
CA GLU D 44 -12.89 13.00 -23.07
C GLU D 44 -14.40 12.97 -23.18
N GLY D 45 -15.03 13.90 -22.47
CA GLY D 45 -16.46 14.01 -22.62
C GLY D 45 -17.03 15.29 -22.04
N LEU D 46 -18.34 15.43 -22.20
CA LEU D 46 -19.07 16.62 -21.80
C LEU D 46 -20.30 16.23 -21.01
N MET D 47 -20.40 16.74 -19.79
CA MET D 47 -21.57 16.51 -18.94
C MET D 47 -22.32 17.82 -18.74
N HIS D 48 -23.63 17.75 -18.75
CA HIS D 48 -24.45 18.94 -18.52
C HIS D 48 -24.94 18.99 -17.08
N ASN D 49 -25.59 20.09 -16.76
CA ASN D 49 -25.96 20.49 -15.40
C ASN D 49 -27.31 19.93 -15.01
N GLN D 50 -27.62 18.69 -15.41
CA GLN D 50 -28.87 18.08 -14.97
C GLN D 50 -28.92 17.95 -13.45
N ASP D 51 -30.06 18.36 -12.90
CA ASP D 51 -30.38 18.41 -11.48
C ASP D 51 -29.40 19.27 -10.68
N GLY D 52 -28.70 20.17 -11.36
CA GLY D 52 -27.63 20.97 -10.78
C GLY D 52 -26.54 20.16 -10.13
N LEU D 53 -26.35 18.92 -10.59
CA LEU D 53 -25.45 18.00 -9.89
C LEU D 53 -24.01 18.43 -10.02
N ILE D 54 -23.68 19.12 -11.12
CA ILE D 54 -22.33 19.59 -11.33
C ILE D 54 -22.02 20.67 -10.32
N CYS D 55 -22.95 21.63 -10.17
CA CYS D 55 -22.76 22.67 -9.16
C CYS D 55 -22.70 22.06 -7.77
N GLY D 56 -23.51 21.00 -7.53
CA GLY D 56 -23.40 20.24 -6.28
C GLY D 56 -22.03 19.64 -6.09
N LEU D 57 -21.49 19.04 -7.15
CA LEU D 57 -20.19 18.40 -7.04
C LEU D 57 -19.09 19.38 -6.72
N ARG D 58 -19.13 20.59 -7.32
CA ARG D 58 -18.09 21.60 -7.06
C ARG D 58 -17.96 22.02 -5.61
N GLN D 59 -19.08 22.22 -4.93
CA GLN D 59 -19.00 22.58 -3.53
C GLN D 59 -18.42 21.44 -2.70
N LEU D 60 -18.78 20.18 -3.02
CA LEU D 60 -18.31 19.01 -2.26
C LEU D 60 -16.81 18.88 -2.19
N ALA D 61 -16.11 19.11 -3.30
CA ALA D 61 -14.65 19.06 -3.31
C ALA D 61 -14.09 20.04 -2.30
N ASN D 62 -14.66 21.24 -2.29
CA ASN D 62 -14.39 22.29 -1.31
C ASN D 62 -14.47 21.78 0.12
N GLU D 63 -15.60 21.17 0.49
CA GLU D 63 -15.78 20.72 1.87
C GLU D 63 -14.85 19.58 2.26
N THR D 64 -14.38 18.78 1.30
CA THR D 64 -13.44 17.73 1.63
C THR D 64 -12.08 18.23 2.08
N THR D 65 -11.67 19.44 1.65
CA THR D 65 -10.27 19.83 1.70
C THR D 65 -9.65 19.79 3.08
N GLN D 66 -10.35 20.35 4.09
CA GLN D 66 -9.83 20.37 5.46
C GLN D 66 -9.52 18.99 5.98
N ALA D 67 -10.52 18.09 5.90
CA ALA D 67 -10.34 16.73 6.41
C ALA D 67 -9.24 16.00 5.68
N LEU D 68 -9.16 16.21 4.36
CA LEU D 68 -8.11 15.59 3.56
C LEU D 68 -6.75 16.07 3.99
N GLN D 69 -6.61 17.37 4.18
CA GLN D 69 -5.35 17.94 4.62
C GLN D 69 -4.93 17.43 5.98
N LEU D 70 -5.90 17.27 6.91
CA LEU D 70 -5.56 16.75 8.23
C LEU D 70 -5.09 15.31 8.18
N PHE D 71 -5.67 14.52 7.25
CA PHE D 71 -5.25 13.13 7.07
C PHE D 71 -3.80 13.07 6.63
N LEU D 72 -3.43 13.95 5.70
CA LEU D 72 -2.08 13.93 5.17
C LEU D 72 -1.08 14.34 6.22
N ARG D 73 -1.49 15.21 7.14
CA ARG D 73 -0.63 15.56 8.27
C ARG D 73 -0.27 14.36 9.12
N ALA D 74 -1.21 13.42 9.33
CA ALA D 74 -0.91 12.36 10.28
C ALA D 74 -0.10 11.19 9.74
N THR D 75 -0.05 10.97 8.43
CA THR D 75 0.73 9.88 7.84
C THR D 75 2.18 10.24 7.55
N THR D 76 3.01 9.22 7.53
CA THR D 76 4.40 9.27 7.11
C THR D 76 4.62 8.73 5.70
N GLU D 77 3.56 8.22 5.07
CA GLU D 77 3.63 7.84 3.66
C GLU D 77 3.91 9.02 2.76
N LEU D 78 4.80 8.82 1.79
CA LEU D 78 5.16 9.89 0.89
C LEU D 78 4.10 10.08 -0.19
N ARG D 79 3.56 8.98 -0.71
CA ARG D 79 2.46 8.96 -1.66
C ARG D 79 1.39 8.04 -1.14
N THR D 80 0.19 8.55 -0.94
CA THR D 80 -0.91 7.80 -0.35
C THR D 80 -1.86 7.31 -1.43
N PHE D 81 -1.98 5.99 -1.59
CA PHE D 81 -2.87 5.43 -2.60
C PHE D 81 -4.04 4.66 -2.04
N SER D 82 -4.19 4.59 -0.73
CA SER D 82 -5.03 3.59 -0.10
C SER D 82 -6.30 4.12 0.50
N ILE D 83 -6.67 5.37 0.23
CA ILE D 83 -7.81 6.00 0.93
C ILE D 83 -9.11 5.28 0.64
N LEU D 84 -9.36 4.93 -0.61
CA LEU D 84 -10.59 4.23 -0.97
C LEU D 84 -10.62 2.80 -0.46
N ASN D 85 -9.47 2.13 -0.41
CA ASN D 85 -9.40 0.80 0.16
C ASN D 85 -9.74 0.82 1.64
N ARG D 86 -9.27 1.85 2.34
CA ARG D 86 -9.60 1.99 3.76
C ARG D 86 -11.06 2.34 3.98
N LYS D 87 -11.65 3.14 3.10
CA LYS D 87 -13.09 3.40 3.10
C LYS D 87 -13.89 2.13 2.94
N ALA D 88 -13.49 1.28 1.99
CA ALA D 88 -14.16 0.00 1.77
C ALA D 88 -14.09 -0.90 2.99
N ILE D 89 -12.92 -0.95 3.62
CA ILE D 89 -12.73 -1.74 4.85
C ILE D 89 -13.63 -1.20 5.96
N ASP D 90 -13.71 0.12 6.08
CA ASP D 90 -14.56 0.72 7.09
C ASP D 90 -16.03 0.43 6.86
N PHE D 91 -16.48 0.43 5.61
CA PHE D 91 -17.84 -0.01 5.28
C PHE D 91 -18.09 -1.42 5.79
N LEU D 92 -17.16 -2.32 5.51
CA LEU D 92 -17.34 -3.71 5.92
C LEU D 92 -17.31 -3.86 7.45
N LEU D 93 -16.40 -3.16 8.13
CA LEU D 93 -16.33 -3.28 9.58
C LEU D 93 -17.52 -2.63 10.24
N GLN D 94 -18.04 -1.55 9.67
CA GLN D 94 -19.28 -0.95 10.17
C GLN D 94 -20.44 -1.94 10.11
N ARG D 95 -20.56 -2.69 9.02
CA ARG D 95 -21.75 -3.54 9.02
C ARG D 95 -21.53 -4.90 9.64
N TRP D 96 -20.46 -5.61 9.30
CA TRP D 96 -20.33 -6.98 9.77
C TRP D 96 -19.14 -7.17 10.71
N GLY D 97 -18.51 -6.09 11.14
CA GLY D 97 -17.39 -6.22 12.05
C GLY D 97 -17.82 -6.58 13.45
N GLY D 98 -19.10 -6.42 13.75
CA GLY D 98 -19.65 -6.80 15.03
C GLY D 98 -20.88 -7.69 14.99
N THR D 99 -21.46 -7.85 16.15
CA THR D 99 -22.70 -8.61 16.34
C THR D 99 -23.89 -7.95 15.65
N CYS D 100 -24.62 -8.75 14.85
CA CYS D 100 -25.82 -8.29 14.16
C CYS D 100 -27.02 -8.58 15.05
N HIS D 101 -27.59 -7.52 15.62
CA HIS D 101 -28.78 -7.65 16.43
C HIS D 101 -29.98 -7.47 15.51
N ILE D 102 -30.73 -8.56 15.33
CA ILE D 102 -31.84 -8.58 14.38
C ILE D 102 -32.95 -7.64 14.88
N LEU D 103 -33.55 -6.90 13.94
CA LEU D 103 -34.52 -5.78 14.04
C LEU D 103 -33.86 -4.48 14.49
N GLY D 104 -32.57 -4.49 14.81
CA GLY D 104 -31.84 -3.30 15.16
C GLY D 104 -31.55 -2.42 13.95
N PRO D 105 -31.29 -1.13 14.22
CA PRO D 105 -31.05 -0.18 13.12
C PRO D 105 -29.71 -0.32 12.43
N ASP D 106 -28.77 -1.09 12.99
CA ASP D 106 -27.47 -1.27 12.36
C ASP D 106 -27.26 -2.66 11.77
N CYS D 107 -28.26 -3.53 11.81
CA CYS D 107 -28.19 -4.84 11.19
C CYS D 107 -29.08 -4.81 9.94
N CYS D 108 -28.51 -5.08 8.75
CA CYS D 108 -29.27 -4.99 7.48
C CYS D 108 -29.87 -6.36 7.09
N ILE D 109 -30.71 -6.93 7.94
CA ILE D 109 -31.42 -8.16 7.56
C ILE D 109 -32.92 -7.86 7.44
N GLU D 110 -33.47 -8.14 6.25
CA GLU D 110 -34.89 -7.97 5.97
C GLU D 110 -35.57 -9.36 5.92
N PRO D 111 -36.46 -9.70 6.86
CA PRO D 111 -37.15 -11.00 6.74
C PRO D 111 -38.58 -11.09 6.21
N HIS D 112 -39.08 -10.16 5.39
CA HIS D 112 -40.48 -10.27 4.91
C HIS D 112 -40.67 -11.50 4.01
N ASP D 113 -39.77 -11.67 3.04
CA ASP D 113 -39.79 -12.87 2.20
C ASP D 113 -39.44 -14.11 3.03
N TRP D 114 -38.59 -13.94 4.03
CA TRP D 114 -38.31 -15.01 4.98
C TRP D 114 -39.54 -15.33 5.84
N THR D 115 -40.39 -14.33 6.10
CA THR D 115 -41.65 -14.61 6.77
C THR D 115 -42.55 -15.46 5.88
N LYS D 116 -42.69 -15.11 4.59
CA LYS D 116 -43.47 -15.98 3.69
C LYS D 116 -42.84 -17.36 3.50
N ASN D 117 -41.51 -17.48 3.70
CA ASN D 117 -40.85 -18.78 3.67
C ASN D 117 -41.27 -19.64 4.85
N ILE D 118 -41.52 -19.04 6.01
CA ILE D 118 -41.89 -19.89 7.13
C ILE D 118 -43.43 -20.02 7.20
N THR D 119 -44.15 -19.04 6.66
CA THR D 119 -45.60 -19.10 6.64
C THR D 119 -46.21 -19.98 5.55
N ASP D 120 -45.55 -20.19 4.39
CA ASP D 120 -46.11 -21.27 3.57
C ASP D 120 -45.88 -22.64 4.19
N LYS D 121 -44.75 -22.88 4.87
CA LYS D 121 -44.65 -24.19 5.52
C LYS D 121 -45.35 -24.26 6.89
N ILE D 122 -46.16 -23.29 7.30
CA ILE D 122 -47.04 -23.56 8.44
C ILE D 122 -48.13 -24.58 8.09
N ASP D 123 -48.71 -24.50 6.89
CA ASP D 123 -49.77 -25.42 6.46
C ASP D 123 -49.32 -26.80 5.98
N GLN D 124 -48.01 -27.09 5.89
CA GLN D 124 -47.63 -28.46 5.52
C GLN D 124 -47.98 -29.50 6.59
N ILE D 125 -48.09 -29.09 7.86
CA ILE D 125 -48.50 -29.98 8.94
C ILE D 125 -49.65 -29.41 9.76
N ILE D 126 -49.79 -28.07 9.80
CA ILE D 126 -50.88 -27.52 10.60
C ILE D 126 -52.25 -27.67 9.92
N HIS D 127 -52.31 -27.63 8.59
CA HIS D 127 -53.59 -27.82 7.92
C HIS D 127 -53.97 -29.29 7.80
N ASP D 128 -53.03 -30.17 7.45
CA ASP D 128 -53.29 -31.61 7.49
C ASP D 128 -52.89 -32.18 8.85
N PHE D 129 -53.72 -31.85 9.85
CA PHE D 129 -53.52 -32.35 11.21
C PHE D 129 -54.81 -33.05 11.64
N VAL D 130 -55.17 -34.12 10.93
CA VAL D 130 -56.46 -34.76 11.11
C VAL D 130 -56.44 -35.67 12.34
N ILE E 2 -13.30 21.62 29.05
CA ILE E 2 -12.16 22.51 28.96
C ILE E 2 -12.54 23.87 29.45
N GLN E 3 -11.69 24.49 30.25
CA GLN E 3 -11.94 25.81 30.79
C GLN E 3 -10.68 26.65 30.73
N LEU E 4 -10.86 27.96 30.58
CA LEU E 4 -9.73 28.88 30.47
C LEU E 4 -9.71 29.80 31.68
N THR E 5 -8.56 30.43 31.87
CA THR E 5 -8.36 31.33 33.00
C THR E 5 -7.82 32.64 32.46
N GLN E 6 -8.50 33.72 32.79
CA GLN E 6 -8.16 35.01 32.23
C GLN E 6 -7.69 35.92 33.33
N SER E 7 -6.53 36.52 33.12
CA SER E 7 -5.87 37.38 34.09
C SER E 7 -5.58 38.73 33.47
N PRO E 8 -5.66 39.80 34.25
CA PRO E 8 -6.25 39.86 35.59
C PRO E 8 -7.69 40.33 35.51
N SER E 9 -8.44 40.28 36.60
CA SER E 9 -9.87 40.48 36.47
C SER E 9 -10.25 41.95 36.27
N SER E 10 -9.37 42.88 36.58
CA SER E 10 -9.71 44.29 36.46
C SER E 10 -8.45 45.09 36.16
N LEU E 11 -8.57 46.10 35.32
CA LEU E 11 -7.45 47.00 35.09
C LEU E 11 -7.88 48.45 35.09
N SER E 12 -6.88 49.30 35.19
CA SER E 12 -7.00 50.74 35.03
C SER E 12 -5.64 51.26 34.61
N ALA E 13 -5.59 52.11 33.59
CA ALA E 13 -4.34 52.73 33.20
C ALA E 13 -4.63 54.06 32.53
N SER E 14 -3.57 54.66 31.99
CA SER E 14 -3.63 55.99 31.38
C SER E 14 -3.22 55.89 29.91
N VAL E 15 -3.01 57.03 29.28
CA VAL E 15 -2.67 57.10 27.87
C VAL E 15 -1.16 57.08 27.74
N GLY E 16 -0.63 56.11 26.99
CA GLY E 16 0.77 56.10 26.64
C GLY E 16 1.52 54.83 27.02
N ASP E 17 0.86 53.95 27.77
CA ASP E 17 1.46 52.73 28.26
C ASP E 17 1.22 51.57 27.29
N ARG E 18 1.48 50.35 27.75
CA ARG E 18 1.27 49.12 26.98
C ARG E 18 0.58 48.11 27.88
N VAL E 19 -0.59 47.64 27.46
CA VAL E 19 -1.48 46.86 28.31
C VAL E 19 -1.54 45.42 27.80
N THR E 20 -1.60 44.45 28.72
CA THR E 20 -1.47 43.04 28.35
C THR E 20 -2.43 42.17 29.17
N ILE E 21 -3.28 41.41 28.46
CA ILE E 21 -4.32 40.58 29.06
C ILE E 21 -4.07 39.14 28.68
N THR E 22 -4.19 38.21 29.64
CA THR E 22 -3.72 36.84 29.45
C THR E 22 -4.88 35.87 29.51
N CYS E 23 -4.92 34.95 28.56
CA CYS E 23 -5.89 33.87 28.50
C CYS E 23 -5.09 32.57 28.46
N ARG E 24 -5.33 31.68 29.42
CA ARG E 24 -4.51 30.50 29.62
C ARG E 24 -5.38 29.25 29.73
N ALA E 25 -5.08 28.24 28.93
CA ALA E 25 -5.93 27.07 28.78
C ALA E 25 -5.41 25.90 29.60
N SER E 26 -6.33 25.04 30.03
CA SER E 26 -5.94 23.87 30.80
C SER E 26 -5.20 22.83 29.98
N GLN E 27 -5.36 22.87 28.66
CA GLN E 27 -4.95 21.79 27.75
C GLN E 27 -4.07 22.45 26.70
N SER E 28 -3.84 21.77 25.60
CA SER E 28 -3.22 22.39 24.44
C SER E 28 -4.22 22.47 23.31
N ILE E 29 -4.44 23.67 22.77
CA ILE E 29 -5.37 23.90 21.68
C ILE E 29 -4.72 24.51 20.44
N SER E 30 -3.62 25.22 20.61
CA SER E 30 -2.54 25.59 19.69
C SER E 30 -2.71 26.74 18.70
N THR E 31 -3.89 27.17 18.31
CA THR E 31 -4.00 28.52 17.75
C THR E 31 -5.38 29.11 18.04
N TYR E 32 -6.21 28.46 18.83
CA TYR E 32 -7.64 28.74 18.74
C TYR E 32 -8.09 29.75 19.75
N LEU E 33 -7.86 31.02 19.45
CA LEU E 33 -8.34 31.99 20.42
C LEU E 33 -9.00 33.15 19.70
N ASN E 34 -10.28 33.31 20.01
CA ASN E 34 -11.10 34.45 19.64
C ASN E 34 -11.08 35.51 20.73
N TRP E 35 -10.37 36.60 20.50
CA TRP E 35 -10.39 37.79 21.35
C TRP E 35 -11.46 38.77 20.90
N TYR E 36 -12.26 39.25 21.84
CA TYR E 36 -13.34 40.18 21.55
C TYR E 36 -13.28 41.38 22.49
N GLN E 37 -14.05 42.42 22.13
CA GLN E 37 -14.14 43.70 22.81
C GLN E 37 -15.60 44.07 22.96
N GLN E 38 -16.02 44.56 24.12
CA GLN E 38 -17.43 44.86 24.27
C GLN E 38 -17.68 46.01 25.21
N LYS E 39 -18.34 47.05 24.73
CA LYS E 39 -18.79 48.18 25.54
C LYS E 39 -20.10 47.83 26.23
N PRO E 40 -20.47 48.51 27.32
CA PRO E 40 -21.68 48.11 28.04
C PRO E 40 -22.97 48.47 27.31
N GLY E 41 -23.92 47.52 27.33
CA GLY E 41 -25.18 47.66 26.65
C GLY E 41 -25.19 47.19 25.22
N LYS E 42 -24.04 47.17 24.58
CA LYS E 42 -23.90 46.90 23.16
C LYS E 42 -23.84 45.39 22.94
N ALA E 43 -23.41 44.97 21.76
CA ALA E 43 -23.08 43.64 21.35
C ALA E 43 -21.59 43.57 21.04
N PRO E 44 -20.92 42.44 21.26
CA PRO E 44 -19.46 42.44 21.14
C PRO E 44 -19.01 42.46 19.69
N LYS E 45 -18.02 43.29 19.42
CA LYS E 45 -17.33 43.26 18.14
C LYS E 45 -16.26 42.19 18.19
N PHE E 46 -15.56 41.98 17.09
CA PHE E 46 -14.39 41.12 17.08
C PHE E 46 -13.19 41.93 17.44
N LEU E 47 -12.12 41.24 17.83
CA LEU E 47 -10.78 41.75 17.58
C LEU E 47 -9.96 40.77 16.77
N ILE E 48 -9.73 39.57 17.27
CA ILE E 48 -8.61 38.76 16.80
C ILE E 48 -9.02 37.31 16.80
N PHE E 49 -8.95 36.65 15.65
CA PHE E 49 -9.26 35.23 15.54
C PHE E 49 -8.03 34.47 15.03
N SER E 50 -7.93 33.19 15.42
CA SER E 50 -6.72 32.36 15.32
C SER E 50 -5.55 33.00 16.04
N ALA E 51 -5.86 33.71 17.12
CA ALA E 51 -4.93 34.23 18.10
C ALA E 51 -3.91 35.24 17.56
N SER E 52 -3.90 35.53 16.26
CA SER E 52 -2.88 36.41 15.72
C SER E 52 -3.36 37.41 14.69
N ASN E 53 -4.46 37.17 13.99
CA ASN E 53 -4.82 37.96 12.82
C ASN E 53 -6.05 38.79 13.12
N LEU E 54 -6.04 40.05 12.68
CA LEU E 54 -7.08 41.00 13.01
C LEU E 54 -8.34 40.72 12.19
N GLN E 55 -9.35 41.54 12.39
CA GLN E 55 -10.46 41.50 11.45
C GLN E 55 -10.58 42.88 10.81
N SER E 56 -11.23 42.93 9.65
CA SER E 56 -11.32 44.18 8.91
C SER E 56 -12.30 45.13 9.60
N GLY E 57 -11.80 46.27 10.04
CA GLY E 57 -12.56 47.20 10.84
C GLY E 57 -12.03 47.39 12.24
N VAL E 58 -10.90 46.78 12.56
CA VAL E 58 -10.30 46.82 13.90
C VAL E 58 -8.97 47.54 13.78
N PRO E 59 -8.70 48.52 14.65
CA PRO E 59 -7.55 49.40 14.47
C PRO E 59 -6.21 48.69 14.56
N SER E 60 -5.17 49.41 14.13
CA SER E 60 -3.86 48.84 13.89
C SER E 60 -2.93 48.95 15.07
N ARG E 61 -3.47 49.18 16.28
CA ARG E 61 -2.65 49.21 17.48
C ARG E 61 -2.85 47.99 18.37
N PHE E 62 -3.91 47.23 18.16
CA PHE E 62 -4.06 45.98 18.87
C PHE E 62 -3.12 44.93 18.29
N SER E 63 -2.82 43.90 19.08
CA SER E 63 -2.09 42.75 18.57
C SER E 63 -2.34 41.56 19.47
N GLY E 64 -2.32 40.36 18.90
CA GLY E 64 -2.54 39.15 19.64
C GLY E 64 -1.31 38.27 19.60
N GLY E 65 -1.41 37.14 20.28
CA GLY E 65 -0.34 36.17 20.13
C GLY E 65 -0.56 34.99 21.05
N GLY E 66 0.29 33.99 20.85
CA GLY E 66 0.33 32.84 21.72
C GLY E 66 -0.21 31.59 21.04
N SER E 67 0.11 30.46 21.67
CA SER E 67 -0.21 29.15 21.13
C SER E 67 -0.04 28.14 22.25
N GLY E 68 -0.24 26.88 21.91
CA GLY E 68 -0.08 25.83 22.89
C GLY E 68 -1.14 25.93 23.97
N THR E 69 -0.73 26.44 25.12
CA THR E 69 -1.64 26.70 26.21
C THR E 69 -1.66 28.13 26.68
N ASP E 70 -0.82 29.01 26.16
CA ASP E 70 -0.73 30.39 26.66
C ASP E 70 -1.00 31.38 25.53
N PHE E 71 -1.94 32.29 25.77
CA PHE E 71 -2.32 33.26 24.76
C PHE E 71 -2.39 34.63 25.40
N THR E 72 -1.90 35.65 24.70
CA THR E 72 -1.93 37.02 25.20
C THR E 72 -2.59 37.93 24.19
N LEU E 73 -3.05 39.08 24.68
CA LEU E 73 -3.50 40.22 23.88
C LEU E 73 -2.81 41.47 24.39
N THR E 74 -2.37 42.32 23.48
CA THR E 74 -1.62 43.51 23.85
C THR E 74 -2.14 44.73 23.11
N ILE E 75 -2.29 45.82 23.86
CA ILE E 75 -2.77 47.09 23.34
C ILE E 75 -1.66 48.11 23.54
N SER E 76 -1.17 48.66 22.45
CA SER E 76 -0.10 49.65 22.52
C SER E 76 -0.65 51.04 22.23
N SER E 77 -0.20 52.03 23.02
CA SER E 77 -0.59 53.43 22.94
C SER E 77 -2.11 53.58 23.09
N LEU E 78 -2.57 53.30 24.31
CA LEU E 78 -3.99 53.29 24.64
C LEU E 78 -4.60 54.68 24.49
N GLN E 79 -5.84 54.72 24.03
CA GLN E 79 -6.66 55.92 23.93
C GLN E 79 -7.83 55.79 24.89
N PRO E 80 -8.52 56.90 25.22
CA PRO E 80 -9.72 56.80 26.04
C PRO E 80 -10.96 56.26 25.34
N GLU E 81 -10.83 55.72 24.13
CA GLU E 81 -11.94 54.99 23.55
C GLU E 81 -12.05 53.58 24.12
N ASP E 82 -10.91 52.98 24.46
CA ASP E 82 -10.84 51.53 24.61
C ASP E 82 -11.38 51.00 25.93
N PHE E 83 -12.09 51.79 26.74
CA PHE E 83 -12.65 51.23 27.96
C PHE E 83 -13.85 50.37 27.57
N ALA E 84 -13.64 49.06 27.69
CA ALA E 84 -14.64 48.05 27.37
C ALA E 84 -14.19 46.76 28.01
N THR E 85 -15.14 45.87 28.27
CA THR E 85 -14.77 44.55 28.76
C THR E 85 -14.16 43.76 27.60
N TYR E 86 -13.29 42.79 27.90
CA TYR E 86 -12.62 42.02 26.87
C TYR E 86 -12.86 40.53 27.11
N TYR E 87 -12.84 39.72 26.07
CA TYR E 87 -13.10 38.31 26.27
C TYR E 87 -12.23 37.46 25.35
N CYS E 88 -12.18 36.15 25.63
CA CYS E 88 -11.49 35.16 24.80
C CYS E 88 -12.29 33.86 24.75
N GLN E 89 -12.31 33.20 23.58
CA GLN E 89 -12.98 31.93 23.37
C GLN E 89 -12.07 30.97 22.63
N GLN E 90 -12.06 29.70 23.04
CA GLN E 90 -11.38 28.64 22.32
C GLN E 90 -12.34 28.00 21.33
N THR E 91 -11.77 27.52 20.21
CA THR E 91 -12.62 26.87 19.21
C THR E 91 -12.24 25.42 18.97
N TYR E 92 -11.44 24.81 19.85
CA TYR E 92 -10.79 23.56 19.53
C TYR E 92 -11.73 22.37 19.60
N ASN E 93 -12.72 22.38 20.50
CA ASN E 93 -13.74 21.34 20.51
C ASN E 93 -14.95 21.79 21.28
N THR E 94 -16.06 21.22 20.97
CA THR E 94 -17.30 21.58 21.64
C THR E 94 -17.39 20.87 22.99
N PRO E 95 -18.03 21.50 23.99
CA PRO E 95 -18.60 22.85 24.08
C PRO E 95 -17.55 23.93 24.21
N ARG E 96 -17.60 24.94 23.34
CA ARG E 96 -16.62 26.01 23.37
C ARG E 96 -16.87 26.91 24.57
N THR E 97 -15.81 27.54 25.06
CA THR E 97 -15.90 28.21 26.35
C THR E 97 -15.25 29.58 26.31
N PHE E 98 -15.88 30.51 27.03
CA PHE E 98 -15.45 31.88 27.13
C PHE E 98 -14.74 32.09 28.47
N GLY E 99 -13.94 33.16 28.51
CA GLY E 99 -13.30 33.59 29.73
C GLY E 99 -14.26 34.28 30.68
N GLN E 100 -13.70 35.03 31.63
CA GLN E 100 -14.48 35.71 32.64
C GLN E 100 -14.32 37.22 32.58
N GLY E 101 -13.97 37.76 31.43
CA GLY E 101 -13.92 39.19 31.25
C GLY E 101 -12.64 39.78 31.80
N THR E 102 -12.35 41.00 31.36
CA THR E 102 -11.20 41.75 31.87
C THR E 102 -11.48 43.23 31.63
N LYS E 103 -11.91 43.92 32.67
CA LYS E 103 -12.34 45.30 32.52
C LYS E 103 -11.16 46.19 32.20
N VAL E 104 -11.39 47.20 31.38
CA VAL E 104 -10.32 48.14 31.07
C VAL E 104 -10.84 49.54 31.35
N GLU E 105 -10.06 50.34 32.07
CA GLU E 105 -10.37 51.74 32.32
C GLU E 105 -9.08 52.48 32.63
N VAL F 2 -22.61 39.95 5.09
CA VAL F 2 -23.64 39.11 5.68
C VAL F 2 -24.04 39.70 7.02
N GLN F 3 -25.32 39.97 7.21
CA GLN F 3 -25.81 40.63 8.41
C GLN F 3 -26.85 39.76 9.12
N LEU F 4 -26.85 39.86 10.44
CA LEU F 4 -27.69 39.05 11.31
C LEU F 4 -28.60 39.97 12.10
N GLN F 5 -29.74 39.45 12.54
CA GLN F 5 -30.65 40.28 13.32
C GLN F 5 -31.51 39.38 14.20
N GLU F 6 -31.62 39.73 15.46
CA GLU F 6 -32.40 38.90 16.37
C GLU F 6 -33.81 39.43 16.51
N SER F 7 -34.73 38.53 16.86
CA SER F 7 -36.08 38.93 17.19
C SER F 7 -36.68 37.93 18.16
N GLY F 8 -37.68 38.41 18.91
CA GLY F 8 -38.38 37.60 19.88
C GLY F 8 -39.18 38.48 20.82
N PRO F 9 -39.86 37.88 21.78
CA PRO F 9 -40.57 38.66 22.80
C PRO F 9 -39.62 39.35 23.77
N GLY F 10 -40.17 40.10 24.71
CA GLY F 10 -39.37 40.72 25.74
C GLY F 10 -39.67 40.14 27.10
N LEU F 11 -40.77 39.41 27.21
CA LEU F 11 -41.19 38.80 28.46
C LEU F 11 -41.41 37.31 28.23
N VAL F 12 -41.11 36.51 29.25
CA VAL F 12 -41.57 35.12 29.30
C VAL F 12 -42.25 34.91 30.64
N LYS F 13 -42.95 33.82 30.76
CA LYS F 13 -43.43 33.41 32.06
C LYS F 13 -42.66 32.18 32.52
N PRO F 14 -42.54 31.93 33.82
CA PRO F 14 -41.87 30.70 34.28
C PRO F 14 -42.67 29.47 33.92
N SER F 15 -41.95 28.34 33.80
CA SER F 15 -42.45 27.07 33.27
C SER F 15 -43.06 27.27 31.87
N GLY F 16 -42.29 27.92 31.00
CA GLY F 16 -42.72 28.21 29.65
C GLY F 16 -41.62 27.98 28.64
N THR F 17 -41.80 28.52 27.43
CA THR F 17 -40.91 28.25 26.31
C THR F 17 -40.38 29.56 25.74
N LEU F 18 -39.06 29.70 25.72
CA LEU F 18 -38.40 30.85 25.14
C LEU F 18 -38.17 30.57 23.66
N SER F 19 -38.60 31.49 22.80
CA SER F 19 -38.50 31.35 21.35
C SER F 19 -37.74 32.52 20.78
N LEU F 20 -36.73 32.23 19.96
CA LEU F 20 -35.90 33.27 19.38
C LEU F 20 -35.72 33.01 17.89
N THR F 21 -35.82 34.08 17.09
CA THR F 21 -35.68 34.00 15.65
C THR F 21 -34.48 34.83 15.22
N CYS F 22 -33.49 34.17 14.66
CA CYS F 22 -32.28 34.85 14.19
C CYS F 22 -32.34 34.87 12.68
N ALA F 23 -32.58 36.04 12.10
CA ALA F 23 -32.80 36.17 10.68
C ALA F 23 -31.54 36.68 10.00
N VAL F 24 -31.16 36.05 8.92
CA VAL F 24 -29.96 36.41 8.20
C VAL F 24 -30.37 37.13 6.92
N SER F 25 -29.57 38.14 6.54
CA SER F 25 -29.84 38.93 5.36
C SER F 25 -28.52 39.21 4.67
N GLY F 26 -28.53 39.16 3.34
CA GLY F 26 -27.33 39.33 2.55
C GLY F 26 -26.70 38.06 2.08
N GLY F 27 -27.29 36.90 2.38
CA GLY F 27 -26.73 35.64 1.97
C GLY F 27 -27.68 34.49 2.23
N SER F 28 -27.13 33.32 2.56
CA SER F 28 -27.94 32.19 2.94
C SER F 28 -27.12 31.30 3.85
N ILE F 29 -27.79 30.38 4.52
CA ILE F 29 -27.26 29.65 5.68
C ILE F 29 -26.29 28.54 5.23
N SER F 30 -26.07 28.41 3.94
CA SER F 30 -25.15 27.39 3.48
C SER F 30 -23.71 27.87 3.49
N GLY F 31 -22.79 26.93 3.60
CA GLY F 31 -21.38 27.22 3.46
C GLY F 31 -20.50 26.57 4.49
N THR F 32 -19.33 27.17 4.75
CA THR F 32 -18.42 26.75 5.82
C THR F 32 -18.63 27.59 7.07
N ASN F 33 -19.88 27.94 7.33
CA ASN F 33 -20.29 28.76 8.45
C ASN F 33 -20.95 27.91 9.51
N TRP F 34 -20.44 27.98 10.74
CA TRP F 34 -21.10 27.44 11.91
C TRP F 34 -21.96 28.52 12.52
N TRP F 35 -23.09 28.15 13.06
CA TRP F 35 -24.02 29.17 13.53
C TRP F 35 -24.34 28.93 15.00
N THR F 36 -23.76 29.76 15.86
CA THR F 36 -23.71 29.53 17.30
C THR F 36 -24.66 30.49 17.99
N TRP F 37 -25.07 30.12 19.21
CA TRP F 37 -25.87 30.95 20.08
C TRP F 37 -25.14 31.23 21.38
N VAL F 38 -25.16 32.49 21.84
CA VAL F 38 -24.47 32.91 23.05
C VAL F 38 -25.48 33.66 23.93
N ARG F 39 -25.38 33.52 25.25
CA ARG F 39 -26.19 34.33 26.15
C ARG F 39 -25.29 35.04 27.16
N GLN F 40 -25.77 36.15 27.72
CA GLN F 40 -24.99 36.88 28.74
C GLN F 40 -25.91 37.52 29.76
N PRO F 41 -26.07 36.93 30.94
CA PRO F 41 -26.71 37.65 32.04
C PRO F 41 -25.83 38.79 32.52
N PRO F 42 -26.39 39.85 33.13
CA PRO F 42 -25.72 41.15 33.11
C PRO F 42 -24.48 41.24 34.00
N GLY F 43 -23.48 41.97 33.49
CA GLY F 43 -22.24 42.26 34.20
C GLY F 43 -21.38 41.04 34.44
N ARG F 44 -20.91 40.39 33.37
CA ARG F 44 -20.41 39.04 33.51
C ARG F 44 -19.52 38.66 32.32
N GLY F 45 -19.27 37.37 32.19
CA GLY F 45 -18.83 36.78 30.94
C GLY F 45 -19.97 36.11 30.17
N LEU F 46 -19.63 35.64 28.98
CA LEU F 46 -20.65 35.10 28.10
C LEU F 46 -20.72 33.58 28.22
N GLU F 47 -21.89 33.02 27.93
CA GLU F 47 -22.13 31.59 28.13
C GLU F 47 -22.60 30.92 26.84
N TRP F 48 -21.78 30.01 26.32
CA TRP F 48 -22.02 29.33 25.06
C TRP F 48 -23.18 28.36 25.17
N ILE F 49 -24.08 28.34 24.19
CA ILE F 49 -25.32 27.57 24.27
C ILE F 49 -25.31 26.38 23.32
N GLY F 50 -25.18 26.63 22.03
CA GLY F 50 -25.24 25.55 21.06
C GLY F 50 -24.91 26.06 19.70
N GLU F 51 -24.95 25.18 18.72
CA GLU F 51 -24.65 25.58 17.35
C GLU F 51 -25.35 24.66 16.37
N ILE F 52 -25.27 25.03 15.10
CA ILE F 52 -25.72 24.16 14.02
C ILE F 52 -24.80 24.33 12.82
N TYR F 53 -24.74 23.30 11.99
CA TYR F 53 -24.11 23.35 10.70
C TYR F 53 -25.20 23.26 9.65
N TYR F 54 -24.85 23.46 8.38
CA TYR F 54 -25.88 23.60 7.36
C TYR F 54 -26.37 22.27 6.81
N ARG F 55 -25.97 21.16 7.39
CA ARG F 55 -26.42 19.85 6.94
C ARG F 55 -27.26 19.13 8.00
N GLY F 56 -26.76 18.96 9.21
CA GLY F 56 -27.58 18.36 10.25
C GLY F 56 -26.77 18.09 11.50
N SER F 57 -27.39 17.32 12.43
CA SER F 57 -26.84 16.90 13.72
C SER F 57 -26.36 18.05 14.59
N PRO F 58 -27.27 18.73 15.31
CA PRO F 58 -26.88 19.91 16.08
C PRO F 58 -26.01 19.58 17.28
N ASN F 59 -25.28 20.58 17.75
CA ASN F 59 -24.31 20.44 18.84
C ASN F 59 -24.75 21.31 20.02
N TYR F 60 -24.23 21.00 21.20
CA TYR F 60 -24.80 21.59 22.41
C TYR F 60 -23.75 21.79 23.49
N ASN F 61 -24.25 22.21 24.66
CA ASN F 61 -23.63 22.50 25.94
C ASN F 61 -24.24 21.60 27.01
N PRO F 62 -23.42 20.96 27.84
CA PRO F 62 -23.92 19.83 28.64
C PRO F 62 -24.82 20.23 29.79
N SER F 63 -24.69 21.45 30.30
CA SER F 63 -25.58 21.90 31.37
C SER F 63 -26.95 22.33 30.86
N LEU F 64 -27.14 22.37 29.55
CA LEU F 64 -28.42 22.72 28.98
C LEU F 64 -28.99 21.63 28.08
N LYS F 65 -28.23 20.59 27.80
CA LYS F 65 -28.44 19.56 26.79
C LYS F 65 -29.71 18.73 26.97
N SER F 66 -30.55 18.95 27.97
CA SER F 66 -31.84 18.27 28.01
C SER F 66 -32.99 19.17 27.58
N ARG F 67 -32.78 20.48 27.43
CA ARG F 67 -33.91 21.38 27.26
C ARG F 67 -33.64 22.50 26.25
N VAL F 68 -32.83 22.26 25.23
CA VAL F 68 -32.52 23.28 24.23
C VAL F 68 -32.57 22.67 22.84
N THR F 69 -33.31 23.33 21.92
CA THR F 69 -33.41 22.87 20.54
C THR F 69 -33.09 24.00 19.57
N ILE F 70 -32.28 23.70 18.56
CA ILE F 70 -31.95 24.63 17.48
C ILE F 70 -32.51 24.08 16.17
N SER F 71 -33.07 24.95 15.33
CA SER F 71 -33.62 24.51 14.05
C SER F 71 -33.44 25.57 12.97
N VAL F 72 -33.00 25.14 11.79
CA VAL F 72 -32.68 26.01 10.66
C VAL F 72 -33.78 25.89 9.59
N ASP F 73 -34.20 27.03 9.02
CA ASP F 73 -35.11 27.06 7.87
C ASP F 73 -34.43 27.80 6.73
N GLN F 74 -34.06 27.07 5.66
CA GLN F 74 -33.27 27.68 4.59
C GLN F 74 -34.12 28.50 3.64
N SER F 75 -35.42 28.20 3.57
CA SER F 75 -36.31 28.92 2.66
C SER F 75 -36.45 30.38 3.07
N LYS F 76 -36.96 30.61 4.27
CA LYS F 76 -36.96 31.96 4.83
C LYS F 76 -35.60 32.35 5.39
N SER F 77 -34.68 31.38 5.53
CA SER F 77 -33.31 31.57 6.00
C SER F 77 -33.28 32.21 7.40
N GLN F 78 -33.75 31.45 8.38
CA GLN F 78 -33.77 31.95 9.75
C GLN F 78 -33.59 30.78 10.72
N PHE F 79 -33.34 31.13 11.99
CA PHE F 79 -33.25 30.18 13.08
C PHE F 79 -34.39 30.31 14.05
N SER F 80 -34.87 29.17 14.51
CA SER F 80 -35.68 29.08 15.71
C SER F 80 -34.84 28.40 16.78
N LEU F 81 -34.52 29.14 17.85
CA LEU F 81 -33.98 28.55 19.07
C LEU F 81 -35.09 28.49 20.12
N LYS F 82 -35.28 27.29 20.69
CA LYS F 82 -36.36 27.05 21.64
C LYS F 82 -35.78 26.49 22.92
N LEU F 83 -35.99 27.21 24.02
CA LEU F 83 -35.65 26.74 25.36
C LEU F 83 -36.94 26.34 26.07
N THR F 84 -36.92 25.17 26.71
CA THR F 84 -38.08 24.69 27.43
C THR F 84 -37.74 24.47 28.90
N SER F 85 -38.79 24.41 29.72
CA SER F 85 -38.72 24.37 31.19
C SER F 85 -37.87 25.52 31.72
N VAL F 86 -38.34 26.73 31.46
CA VAL F 86 -37.57 27.94 31.77
C VAL F 86 -37.61 28.19 33.26
N THR F 87 -36.56 28.86 33.77
CA THR F 87 -36.44 29.23 35.17
C THR F 87 -36.14 30.72 35.26
N ALA F 88 -35.89 31.19 36.48
CA ALA F 88 -35.58 32.60 36.68
C ALA F 88 -34.09 32.91 36.58
N ALA F 89 -33.29 31.98 36.07
CA ALA F 89 -31.84 32.17 36.01
C ALA F 89 -31.31 32.24 34.58
N ASP F 90 -32.12 32.73 33.63
CA ASP F 90 -31.65 32.88 32.27
C ASP F 90 -32.14 34.18 31.64
N THR F 91 -32.41 35.19 32.47
CA THR F 91 -32.65 36.52 31.97
C THR F 91 -31.32 37.13 31.60
N ALA F 92 -31.21 37.57 30.35
CA ALA F 92 -29.91 37.82 29.76
C ALA F 92 -30.10 38.61 28.49
N VAL F 93 -29.01 39.13 27.95
CA VAL F 93 -29.00 39.61 26.58
C VAL F 93 -28.43 38.52 25.71
N TYR F 94 -29.24 38.07 24.75
CA TYR F 94 -28.95 36.92 23.91
C TYR F 94 -28.40 37.36 22.58
N TYR F 95 -27.56 36.52 21.99
CA TYR F 95 -26.89 36.84 20.76
C TYR F 95 -26.89 35.60 19.88
N CYS F 96 -26.94 35.79 18.58
CA CYS F 96 -26.58 34.76 17.62
C CYS F 96 -25.31 35.20 16.89
N LEU F 97 -24.27 34.40 17.03
CA LEU F 97 -22.99 34.60 16.38
C LEU F 97 -22.89 33.67 15.19
N ARG F 98 -22.19 34.12 14.14
CA ARG F 98 -21.88 33.29 12.99
C ARG F 98 -20.37 33.14 12.93
N LEU F 99 -19.86 31.92 13.09
CA LEU F 99 -18.42 31.70 13.22
C LEU F 99 -17.89 30.93 12.01
N SER F 100 -16.78 31.38 11.45
CA SER F 100 -16.26 30.83 10.21
C SER F 100 -14.78 30.55 10.34
N HIS F 101 -14.18 30.11 9.25
CA HIS F 101 -12.77 29.78 9.30
C HIS F 101 -11.92 31.03 9.23
N TYR F 102 -12.49 32.14 8.77
CA TYR F 102 -11.69 33.35 8.66
C TYR F 102 -12.12 34.41 9.68
N GLY F 103 -13.42 34.51 9.94
CA GLY F 103 -13.90 35.46 10.91
C GLY F 103 -15.21 35.00 11.53
N GLY F 104 -16.15 35.92 11.59
CA GLY F 104 -17.48 35.68 12.11
C GLY F 104 -18.16 37.02 12.20
N ALA F 105 -19.31 37.03 12.85
CA ALA F 105 -20.08 38.25 12.98
C ALA F 105 -21.09 38.08 14.09
N TRP F 106 -21.22 39.10 14.91
CA TRP F 106 -22.18 39.09 15.98
C TRP F 106 -23.41 39.82 15.54
N GLY F 107 -24.48 39.65 16.29
CA GLY F 107 -25.73 40.29 16.03
C GLY F 107 -25.95 41.49 16.91
N GLN F 108 -27.23 41.77 17.20
CA GLN F 108 -27.57 42.95 17.97
C GLN F 108 -28.05 42.63 19.38
N GLY F 109 -28.48 41.40 19.64
CA GLY F 109 -28.76 40.98 20.99
C GLY F 109 -30.12 41.40 21.45
N THR F 110 -30.82 40.51 22.12
CA THR F 110 -32.19 40.77 22.55
C THR F 110 -32.24 40.63 24.06
N LEU F 111 -32.85 41.60 24.74
CA LEU F 111 -33.03 41.51 26.17
C LEU F 111 -34.21 40.63 26.50
N VAL F 112 -34.00 39.61 27.33
CA VAL F 112 -35.06 38.69 27.70
C VAL F 112 -35.04 38.56 29.22
N THR F 113 -36.19 38.79 29.84
CA THR F 113 -36.35 38.72 31.28
C THR F 113 -37.31 37.59 31.63
N VAL F 114 -37.52 37.43 32.93
CA VAL F 114 -38.61 36.64 33.47
C VAL F 114 -39.38 37.53 34.44
N SER F 115 -40.50 37.01 34.95
CA SER F 115 -41.28 37.75 35.91
C SER F 115 -42.07 36.83 36.82
N SER G 4 -11.49 -7.79 -15.22
CA SER G 4 -10.76 -8.26 -14.04
C SER G 4 -9.68 -9.25 -14.43
N ILE G 5 -8.66 -9.34 -13.59
CA ILE G 5 -7.57 -10.30 -13.68
C ILE G 5 -8.09 -11.67 -13.29
N PRO G 6 -7.95 -12.71 -14.14
CA PRO G 6 -8.50 -14.02 -13.81
C PRO G 6 -7.83 -14.59 -12.58
N LEU G 7 -8.57 -15.41 -11.85
CA LEU G 7 -8.02 -16.01 -10.65
C LEU G 7 -8.28 -17.51 -10.69
N GLY G 8 -7.19 -18.26 -10.64
CA GLY G 8 -7.24 -19.71 -10.67
C GLY G 8 -7.60 -20.27 -9.32
N VAL G 9 -8.45 -21.29 -9.29
CA VAL G 9 -8.74 -21.89 -8.00
C VAL G 9 -8.68 -23.38 -8.23
N ILE G 10 -8.24 -24.09 -7.20
CA ILE G 10 -8.12 -25.53 -7.22
C ILE G 10 -9.36 -26.15 -6.62
N HIS G 11 -10.13 -26.88 -7.41
CA HIS G 11 -11.20 -27.65 -6.84
C HIS G 11 -11.10 -29.08 -7.36
N ASN G 12 -11.45 -30.03 -6.48
CA ASN G 12 -11.45 -31.49 -6.72
C ASN G 12 -10.19 -31.91 -7.45
N SER G 13 -9.06 -31.50 -6.88
CA SER G 13 -7.71 -31.75 -7.39
C SER G 13 -7.51 -31.34 -8.84
N ALA G 14 -8.11 -30.22 -9.25
CA ALA G 14 -8.05 -29.80 -10.64
C ALA G 14 -8.18 -28.29 -10.72
N LEU G 15 -7.35 -27.71 -11.58
CA LEU G 15 -7.35 -26.27 -11.82
C LEU G 15 -8.55 -25.79 -12.62
N GLN G 16 -9.21 -24.75 -12.13
CA GLN G 16 -10.34 -24.15 -12.82
C GLN G 16 -10.12 -22.65 -12.71
N VAL G 17 -10.73 -21.88 -13.59
CA VAL G 17 -10.76 -20.44 -13.44
C VAL G 17 -12.18 -20.00 -13.13
N SER G 18 -12.28 -19.12 -12.14
CA SER G 18 -13.52 -18.52 -11.73
C SER G 18 -13.11 -17.13 -11.27
N ASP G 19 -13.79 -16.12 -11.77
CA ASP G 19 -13.48 -14.74 -11.42
C ASP G 19 -14.21 -14.45 -10.11
N VAL G 20 -14.32 -13.20 -9.69
CA VAL G 20 -14.96 -12.99 -8.40
C VAL G 20 -16.46 -13.11 -8.67
N ASP G 21 -16.91 -14.37 -8.80
CA ASP G 21 -18.28 -14.84 -8.96
C ASP G 21 -18.41 -16.15 -8.19
N LYS G 22 -17.61 -16.32 -7.13
CA LYS G 22 -17.62 -17.52 -6.29
C LYS G 22 -18.80 -17.55 -5.34
N LEU G 23 -19.92 -16.97 -5.73
CA LEU G 23 -21.16 -17.02 -4.98
C LEU G 23 -21.88 -18.37 -5.13
N VAL G 24 -21.12 -19.46 -5.04
CA VAL G 24 -21.57 -20.84 -5.00
C VAL G 24 -21.42 -21.04 -3.51
N CYS G 25 -20.49 -20.24 -2.95
CA CYS G 25 -20.07 -20.09 -1.57
C CYS G 25 -19.40 -21.33 -0.97
N ARG G 26 -19.51 -22.51 -1.60
CA ARG G 26 -18.85 -23.68 -1.02
C ARG G 26 -17.34 -23.65 -1.24
N ASP G 27 -16.84 -22.92 -2.25
CA ASP G 27 -15.42 -22.62 -2.35
C ASP G 27 -15.06 -21.84 -1.10
N LYS G 28 -13.93 -22.15 -0.47
CA LYS G 28 -13.64 -21.50 0.79
C LYS G 28 -12.33 -20.74 0.73
N LEU G 29 -12.42 -19.45 1.03
CA LEU G 29 -11.29 -18.55 1.22
C LEU G 29 -11.47 -18.04 2.62
N SER G 30 -10.84 -18.71 3.58
CA SER G 30 -10.99 -18.34 4.97
C SER G 30 -9.84 -17.48 5.50
N SER G 31 -8.82 -17.19 4.69
CA SER G 31 -7.72 -16.37 5.19
C SER G 31 -6.88 -15.91 4.02
N THR G 32 -6.25 -14.76 4.21
CA THR G 32 -5.28 -14.21 3.27
C THR G 32 -4.01 -15.01 3.10
N ASN G 33 -3.66 -15.94 3.99
CA ASN G 33 -2.50 -16.79 3.69
C ASN G 33 -2.74 -17.68 2.48
N GLN G 34 -3.99 -17.99 2.16
CA GLN G 34 -4.38 -18.81 1.02
C GLN G 34 -4.19 -18.15 -0.35
N LEU G 35 -3.94 -16.86 -0.46
CA LEU G 35 -3.77 -16.28 -1.78
C LEU G 35 -2.31 -16.34 -2.19
N ARG G 36 -2.05 -16.84 -3.39
CA ARG G 36 -0.65 -16.92 -3.80
C ARG G 36 -0.47 -16.48 -5.24
N SER G 37 0.59 -15.75 -5.51
CA SER G 37 1.03 -15.47 -6.86
C SER G 37 2.33 -16.18 -7.19
N VAL G 38 2.44 -16.75 -8.39
CA VAL G 38 3.60 -17.55 -8.78
C VAL G 38 4.07 -17.14 -10.17
N GLY G 39 5.38 -16.98 -10.36
CA GLY G 39 5.94 -16.70 -11.67
C GLY G 39 6.44 -17.97 -12.31
N LEU G 40 5.95 -18.23 -13.51
CA LEU G 40 6.23 -19.43 -14.30
C LEU G 40 6.94 -19.05 -15.58
N ASN G 41 7.90 -19.86 -15.96
CA ASN G 41 8.78 -19.57 -17.08
C ASN G 41 8.15 -20.04 -18.39
N LEU G 42 8.26 -19.19 -19.41
CA LEU G 42 7.83 -19.48 -20.77
C LEU G 42 8.46 -20.75 -21.35
N GLU G 43 9.71 -21.04 -20.97
CA GLU G 43 10.44 -22.28 -21.20
C GLU G 43 9.64 -23.56 -21.17
N GLY G 44 8.78 -23.74 -20.17
CA GLY G 44 8.02 -24.96 -20.05
C GLY G 44 7.03 -25.22 -21.18
N ASN G 45 6.78 -24.24 -22.03
CA ASN G 45 5.98 -24.40 -23.24
C ASN G 45 6.82 -24.56 -24.51
N GLY G 46 8.13 -24.67 -24.40
CA GLY G 46 8.91 -25.01 -25.56
C GLY G 46 9.51 -23.90 -26.38
N VAL G 47 9.61 -22.69 -25.85
CA VAL G 47 10.20 -21.60 -26.62
C VAL G 47 11.69 -21.85 -26.73
N ALA G 48 12.28 -21.45 -27.86
CA ALA G 48 13.72 -21.58 -28.08
C ALA G 48 14.49 -20.76 -27.07
N THR G 49 15.44 -21.37 -26.40
CA THR G 49 16.09 -20.66 -25.33
C THR G 49 17.50 -20.19 -25.60
N ASP G 50 18.14 -20.68 -26.65
CA ASP G 50 19.42 -20.12 -27.09
C ASP G 50 19.29 -18.63 -27.36
N VAL G 51 20.37 -17.91 -27.07
CA VAL G 51 20.43 -16.44 -27.14
C VAL G 51 20.02 -15.81 -28.48
N PRO G 52 20.43 -16.27 -29.69
CA PRO G 52 19.95 -15.59 -30.91
C PRO G 52 18.45 -15.63 -31.13
N SER G 53 17.81 -16.76 -30.85
CA SER G 53 16.37 -16.80 -31.01
C SER G 53 15.66 -16.01 -29.93
N ALA G 54 16.11 -16.13 -28.69
CA ALA G 54 15.46 -15.46 -27.56
C ALA G 54 15.54 -13.94 -27.65
N THR G 55 16.70 -13.38 -27.99
CA THR G 55 16.88 -11.92 -27.98
C THR G 55 16.07 -11.20 -29.04
N LYS G 56 15.63 -11.86 -30.09
CA LYS G 56 14.75 -11.19 -31.04
C LYS G 56 13.39 -10.84 -30.46
N ARG G 57 12.99 -11.42 -29.33
CA ARG G 57 11.75 -11.02 -28.69
C ARG G 57 11.84 -9.73 -27.90
N TRP G 58 13.00 -9.12 -27.72
CA TRP G 58 13.07 -7.89 -26.96
C TRP G 58 13.41 -6.73 -27.88
N GLY G 59 12.89 -5.56 -27.55
CA GLY G 59 13.08 -4.40 -28.41
C GLY G 59 12.90 -3.11 -27.64
N PHE G 60 13.53 -2.06 -28.10
CA PHE G 60 13.50 -0.79 -27.40
C PHE G 60 12.31 0.04 -27.82
N ARG G 61 11.78 0.80 -26.87
CA ARG G 61 10.59 1.63 -27.05
C ARG G 61 10.69 2.76 -26.05
N SER G 62 10.34 3.96 -26.47
CA SER G 62 10.26 5.12 -25.59
C SER G 62 8.81 5.54 -25.34
N GLY G 63 8.62 6.36 -24.30
CA GLY G 63 7.31 6.91 -24.02
C GLY G 63 6.41 6.12 -23.10
N VAL G 64 6.74 4.89 -22.74
CA VAL G 64 5.90 4.06 -21.88
C VAL G 64 6.63 3.86 -20.55
N PRO G 65 6.10 4.39 -19.44
CA PRO G 65 6.74 4.21 -18.11
C PRO G 65 6.76 2.77 -17.64
N PRO G 66 7.87 2.33 -17.02
CA PRO G 66 7.95 0.97 -16.46
C PRO G 66 7.03 0.73 -15.27
N LYS G 67 6.71 -0.54 -15.05
CA LYS G 67 5.79 -0.97 -13.99
C LYS G 67 6.27 -2.29 -13.38
N VAL G 68 6.07 -2.50 -12.07
CA VAL G 68 6.58 -3.68 -11.35
C VAL G 68 5.45 -4.34 -10.55
N VAL G 69 5.41 -5.67 -10.53
CA VAL G 69 4.41 -6.43 -9.77
C VAL G 69 5.08 -7.61 -9.05
N ASN G 70 4.69 -7.87 -7.80
CA ASN G 70 5.31 -8.94 -7.02
C ASN G 70 4.70 -10.32 -7.28
N TYR G 71 5.48 -11.36 -6.97
CA TYR G 71 5.08 -12.77 -6.97
C TYR G 71 5.84 -13.52 -5.87
N GLU G 72 5.17 -14.51 -5.28
CA GLU G 72 5.65 -15.15 -4.06
C GLU G 72 6.48 -16.42 -4.23
N ALA G 73 6.30 -17.19 -5.31
CA ALA G 73 6.93 -18.49 -5.51
C ALA G 73 7.30 -18.64 -6.98
N GLY G 74 8.37 -19.37 -7.29
CA GLY G 74 8.80 -19.44 -8.67
C GLY G 74 9.23 -20.83 -9.10
N GLU G 75 9.66 -20.93 -10.35
CA GLU G 75 10.06 -22.17 -11.00
C GLU G 75 11.56 -22.11 -11.27
N TRP G 76 12.27 -23.22 -11.14
CA TRP G 76 13.68 -23.24 -11.48
C TRP G 76 13.87 -23.00 -12.95
N ALA G 77 14.78 -22.12 -13.29
CA ALA G 77 14.99 -21.79 -14.68
C ALA G 77 16.15 -22.65 -15.15
N GLU G 78 16.03 -23.16 -16.37
CA GLU G 78 17.17 -23.79 -17.01
C GLU G 78 18.14 -22.72 -17.50
N ASN G 79 17.62 -21.65 -18.09
CA ASN G 79 18.40 -20.60 -18.73
C ASN G 79 18.00 -19.24 -18.17
N CYS G 80 18.95 -18.48 -17.71
CA CYS G 80 18.74 -17.10 -17.34
C CYS G 80 19.71 -16.24 -18.13
N TYR G 81 19.48 -14.93 -18.15
CA TYR G 81 20.19 -13.99 -19.01
C TYR G 81 20.67 -12.77 -18.24
N ASN G 82 21.72 -12.15 -18.74
CA ASN G 82 22.37 -11.00 -18.09
C ASN G 82 22.91 -10.08 -19.19
N LEU G 83 22.39 -8.86 -19.33
CA LEU G 83 22.70 -8.05 -20.50
C LEU G 83 23.47 -6.82 -20.08
N GLU G 84 24.56 -6.55 -20.78
CA GLU G 84 25.42 -5.36 -20.72
C GLU G 84 25.50 -4.77 -22.12
N ILE G 85 24.53 -3.96 -22.49
CA ILE G 85 24.43 -3.42 -23.84
C ILE G 85 24.91 -1.99 -23.74
N LYS G 86 25.75 -1.59 -24.67
CA LYS G 86 26.22 -0.21 -24.67
C LYS G 86 25.77 0.48 -25.94
N LYS G 87 25.74 1.82 -25.89
CA LYS G 87 25.61 2.59 -27.11
C LYS G 87 26.97 2.66 -27.80
N PRO G 88 27.01 2.96 -29.11
CA PRO G 88 28.31 3.17 -29.78
C PRO G 88 29.17 4.24 -29.13
N ASP G 89 28.57 5.25 -28.52
CA ASP G 89 29.27 6.29 -27.76
C ASP G 89 29.66 5.79 -26.36
N GLY G 90 29.38 4.54 -26.03
CA GLY G 90 29.80 4.00 -24.75
C GLY G 90 28.81 4.24 -23.64
N SER G 91 27.78 5.03 -23.87
CA SER G 91 26.81 5.34 -22.83
C SER G 91 25.84 4.17 -22.68
N GLU G 92 25.28 4.04 -21.49
CA GLU G 92 24.45 2.87 -21.20
C GLU G 92 23.06 2.96 -21.84
N CYS G 93 22.63 1.84 -22.43
CA CYS G 93 21.32 1.66 -23.05
C CYS G 93 20.20 1.33 -22.09
N LEU G 94 20.48 0.68 -20.95
CA LEU G 94 19.49 0.11 -20.01
C LEU G 94 19.51 0.82 -18.64
N PRO G 95 18.38 0.93 -17.96
CA PRO G 95 18.41 1.65 -16.68
C PRO G 95 19.09 0.88 -15.57
N ALA G 96 19.64 1.62 -14.61
CA ALA G 96 20.24 1.04 -13.42
C ALA G 96 19.18 0.39 -12.56
N ALA G 97 19.56 -0.67 -11.88
CA ALA G 97 18.69 -1.39 -10.98
C ALA G 97 18.18 -0.53 -9.84
N PRO G 98 16.86 -0.39 -9.66
CA PRO G 98 16.33 0.18 -8.42
C PRO G 98 16.73 -0.61 -7.19
N ASP G 99 16.69 0.06 -6.05
CA ASP G 99 16.88 -0.57 -4.75
C ASP G 99 15.86 -1.69 -4.57
N GLY G 100 16.33 -2.86 -4.17
CA GLY G 100 15.45 -3.99 -3.94
C GLY G 100 15.15 -4.85 -5.15
N ILE G 101 15.88 -4.67 -6.25
CA ILE G 101 15.84 -5.56 -7.40
C ILE G 101 17.11 -6.40 -7.36
N ARG G 102 17.02 -7.67 -6.94
CA ARG G 102 18.17 -8.55 -7.00
C ARG G 102 17.98 -9.56 -8.13
N GLY G 103 19.05 -10.29 -8.48
CA GLY G 103 18.99 -11.24 -9.58
C GLY G 103 18.12 -12.44 -9.27
N PHE G 104 17.65 -13.13 -10.32
CA PHE G 104 16.87 -14.36 -10.14
C PHE G 104 17.68 -15.42 -9.40
N PRO G 105 17.15 -16.02 -8.33
CA PRO G 105 17.98 -16.81 -7.42
C PRO G 105 18.36 -18.21 -7.86
N ARG G 106 17.72 -18.80 -8.87
CA ARG G 106 17.96 -20.21 -9.25
C ARG G 106 18.11 -20.34 -10.76
N CYS G 107 19.34 -20.31 -11.24
CA CYS G 107 19.68 -20.46 -12.65
C CYS G 107 20.78 -21.49 -12.79
N ARG G 108 20.55 -22.50 -13.64
CA ARG G 108 21.62 -23.45 -13.90
C ARG G 108 22.67 -22.84 -14.80
N TYR G 109 22.26 -22.18 -15.87
CA TYR G 109 23.18 -21.52 -16.79
C TYR G 109 22.81 -20.06 -16.90
N VAL G 110 23.76 -19.17 -16.67
CA VAL G 110 23.54 -17.75 -16.88
C VAL G 110 24.22 -17.32 -18.17
N HIS G 111 23.42 -16.94 -19.16
CA HIS G 111 23.91 -16.50 -20.46
C HIS G 111 24.23 -15.03 -20.33
N LYS G 112 25.48 -14.69 -20.19
CA LYS G 112 25.88 -13.31 -19.96
C LYS G 112 26.21 -12.65 -21.28
N VAL G 113 25.39 -11.69 -21.70
CA VAL G 113 25.51 -11.04 -22.99
C VAL G 113 26.05 -9.63 -22.78
N SER G 114 27.15 -9.32 -23.44
CA SER G 114 27.72 -7.98 -23.46
C SER G 114 27.82 -7.48 -24.89
N GLY G 115 27.75 -6.17 -25.09
CA GLY G 115 27.94 -5.70 -26.44
C GLY G 115 27.33 -4.34 -26.70
N THR G 116 27.04 -4.11 -27.99
CA THR G 116 26.64 -2.80 -28.49
C THR G 116 25.39 -2.95 -29.37
N GLY G 117 24.60 -1.88 -29.42
CA GLY G 117 23.47 -1.79 -30.32
C GLY G 117 23.04 -0.35 -30.53
N PRO G 118 22.13 -0.11 -31.47
CA PRO G 118 21.63 1.27 -31.65
C PRO G 118 20.71 1.75 -30.55
N CYS G 119 19.99 0.84 -29.88
CA CYS G 119 19.15 1.10 -28.71
C CYS G 119 18.18 2.28 -28.90
N ALA G 120 17.31 2.16 -29.89
CA ALA G 120 16.45 3.28 -30.30
C ALA G 120 15.20 3.32 -29.41
N GLY G 121 15.42 3.65 -28.14
CA GLY G 121 14.34 3.67 -27.17
C GLY G 121 14.80 3.70 -25.73
N ASP G 122 13.96 4.27 -24.88
CA ASP G 122 14.34 4.45 -23.48
C ASP G 122 14.26 3.18 -22.65
N PHE G 123 13.39 2.24 -22.99
CA PHE G 123 13.31 1.02 -22.21
C PHE G 123 13.23 -0.18 -23.15
N ALA G 124 13.64 -1.34 -22.67
CA ALA G 124 13.55 -2.56 -23.46
C ALA G 124 12.33 -3.38 -23.04
N PHE G 125 11.43 -3.64 -23.98
CA PHE G 125 10.21 -4.39 -23.68
C PHE G 125 10.21 -5.73 -24.41
N HIS G 126 9.33 -6.60 -23.95
CA HIS G 126 9.08 -7.90 -24.56
C HIS G 126 8.02 -7.79 -25.64
N LYS G 127 8.37 -8.20 -26.87
CA LYS G 127 7.45 -8.06 -27.99
C LYS G 127 6.24 -8.96 -27.91
N GLU G 128 6.30 -10.04 -27.15
CA GLU G 128 5.12 -10.86 -27.00
C GLU G 128 4.34 -10.52 -25.75
N GLY G 129 4.72 -9.45 -25.06
CA GLY G 129 3.99 -9.04 -23.88
C GLY G 129 4.28 -9.77 -22.60
N ALA G 130 5.30 -10.63 -22.56
CA ALA G 130 5.69 -11.33 -21.35
C ALA G 130 6.45 -10.38 -20.41
N PHE G 131 6.79 -10.89 -19.23
CA PHE G 131 7.50 -10.14 -18.19
C PHE G 131 8.92 -10.63 -18.07
N PHE G 132 9.75 -9.80 -17.48
CA PHE G 132 11.07 -10.22 -17.04
C PHE G 132 11.03 -10.47 -15.53
N LEU G 133 11.27 -11.70 -15.09
CA LEU G 133 11.17 -12.08 -13.70
C LEU G 133 12.53 -11.97 -13.01
N TYR G 134 12.56 -11.26 -11.87
CA TYR G 134 13.68 -11.04 -10.97
C TYR G 134 13.38 -11.71 -9.62
N ASP G 135 14.10 -11.31 -8.58
CA ASP G 135 13.95 -11.85 -7.23
C ASP G 135 12.65 -11.37 -6.62
N ARG G 136 11.57 -12.12 -6.86
CA ARG G 136 10.20 -11.91 -6.37
C ARG G 136 9.60 -10.60 -6.83
N LEU G 137 10.12 -10.02 -7.90
CA LEU G 137 9.58 -8.83 -8.54
C LEU G 137 9.64 -9.03 -10.03
N ALA G 138 8.52 -8.83 -10.72
CA ALA G 138 8.44 -8.93 -12.16
C ALA G 138 8.33 -7.52 -12.72
N SER G 139 9.15 -7.23 -13.71
CA SER G 139 9.19 -5.92 -14.32
C SER G 139 8.86 -6.04 -15.79
N THR G 140 8.31 -4.99 -16.37
CA THR G 140 8.17 -4.97 -17.82
C THR G 140 9.48 -4.66 -18.53
N VAL G 141 10.52 -4.24 -17.82
CA VAL G 141 11.73 -3.76 -18.47
C VAL G 141 12.93 -4.53 -17.96
N ILE G 142 14.01 -4.49 -18.72
CA ILE G 142 15.28 -5.08 -18.40
C ILE G 142 16.08 -4.02 -17.66
N TYR G 143 16.60 -4.37 -16.50
CA TYR G 143 17.52 -3.55 -15.75
C TYR G 143 18.93 -4.02 -15.99
N ARG G 144 19.90 -3.13 -15.83
CA ARG G 144 21.28 -3.47 -16.10
C ARG G 144 21.83 -4.51 -15.15
N GLY G 145 22.53 -5.49 -15.70
CA GLY G 145 23.34 -6.40 -14.93
C GLY G 145 22.62 -7.27 -13.93
N THR G 146 21.34 -7.54 -14.14
CA THR G 146 20.54 -8.21 -13.13
C THR G 146 19.89 -9.41 -13.80
N THR G 147 20.22 -10.59 -13.31
CA THR G 147 19.82 -11.83 -13.95
C THR G 147 18.32 -12.06 -13.87
N PHE G 148 17.71 -12.37 -15.01
CA PHE G 148 16.27 -12.58 -15.10
C PHE G 148 15.90 -13.81 -15.89
N ALA G 149 14.69 -14.29 -15.67
CA ALA G 149 14.09 -15.30 -16.53
C ALA G 149 12.87 -14.69 -17.18
N GLU G 150 12.54 -15.09 -18.40
CA GLU G 150 11.32 -14.59 -19.00
C GLU G 150 10.13 -15.37 -18.49
N GLY G 151 9.08 -14.69 -18.12
CA GLY G 151 8.00 -15.46 -17.56
C GLY G 151 6.73 -14.67 -17.45
N VAL G 152 5.73 -15.30 -16.85
CA VAL G 152 4.42 -14.72 -16.70
C VAL G 152 3.91 -15.10 -15.32
N VAL G 153 2.92 -14.36 -14.81
CA VAL G 153 2.50 -14.47 -13.41
C VAL G 153 1.09 -15.02 -13.32
N ALA G 154 0.84 -15.91 -12.36
CA ALA G 154 -0.49 -16.41 -12.06
C ALA G 154 -0.92 -16.10 -10.63
N PHE G 155 -2.22 -16.05 -10.39
CA PHE G 155 -2.78 -15.83 -9.06
C PHE G 155 -3.70 -16.98 -8.73
N LEU G 156 -3.56 -17.55 -7.53
CA LEU G 156 -4.22 -18.77 -7.11
C LEU G 156 -4.87 -18.67 -5.74
N ILE G 157 -5.99 -19.36 -5.61
CA ILE G 157 -6.54 -19.79 -4.33
C ILE G 157 -6.08 -21.21 -4.06
N LEU G 158 -5.31 -21.38 -3.04
CA LEU G 158 -4.83 -22.63 -2.49
C LEU G 158 -5.93 -23.19 -1.62
N PRO G 159 -6.06 -24.51 -1.50
CA PRO G 159 -7.05 -25.05 -0.57
C PRO G 159 -6.69 -24.85 0.89
N GLN G 160 -7.74 -24.43 1.62
CA GLN G 160 -7.75 -24.07 3.03
C GLN G 160 -7.36 -25.19 3.97
N ALA G 161 -7.47 -26.45 3.56
CA ALA G 161 -6.96 -27.51 4.41
C ALA G 161 -5.44 -27.45 4.53
N LYS G 162 -4.93 -28.34 5.37
CA LYS G 162 -3.52 -28.44 5.73
C LYS G 162 -2.54 -28.77 4.62
N LYS G 163 -1.34 -29.17 5.07
CA LYS G 163 -0.12 -29.60 4.39
C LYS G 163 0.73 -28.43 3.87
N ASP G 164 0.17 -27.20 3.75
CA ASP G 164 0.94 -26.03 3.26
C ASP G 164 1.57 -26.35 1.90
N PHE G 165 0.69 -26.61 0.91
CA PHE G 165 0.89 -27.06 -0.49
C PHE G 165 2.33 -27.25 -0.97
N PHE G 166 3.21 -26.30 -0.77
CA PHE G 166 4.54 -26.56 -1.29
C PHE G 166 5.33 -27.44 -0.31
N SER G 167 6.62 -27.64 -0.63
CA SER G 167 7.59 -28.41 0.19
C SER G 167 7.25 -29.89 0.21
N SER G 168 6.61 -30.40 -0.85
CA SER G 168 6.16 -31.79 -0.87
C SER G 168 7.30 -32.78 -1.11
N HIS G 169 8.49 -32.29 -1.41
CA HIS G 169 9.67 -33.11 -1.62
C HIS G 169 10.86 -32.36 -1.04
N PRO G 170 12.00 -33.03 -0.85
CA PRO G 170 13.22 -32.25 -0.72
C PRO G 170 13.83 -31.90 -2.07
N TYR G 186 22.93 -24.20 -7.81
CA TYR G 186 24.23 -24.22 -8.47
C TYR G 186 24.15 -23.32 -9.69
N SER G 187 25.14 -22.44 -9.91
CA SER G 187 25.08 -21.49 -11.01
C SER G 187 26.38 -21.52 -11.81
N THR G 188 26.25 -21.41 -13.12
CA THR G 188 27.39 -21.52 -14.04
C THR G 188 27.30 -20.35 -15.01
N THR G 189 28.37 -19.60 -15.16
CA THR G 189 28.35 -18.48 -16.08
C THR G 189 28.82 -18.91 -17.47
N ILE G 190 27.99 -18.64 -18.47
CA ILE G 190 28.31 -18.88 -19.87
C ILE G 190 28.27 -17.50 -20.49
N ARG G 191 29.41 -17.00 -20.97
CA ARG G 191 29.43 -15.61 -21.40
C ARG G 191 29.32 -15.48 -22.93
N TYR G 192 28.59 -14.46 -23.40
CA TYR G 192 28.41 -14.20 -24.83
C TYR G 192 28.59 -12.71 -25.14
N GLN G 193 29.08 -12.42 -26.34
CA GLN G 193 29.08 -11.09 -26.91
C GLN G 193 28.07 -10.95 -28.05
N ALA G 194 27.44 -9.78 -28.16
CA ALA G 194 26.42 -9.52 -29.17
C ALA G 194 26.66 -8.16 -29.79
N THR G 195 26.39 -8.03 -31.09
CA THR G 195 26.36 -6.74 -31.76
C THR G 195 25.04 -6.59 -32.52
N GLY G 196 24.59 -5.33 -32.66
CA GLY G 196 23.32 -5.00 -33.31
C GLY G 196 22.09 -5.56 -32.64
N PHE G 197 22.06 -5.54 -31.32
CA PHE G 197 20.98 -6.11 -30.52
C PHE G 197 19.64 -5.43 -30.76
N GLY G 198 18.60 -6.25 -30.85
CA GLY G 198 17.24 -5.80 -31.05
C GLY G 198 16.93 -5.33 -32.44
N THR G 199 17.68 -5.80 -33.44
CA THR G 199 17.53 -5.40 -34.84
C THR G 199 17.45 -6.64 -35.72
N ASN G 200 17.41 -6.38 -37.03
CA ASN G 200 17.49 -7.45 -38.01
C ASN G 200 18.89 -8.05 -38.08
N GLU G 201 19.92 -7.20 -37.94
CA GLU G 201 21.31 -7.60 -38.08
C GLU G 201 21.95 -7.91 -36.73
N THR G 202 21.33 -8.85 -35.99
CA THR G 202 21.97 -9.24 -34.75
C THR G 202 23.05 -10.28 -35.07
N GLU G 203 24.20 -10.15 -34.44
CA GLU G 203 25.29 -11.10 -34.56
C GLU G 203 25.70 -11.52 -33.17
N TYR G 204 25.91 -12.83 -32.98
CA TYR G 204 26.23 -13.37 -31.66
C TYR G 204 27.55 -14.12 -31.71
N LEU G 205 28.33 -13.98 -30.65
CA LEU G 205 29.57 -14.72 -30.48
C LEU G 205 29.55 -15.34 -29.09
N PHE G 206 29.81 -16.64 -29.00
CA PHE G 206 30.00 -17.25 -27.70
C PHE G 206 31.43 -17.05 -27.23
N GLU G 207 31.60 -16.63 -25.97
CA GLU G 207 32.89 -16.27 -25.41
C GLU G 207 33.54 -17.50 -24.79
N VAL G 208 34.69 -17.87 -25.32
CA VAL G 208 35.47 -18.95 -24.72
C VAL G 208 36.43 -18.38 -23.67
N ASP G 209 37.18 -17.35 -24.03
CA ASP G 209 37.83 -16.51 -23.03
C ASP G 209 37.77 -15.06 -23.51
N ASN G 210 38.48 -14.18 -22.81
CA ASN G 210 38.44 -12.75 -23.09
C ASN G 210 39.07 -12.38 -24.43
N LEU G 211 39.90 -13.25 -25.00
CA LEU G 211 40.50 -13.01 -26.31
C LEU G 211 40.23 -14.11 -27.32
N THR G 212 39.41 -15.11 -26.98
CA THR G 212 39.06 -16.22 -27.87
C THR G 212 37.55 -16.37 -27.93
N TYR G 213 36.97 -16.27 -29.12
CA TYR G 213 35.52 -16.32 -29.28
C TYR G 213 35.19 -17.33 -30.40
N VAL G 214 33.93 -17.77 -30.44
CA VAL G 214 33.41 -18.64 -31.49
C VAL G 214 32.11 -18.08 -32.05
N GLN G 215 31.95 -18.15 -33.37
CA GLN G 215 30.73 -17.63 -33.99
C GLN G 215 29.58 -18.59 -33.65
N LEU G 216 28.50 -18.05 -33.08
CA LEU G 216 27.42 -18.84 -32.48
C LEU G 216 26.33 -19.25 -33.46
N GLU G 217 25.85 -20.49 -33.31
CA GLU G 217 24.70 -21.01 -34.04
C GLU G 217 23.59 -21.33 -33.05
N SER G 218 22.35 -21.29 -33.55
CA SER G 218 21.16 -21.64 -32.77
C SER G 218 21.14 -23.06 -32.23
N ARG G 219 21.70 -24.01 -32.97
CA ARG G 219 21.65 -25.44 -32.61
C ARG G 219 22.49 -25.83 -31.41
N PHE G 220 23.29 -24.95 -30.84
CA PHE G 220 24.12 -25.34 -29.70
C PHE G 220 23.31 -25.26 -28.41
N THR G 221 23.18 -26.42 -27.74
CA THR G 221 22.54 -26.53 -26.44
C THR G 221 23.60 -26.14 -25.41
N PRO G 222 23.21 -25.75 -24.18
CA PRO G 222 24.27 -25.51 -23.16
C PRO G 222 25.19 -26.68 -22.83
N GLN G 223 24.70 -27.92 -22.76
CA GLN G 223 25.55 -29.05 -22.40
C GLN G 223 26.56 -29.36 -23.50
N PHE G 224 26.10 -29.21 -24.74
CA PHE G 224 26.96 -29.36 -25.91
C PHE G 224 28.03 -28.25 -25.90
N LEU G 225 27.63 -27.02 -25.56
CA LEU G 225 28.62 -25.93 -25.43
C LEU G 225 29.68 -26.27 -24.39
N LEU G 226 29.27 -26.78 -23.22
CA LEU G 226 30.28 -27.13 -22.21
C LEU G 226 31.16 -28.29 -22.65
N GLN G 227 30.64 -29.27 -23.42
CA GLN G 227 31.52 -30.33 -23.90
C GLN G 227 32.54 -29.77 -24.91
N LEU G 228 32.11 -28.87 -25.83
CA LEU G 228 33.09 -28.22 -26.72
C LEU G 228 34.15 -27.46 -25.92
N ASN G 229 33.73 -26.74 -24.88
CA ASN G 229 34.65 -26.02 -24.02
C ASN G 229 35.65 -26.95 -23.33
N GLU G 230 35.17 -28.08 -22.80
CA GLU G 230 36.12 -29.00 -22.17
C GLU G 230 37.06 -29.63 -23.20
N THR G 231 36.58 -29.89 -24.42
CA THR G 231 37.46 -30.39 -25.47
C THR G 231 38.52 -29.38 -25.91
N ILE G 232 38.13 -28.10 -26.12
CA ILE G 232 39.08 -27.05 -26.49
C ILE G 232 40.09 -26.81 -25.36
N TYR G 233 39.63 -26.80 -24.10
CA TYR G 233 40.50 -26.61 -22.94
C TYR G 233 41.52 -27.74 -22.81
N THR G 234 41.08 -28.98 -22.93
CA THR G 234 41.97 -30.13 -22.76
C THR G 234 42.88 -30.38 -23.95
N SER G 235 42.42 -30.11 -25.18
CA SER G 235 43.28 -30.26 -26.36
C SER G 235 44.42 -29.23 -26.50
N GLY G 236 44.35 -28.08 -25.85
CA GLY G 236 45.48 -27.17 -25.97
C GLY G 236 45.43 -26.38 -27.27
N LYS G 237 44.26 -25.85 -27.57
CA LYS G 237 43.95 -25.09 -28.77
C LYS G 237 43.68 -23.62 -28.45
N ARG G 238 44.34 -23.10 -27.41
CA ARG G 238 44.27 -21.68 -27.11
C ARG G 238 45.20 -20.83 -27.99
N SER G 239 44.89 -19.52 -27.97
CA SER G 239 45.65 -18.50 -28.67
C SER G 239 47.03 -18.31 -28.05
N ASN G 240 48.07 -18.38 -28.86
CA ASN G 240 49.41 -18.09 -28.38
C ASN G 240 49.85 -16.86 -29.17
N THR G 241 49.01 -15.82 -29.17
CA THR G 241 49.25 -14.65 -30.02
C THR G 241 48.38 -13.49 -29.56
N THR G 242 48.93 -12.29 -29.75
CA THR G 242 48.24 -11.03 -29.47
C THR G 242 46.91 -10.86 -30.19
N GLY G 243 46.77 -11.41 -31.40
CA GLY G 243 45.57 -11.20 -32.18
C GLY G 243 44.44 -12.16 -31.90
N LYS G 244 43.32 -11.89 -32.57
CA LYS G 244 42.05 -12.55 -32.30
C LYS G 244 41.95 -13.81 -33.14
N LEU G 245 41.63 -14.93 -32.50
CA LEU G 245 41.45 -16.21 -33.17
C LEU G 245 39.96 -16.52 -33.14
N ILE G 246 39.34 -16.52 -34.32
CA ILE G 246 37.91 -16.78 -34.47
C ILE G 246 37.78 -18.15 -35.15
N TRP G 247 37.36 -19.13 -34.37
CA TRP G 247 37.06 -20.45 -34.90
C TRP G 247 35.71 -20.42 -35.60
N LYS G 248 35.51 -21.33 -36.55
CA LYS G 248 34.24 -21.40 -37.22
C LYS G 248 33.75 -22.84 -37.29
N VAL G 249 32.42 -22.97 -37.36
CA VAL G 249 31.73 -24.27 -37.36
C VAL G 249 30.90 -24.34 -38.63
N ASN G 250 31.37 -25.10 -39.62
CA ASN G 250 30.63 -25.24 -40.87
C ASN G 250 29.37 -26.09 -40.65
N PRO G 251 28.30 -25.87 -41.44
CA PRO G 251 26.98 -26.44 -41.09
C PRO G 251 26.94 -27.97 -41.03
N GLU G 252 27.89 -28.63 -41.70
CA GLU G 252 28.11 -30.06 -41.86
C GLU G 252 28.60 -30.76 -40.59
N ILE G 253 28.84 -29.99 -39.54
CA ILE G 253 29.09 -30.51 -38.20
C ILE G 253 27.78 -31.03 -37.63
N ASP G 254 27.83 -32.24 -37.06
CA ASP G 254 26.64 -32.84 -36.47
C ASP G 254 26.31 -32.11 -35.17
N THR G 255 25.01 -32.03 -34.89
CA THR G 255 24.50 -31.46 -33.65
C THR G 255 23.26 -32.22 -33.18
N THR G 256 23.01 -32.11 -31.88
CA THR G 256 21.85 -32.71 -31.23
C THR G 256 20.58 -31.95 -31.56
N SER G 275 34.84 -34.67 -27.62
CA SER G 275 35.61 -35.87 -27.90
C SER G 275 36.89 -35.52 -28.67
N GLU G 276 37.69 -36.52 -29.02
CA GLU G 276 38.93 -36.34 -29.78
C GLU G 276 38.70 -36.46 -31.30
N GLU G 277 37.47 -36.19 -31.74
CA GLU G 277 37.11 -36.32 -33.15
C GLU G 277 37.13 -34.99 -33.90
N LEU G 278 37.26 -33.84 -33.23
CA LEU G 278 37.29 -32.54 -33.90
C LEU G 278 38.72 -32.17 -34.24
N SER G 279 38.97 -31.88 -35.52
CA SER G 279 40.27 -31.42 -36.02
C SER G 279 40.21 -29.95 -36.43
N PHE G 280 41.11 -29.14 -35.87
CA PHE G 280 41.11 -27.71 -36.09
C PHE G 280 42.20 -27.33 -37.09
N THR G 281 41.87 -26.39 -37.98
CA THR G 281 42.78 -25.95 -39.02
C THR G 281 42.61 -24.46 -39.25
N VAL G 282 43.71 -23.72 -39.22
CA VAL G 282 43.70 -22.26 -39.32
C VAL G 282 43.81 -21.88 -40.79
N VAL G 283 42.91 -21.00 -41.23
CA VAL G 283 42.91 -20.51 -42.61
C VAL G 283 43.95 -19.41 -42.76
N UNK G 284 46.44 -8.50 -36.37
CA UNK G 284 45.11 -8.08 -36.80
C UNK G 284 44.07 -9.12 -36.39
N UNK G 285 43.77 -10.03 -37.31
CA UNK G 285 42.79 -11.08 -37.05
C UNK G 285 43.16 -12.36 -37.81
N UNK G 286 42.56 -13.47 -37.39
CA UNK G 286 42.83 -14.76 -38.02
C UNK G 286 41.62 -15.68 -37.91
N UNK G 287 41.09 -16.08 -39.05
CA UNK G 287 39.94 -16.99 -39.10
C UNK G 287 40.41 -18.44 -39.20
N UNK G 288 39.70 -19.33 -38.51
CA UNK G 288 40.03 -20.75 -38.53
C UNK G 288 38.83 -21.59 -38.92
N UNK G 289 38.92 -22.89 -38.70
CA UNK G 289 37.84 -23.82 -39.02
C UNK G 289 37.89 -25.05 -38.13
N UNK G 290 36.75 -25.71 -37.97
CA UNK G 290 36.65 -26.91 -37.16
C UNK G 290 35.82 -27.98 -37.87
N UNK G 291 36.48 -29.05 -38.30
CA UNK G 291 35.81 -30.13 -39.01
C UNK G 291 35.78 -31.41 -38.16
N UNK G 292 35.07 -32.42 -38.66
CA UNK G 292 34.96 -33.69 -37.96
C UNK G 292 35.83 -34.75 -38.62
N SER H 4 1.21 -16.10 12.73
CA SER H 4 0.67 -14.75 12.73
C SER H 4 1.30 -13.91 13.84
N ILE H 5 1.31 -12.60 13.62
CA ILE H 5 1.74 -11.58 14.58
C ILE H 5 0.69 -11.48 15.68
N PRO H 6 1.06 -11.63 16.97
CA PRO H 6 0.07 -11.58 18.03
C PRO H 6 -0.58 -10.22 18.11
N LEU H 7 -1.83 -10.20 18.57
CA LEU H 7 -2.53 -8.94 18.66
C LEU H 7 -3.14 -8.84 20.05
N GLY H 8 -2.75 -7.80 20.77
CA GLY H 8 -3.22 -7.54 22.11
C GLY H 8 -4.59 -6.92 22.10
N VAL H 9 -5.46 -7.34 22.99
CA VAL H 9 -6.76 -6.68 23.05
C VAL H 9 -7.04 -6.46 24.52
N ILE H 10 -7.73 -5.36 24.79
CA ILE H 10 -8.10 -4.97 26.13
C ILE H 10 -9.49 -5.46 26.42
N HIS H 11 -9.64 -6.36 27.38
CA HIS H 11 -10.97 -6.69 27.83
C HIS H 11 -10.99 -6.62 29.36
N ASN H 12 -12.13 -6.17 29.88
CA ASN H 12 -12.43 -6.00 31.32
C ASN H 12 -11.26 -5.34 32.04
N SER H 13 -10.84 -4.21 31.47
CA SER H 13 -9.72 -3.38 31.94
C SER H 13 -8.41 -4.18 32.12
N ALA H 14 -8.14 -5.13 31.23
CA ALA H 14 -6.98 -5.99 31.38
C ALA H 14 -6.51 -6.46 30.02
N LEU H 15 -5.20 -6.43 29.83
CA LEU H 15 -4.56 -6.88 28.60
C LEU H 15 -4.59 -8.39 28.43
N GLN H 16 -5.02 -8.86 27.26
CA GLN H 16 -5.03 -10.27 26.92
C GLN H 16 -4.49 -10.35 25.52
N VAL H 17 -3.99 -11.51 25.13
CA VAL H 17 -3.66 -11.76 23.73
C VAL H 17 -4.63 -12.77 23.16
N SER H 18 -5.11 -12.47 21.97
CA SER H 18 -5.97 -13.34 21.21
C SER H 18 -5.60 -13.04 19.78
N ASP H 19 -5.35 -14.09 19.01
CA ASP H 19 -4.96 -13.94 17.61
C ASP H 19 -6.26 -13.81 16.82
N VAL H 20 -6.23 -13.92 15.50
CA VAL H 20 -7.49 -13.72 14.79
C VAL H 20 -8.27 -15.02 14.96
N ASP H 21 -8.86 -15.18 16.15
CA ASP H 21 -9.74 -16.23 16.61
C ASP H 21 -10.78 -15.61 17.52
N LYS H 22 -11.12 -14.33 17.28
CA LYS H 22 -12.10 -13.59 18.08
C LYS H 22 -13.51 -13.95 17.69
N LEU H 23 -13.74 -15.19 17.27
CA LEU H 23 -15.08 -15.70 16.99
C LEU H 23 -15.85 -16.07 18.27
N VAL H 24 -15.79 -15.18 19.26
CA VAL H 24 -16.54 -15.21 20.51
C VAL H 24 -17.58 -14.19 20.12
N CYS H 25 -17.15 -13.30 19.21
CA CYS H 25 -17.81 -12.20 18.55
C CYS H 25 -18.23 -11.06 19.49
N ARG H 26 -18.22 -11.26 20.82
CA ARG H 26 -18.61 -10.15 21.69
C ARG H 26 -17.50 -9.10 21.80
N ASP H 27 -16.24 -9.46 21.52
CA ASP H 27 -15.19 -8.47 21.33
C ASP H 27 -15.61 -7.62 20.14
N LYS H 28 -15.45 -6.31 20.21
CA LYS H 28 -15.97 -5.48 19.15
C LYS H 28 -14.88 -4.65 18.51
N LEU H 29 -14.72 -4.84 17.21
CA LEU H 29 -13.88 -4.04 16.34
C LEU H 29 -14.82 -3.46 15.31
N SER H 30 -15.34 -2.27 15.59
CA SER H 30 -16.30 -1.64 14.71
C SER H 30 -15.69 -0.63 13.75
N SER H 31 -14.39 -0.36 13.82
CA SER H 31 -13.80 0.61 12.92
C SER H 31 -12.29 0.49 12.97
N THR H 32 -11.67 0.85 11.85
CA THR H 32 -10.22 0.93 11.74
C THR H 32 -9.56 2.01 12.58
N ASN H 33 -10.28 3.00 13.11
CA ASN H 33 -9.61 3.91 14.05
C ASN H 33 -9.18 3.21 15.33
N GLN H 34 -9.83 2.11 15.70
CA GLN H 34 -9.51 1.32 16.87
C GLN H 34 -8.22 0.53 16.80
N LEU H 35 -7.57 0.38 15.66
CA LEU H 35 -6.33 -0.38 15.63
C LEU H 35 -5.14 0.53 15.89
N ARG H 36 -4.28 0.15 16.83
CA ARG H 36 -3.15 1.02 17.10
C ARG H 36 -1.86 0.24 17.26
N SER H 37 -0.79 0.75 16.72
CA SER H 37 0.55 0.24 17.00
C SER H 37 1.37 1.22 17.82
N VAL H 38 2.11 0.73 18.81
CA VAL H 38 2.84 1.58 19.74
C VAL H 38 4.27 1.05 19.91
N GLY H 39 5.26 1.93 19.88
CA GLY H 39 6.64 1.54 20.13
C GLY H 39 7.00 1.85 21.58
N LEU H 40 7.48 0.81 22.26
CA LEU H 40 7.82 0.84 23.67
C LEU H 40 9.31 0.55 23.85
N ASN H 41 9.92 1.26 24.77
CA ASN H 41 11.36 1.23 24.96
C ASN H 41 11.75 0.08 25.88
N LEU H 42 12.83 -0.61 25.49
CA LEU H 42 13.44 -1.68 26.28
C LEU H 42 13.84 -1.26 27.69
N GLU H 43 14.26 0.00 27.85
CA GLU H 43 14.47 0.72 29.10
C GLU H 43 13.54 0.38 30.25
N GLY H 44 12.24 0.33 30.00
CA GLY H 44 11.28 0.08 31.06
C GLY H 44 11.40 -1.30 31.70
N ASN H 45 12.17 -2.22 31.11
CA ASN H 45 12.49 -3.51 31.69
C ASN H 45 13.86 -3.56 32.37
N GLY H 46 14.56 -2.44 32.46
CA GLY H 46 15.77 -2.43 33.25
C GLY H 46 17.08 -2.68 32.56
N VAL H 47 17.15 -2.55 31.24
CA VAL H 47 18.41 -2.78 30.55
C VAL H 47 19.34 -1.62 30.88
N ALA H 48 20.65 -1.90 30.95
CA ALA H 48 21.65 -0.88 31.21
C ALA H 48 21.68 0.14 30.08
N THR H 49 21.59 1.41 30.43
CA THR H 49 21.45 2.39 29.38
C THR H 49 22.67 3.22 29.09
N ASP H 50 23.68 3.22 29.97
CA ASP H 50 24.95 3.85 29.66
C ASP H 50 25.54 3.27 28.39
N VAL H 51 26.24 4.13 27.64
CA VAL H 51 26.79 3.81 26.32
C VAL H 51 27.71 2.58 26.25
N PRO H 52 28.68 2.30 27.14
CA PRO H 52 29.46 1.06 26.98
C PRO H 52 28.67 -0.24 27.05
N SER H 53 27.71 -0.34 27.96
CA SER H 53 26.92 -1.55 28.01
C SER H 53 25.97 -1.64 26.84
N ALA H 54 25.31 -0.54 26.49
CA ALA H 54 24.33 -0.52 25.42
C ALA H 54 24.92 -0.86 24.05
N THR H 55 26.07 -0.26 23.71
CA THR H 55 26.64 -0.43 22.37
C THR H 55 27.13 -1.84 22.07
N LYS H 56 27.39 -2.65 23.08
CA LYS H 56 27.74 -4.04 22.79
C LYS H 56 26.58 -4.84 22.21
N ARG H 57 25.35 -4.37 22.29
CA ARG H 57 24.24 -5.05 21.64
C ARG H 57 24.15 -4.81 20.14
N TRP H 58 24.94 -3.92 19.55
CA TRP H 58 24.84 -3.68 18.12
C TRP H 58 26.08 -4.20 17.43
N GLY H 59 25.89 -4.67 16.20
CA GLY H 59 26.99 -5.28 15.46
C GLY H 59 26.74 -5.24 13.98
N PHE H 60 27.80 -5.26 13.20
CA PHE H 60 27.68 -5.14 11.77
C PHE H 60 27.52 -6.50 11.11
N ARG H 61 26.75 -6.52 10.03
CA ARG H 61 26.40 -7.73 9.30
C ARG H 61 26.11 -7.32 7.87
N SER H 62 26.58 -8.11 6.92
CA SER H 62 26.27 -7.90 5.50
C SER H 62 25.32 -8.98 4.97
N GLY H 63 24.73 -8.71 3.82
CA GLY H 63 23.89 -9.67 3.16
C GLY H 63 22.41 -9.68 3.50
N VAL H 64 21.98 -8.94 4.51
CA VAL H 64 20.57 -8.92 4.92
C VAL H 64 20.01 -7.53 4.61
N PRO H 65 19.06 -7.41 3.68
CA PRO H 65 18.43 -6.10 3.35
C PRO H 65 17.65 -5.49 4.51
N PRO H 66 17.75 -4.17 4.71
CA PRO H 66 16.97 -3.49 5.76
C PRO H 66 15.47 -3.46 5.49
N LYS H 67 14.70 -3.31 6.57
CA LYS H 67 13.24 -3.32 6.52
C LYS H 67 12.69 -2.30 7.51
N VAL H 68 11.55 -1.66 7.21
CA VAL H 68 10.98 -0.58 8.03
C VAL H 68 9.49 -0.85 8.29
N VAL H 69 9.03 -0.59 9.51
CA VAL H 69 7.62 -0.76 9.89
C VAL H 69 7.14 0.43 10.73
N ASN H 70 5.93 0.93 10.46
CA ASN H 70 5.41 2.09 11.17
C ASN H 70 4.78 1.76 12.53
N TYR H 71 4.71 2.78 13.40
CA TYR H 71 4.00 2.77 14.69
C TYR H 71 3.45 4.16 14.97
N GLU H 72 2.30 4.20 15.64
CA GLU H 72 1.51 5.42 15.78
C GLU H 72 1.75 6.25 17.05
N ALA H 73 2.16 5.65 18.16
CA ALA H 73 2.29 6.30 19.46
C ALA H 73 3.52 5.77 20.17
N GLY H 74 4.17 6.58 21.00
CA GLY H 74 5.40 6.12 21.62
C GLY H 74 5.52 6.51 23.07
N GLU H 75 6.66 6.14 23.66
CA GLU H 75 6.97 6.34 25.06
C GLU H 75 8.12 7.35 25.16
N TRP H 76 8.10 8.23 26.16
CA TRP H 76 9.22 9.14 26.35
C TRP H 76 10.47 8.38 26.71
N ALA H 77 11.56 8.70 26.05
CA ALA H 77 12.78 7.98 26.30
C ALA H 77 13.57 8.79 27.30
N GLU H 78 14.20 8.11 28.24
CA GLU H 78 15.17 8.76 29.10
C GLU H 78 16.46 9.00 28.34
N ASN H 79 16.90 8.02 27.56
CA ASN H 79 18.18 8.03 26.85
C ASN H 79 17.96 7.74 25.38
N CYS H 80 18.48 8.60 24.53
CA CYS H 80 18.52 8.35 23.11
C CYS H 80 19.97 8.47 22.65
N TYR H 81 20.26 7.99 21.44
CA TYR H 81 21.61 7.85 20.93
C TYR H 81 21.74 8.40 19.52
N ASN H 82 22.96 8.80 19.17
CA ASN H 82 23.26 9.43 17.89
C ASN H 82 24.68 9.02 17.48
N LEU H 83 24.84 8.27 16.39
CA LEU H 83 26.14 7.65 16.10
C LEU H 83 26.71 8.24 14.82
N GLU H 84 27.98 8.63 14.89
CA GLU H 84 28.83 9.07 13.80
C GLU H 84 30.09 8.20 13.79
N ILE H 85 30.01 7.05 13.15
CA ILE H 85 31.08 6.06 13.17
C ILE H 85 31.77 6.19 11.83
N LYS H 86 33.09 6.22 11.83
CA LYS H 86 33.82 6.30 10.58
C LYS H 86 34.67 5.04 10.41
N LYS H 87 35.05 4.77 9.18
CA LYS H 87 36.08 3.78 8.92
C LYS H 87 37.44 4.43 9.16
N PRO H 88 38.49 3.63 9.39
CA PRO H 88 39.85 4.21 9.50
C PRO H 88 40.28 5.04 8.29
N ASP H 89 39.78 4.70 7.10
CA ASP H 89 39.99 5.48 5.88
C ASP H 89 39.08 6.70 5.80
N GLY H 90 38.27 6.95 6.82
CA GLY H 90 37.44 8.13 6.85
C GLY H 90 36.10 7.96 6.17
N SER H 91 35.88 6.84 5.48
CA SER H 91 34.64 6.61 4.78
C SER H 91 33.56 6.21 5.77
N GLU H 92 32.32 6.49 5.42
CA GLU H 92 31.23 6.25 6.35
C GLU H 92 30.85 4.78 6.48
N CYS H 93 30.64 4.34 7.72
CA CYS H 93 30.21 2.99 8.08
C CYS H 93 28.72 2.74 7.98
N LEU H 94 27.86 3.77 8.15
CA LEU H 94 26.40 3.67 8.28
C LEU H 94 25.67 4.33 7.11
N PRO H 95 24.51 3.82 6.69
CA PRO H 95 23.84 4.42 5.54
C PRO H 95 23.23 5.77 5.85
N ALA H 96 23.12 6.61 4.82
CA ALA H 96 22.46 7.90 4.92
C ALA H 96 20.97 7.70 5.15
N ALA H 97 20.39 8.63 5.88
CA ALA H 97 18.96 8.63 6.16
C ALA H 97 18.11 8.71 4.91
N PRO H 98 17.21 7.75 4.67
CA PRO H 98 16.17 7.93 3.65
C PRO H 98 15.28 9.13 3.93
N ASP H 99 14.66 9.62 2.86
CA ASP H 99 13.65 10.67 2.95
C ASP H 99 12.53 10.22 3.88
N GLY H 100 12.16 11.07 4.83
CA GLY H 100 11.08 10.75 5.75
C GLY H 100 11.49 10.00 7.00
N ILE H 101 12.78 9.90 7.28
CA ILE H 101 13.31 9.38 8.55
C ILE H 101 13.80 10.59 9.35
N ARG H 102 13.03 11.02 10.35
CA ARG H 102 13.51 12.08 11.22
C ARG H 102 13.88 11.50 12.59
N GLY H 103 14.56 12.29 13.42
CA GLY H 103 15.00 11.82 14.72
C GLY H 103 13.86 11.56 15.68
N PHE H 104 14.09 10.73 16.70
CA PHE H 104 13.09 10.50 17.75
C PHE H 104 12.72 11.79 18.47
N PRO H 105 11.44 12.11 18.59
CA PRO H 105 11.05 13.48 18.99
C PRO H 105 11.16 13.82 20.47
N ARG H 106 11.29 12.86 21.38
CA ARG H 106 11.26 13.13 22.83
C ARG H 106 12.38 12.39 23.54
N CYS H 107 13.51 13.07 23.74
CA CYS H 107 14.68 12.55 24.43
C CYS H 107 15.13 13.55 25.48
N ARG H 108 15.27 13.09 26.72
CA ARG H 108 15.82 13.98 27.73
C ARG H 108 17.31 14.15 27.55
N TYR H 109 18.03 13.06 27.34
CA TYR H 109 19.47 13.11 27.12
C TYR H 109 19.79 12.42 25.80
N VAL H 110 20.48 13.11 24.92
CA VAL H 110 20.97 12.52 23.67
C VAL H 110 22.44 12.21 23.80
N HIS H 111 22.78 10.92 23.81
CA HIS H 111 24.16 10.45 23.91
C HIS H 111 24.74 10.45 22.52
N LYS H 112 25.52 11.45 22.19
CA LYS H 112 26.04 11.59 20.85
C LYS H 112 27.41 10.94 20.76
N VAL H 113 27.50 9.85 20.01
CA VAL H 113 28.72 9.05 19.91
C VAL H 113 29.34 9.29 18.55
N SER H 114 30.59 9.70 18.54
CA SER H 114 31.39 9.85 17.34
C SER H 114 32.64 8.98 17.43
N GLY H 115 33.15 8.52 16.29
CA GLY H 115 34.40 7.78 16.39
C GLY H 115 34.63 6.86 15.22
N THR H 116 35.45 5.84 15.48
CA THR H 116 35.99 4.94 14.46
C THR H 116 35.78 3.49 14.89
N GLY H 117 35.67 2.61 13.90
CA GLY H 117 35.64 1.18 14.12
C GLY H 117 35.99 0.41 12.87
N PRO H 118 36.17 -0.91 12.97
CA PRO H 118 36.44 -1.70 11.76
C PRO H 118 35.22 -1.87 10.86
N CYS H 119 34.01 -1.86 11.42
CA CYS H 119 32.73 -1.89 10.70
C CYS H 119 32.64 -3.02 9.66
N ALA H 120 32.78 -4.25 10.12
CA ALA H 120 32.90 -5.39 9.20
C ALA H 120 31.50 -5.87 8.79
N GLY H 121 30.83 -5.03 8.02
CA GLY H 121 29.48 -5.32 7.58
C GLY H 121 28.74 -4.12 7.02
N ASP H 122 27.79 -4.39 6.14
CA ASP H 122 27.07 -3.33 5.44
C ASP H 122 26.03 -2.63 6.31
N PHE H 123 25.44 -3.31 7.27
CA PHE H 123 24.43 -2.66 8.10
C PHE H 123 24.67 -3.02 9.55
N ALA H 124 24.20 -2.16 10.46
CA ALA H 124 24.33 -2.42 11.88
C ALA H 124 23.02 -2.96 12.43
N PHE H 125 23.03 -4.15 13.01
CA PHE H 125 21.83 -4.77 13.55
C PHE H 125 21.92 -4.91 15.06
N HIS H 126 20.76 -5.15 15.66
CA HIS H 126 20.63 -5.41 17.08
C HIS H 126 20.79 -6.89 17.38
N LYS H 127 21.76 -7.26 18.23
CA LYS H 127 22.02 -8.66 18.50
C LYS H 127 20.92 -9.35 19.26
N GLU H 128 20.08 -8.64 19.96
CA GLU H 128 18.97 -9.29 20.62
C GLU H 128 17.70 -9.25 19.81
N GLY H 129 17.78 -8.78 18.56
CA GLY H 129 16.63 -8.76 17.71
C GLY H 129 15.65 -7.62 17.91
N ALA H 130 15.98 -6.62 18.71
CA ALA H 130 15.14 -5.45 18.90
C ALA H 130 15.23 -4.52 17.69
N PHE H 131 14.45 -3.45 17.72
CA PHE H 131 14.37 -2.46 16.66
C PHE H 131 15.02 -1.15 17.10
N PHE H 132 15.37 -0.34 16.14
CA PHE H 132 15.74 1.04 16.39
C PHE H 132 14.56 1.93 16.04
N LEU H 133 14.01 2.65 17.01
CA LEU H 133 12.83 3.47 16.84
C LEU H 133 13.21 4.90 16.50
N TYR H 134 12.64 5.44 15.41
CA TYR H 134 12.76 6.80 14.91
C TYR H 134 11.39 7.49 15.00
N ASP H 135 11.23 8.57 14.25
CA ASP H 135 10.00 9.36 14.22
C ASP H 135 8.90 8.59 13.49
N ARG H 136 8.18 7.78 14.25
CA ARG H 136 7.04 6.95 13.83
C ARG H 136 7.40 5.92 12.78
N LEU H 137 8.68 5.58 12.67
CA LEU H 137 9.18 4.53 11.80
C LEU H 137 10.23 3.74 12.55
N ALA H 138 10.08 2.42 12.60
CA ALA H 138 11.03 1.54 13.24
C ALA H 138 11.82 0.83 12.16
N SER H 139 13.13 0.82 12.29
CA SER H 139 14.02 0.22 11.32
C SER H 139 14.82 -0.87 11.99
N THR H 140 15.23 -1.87 11.23
CA THR H 140 16.18 -2.83 11.76
C THR H 140 17.60 -2.29 11.79
N VAL H 141 17.88 -1.14 11.16
CA VAL H 141 19.25 -0.68 11.01
C VAL H 141 19.38 0.74 11.57
N ILE H 142 20.61 1.12 11.84
CA ILE H 142 20.98 2.43 12.31
C ILE H 142 21.28 3.26 11.08
N TYR H 143 20.66 4.42 10.96
CA TYR H 143 20.97 5.40 9.95
C TYR H 143 21.86 6.47 10.53
N ARG H 144 22.63 7.12 9.67
CA ARG H 144 23.57 8.11 10.15
C ARG H 144 22.90 9.33 10.74
N GLY H 145 23.41 9.77 11.88
CA GLY H 145 23.07 11.05 12.46
C GLY H 145 21.63 11.26 12.84
N THR H 146 20.90 10.19 13.14
CA THR H 146 19.47 10.30 13.34
C THR H 146 19.17 9.65 14.68
N THR H 147 18.64 10.45 15.60
CA THR H 147 18.45 10.04 16.97
C THR H 147 17.40 8.96 17.11
N PHE H 148 17.72 7.88 17.80
CA PHE H 148 16.83 6.75 17.99
C PHE H 148 16.77 6.26 19.42
N ALA H 149 15.71 5.54 19.74
CA ALA H 149 15.64 4.79 20.98
C ALA H 149 15.54 3.33 20.64
N GLU H 150 16.08 2.45 21.46
CA GLU H 150 15.91 1.02 21.20
C GLU H 150 14.55 0.58 21.68
N GLY H 151 13.85 -0.19 20.88
CA GLY H 151 12.53 -0.54 21.33
C GLY H 151 11.92 -1.65 20.52
N VAL H 152 10.68 -1.94 20.83
CA VAL H 152 9.93 -3.01 20.21
C VAL H 152 8.51 -2.51 20.01
N VAL H 153 7.77 -3.15 19.11
CA VAL H 153 6.47 -2.64 18.64
C VAL H 153 5.34 -3.58 19.06
N ALA H 154 4.22 -3.02 19.51
CA ALA H 154 3.02 -3.78 19.82
C ALA H 154 1.84 -3.35 18.97
N PHE H 155 0.87 -4.24 18.78
CA PHE H 155 -0.35 -3.95 18.06
C PHE H 155 -1.53 -4.23 18.97
N LEU H 156 -2.49 -3.29 19.02
CA LEU H 156 -3.59 -3.30 19.98
C LEU H 156 -4.94 -3.04 19.32
N ILE H 157 -5.96 -3.69 19.88
CA ILE H 157 -7.35 -3.28 19.77
C ILE H 157 -7.71 -2.45 20.99
N LEU H 158 -8.02 -1.22 20.78
CA LEU H 158 -8.51 -0.25 21.74
C LEU H 158 -10.00 -0.49 21.89
N PRO H 159 -10.58 -0.24 23.06
CA PRO H 159 -12.04 -0.35 23.16
C PRO H 159 -12.79 0.75 22.42
N GLN H 160 -13.83 0.26 21.73
CA GLN H 160 -14.73 0.98 20.85
C GLN H 160 -15.52 2.08 21.53
N ALA H 161 -15.69 2.03 22.84
CA ALA H 161 -16.33 3.14 23.52
C ALA H 161 -15.45 4.40 23.46
N LYS H 162 -16.01 5.49 23.98
CA LYS H 162 -15.45 6.82 23.97
C LYS H 162 -14.14 7.02 24.74
N LYS H 163 -13.85 8.30 24.97
CA LYS H 163 -12.74 8.95 25.67
C LYS H 163 -11.47 9.06 24.82
N ASP H 164 -11.34 8.29 23.72
CA ASP H 164 -10.13 8.35 22.85
C ASP H 164 -8.87 8.12 23.69
N PHE H 165 -8.78 6.91 24.28
CA PHE H 165 -7.81 6.35 25.24
C PHE H 165 -6.64 7.24 25.65
N PHE H 166 -5.93 7.84 24.71
CA PHE H 166 -4.81 8.63 25.19
C PHE H 166 -5.30 10.01 25.66
N SER H 167 -4.34 10.88 26.01
CA SER H 167 -4.56 12.28 26.43
C SER H 167 -5.26 12.35 27.79
N SER H 168 -5.07 11.34 28.64
CA SER H 168 -5.77 11.28 29.91
C SER H 168 -5.21 12.24 30.95
N HIS H 169 -4.10 12.90 30.66
CA HIS H 169 -3.49 13.88 31.54
C HIS H 169 -2.91 14.97 30.67
N PRO H 170 -2.56 16.13 31.24
CA PRO H 170 -1.64 17.00 30.50
C PRO H 170 -0.19 16.61 30.72
N TYR H 186 12.03 18.72 26.13
CA TYR H 186 13.31 19.37 26.44
C TYR H 186 14.42 18.39 26.07
N SER H 187 15.47 18.85 25.37
CA SER H 187 16.52 17.96 24.92
C SER H 187 17.90 18.51 25.30
N THR H 188 18.80 17.61 25.70
CA THR H 188 20.11 18.00 26.19
C THR H 188 21.13 17.11 25.48
N THR H 189 22.16 17.71 24.89
CA THR H 189 23.15 16.90 24.20
C THR H 189 24.29 16.56 25.14
N ILE H 190 24.58 15.26 25.26
CA ILE H 190 25.71 14.76 26.03
C ILE H 190 26.56 14.07 24.99
N ARG H 191 27.77 14.57 24.76
CA ARG H 191 28.55 14.03 23.64
C ARG H 191 29.62 13.03 24.09
N TYR H 192 29.82 11.96 23.31
CA TYR H 192 30.82 10.93 23.62
C TYR H 192 31.63 10.57 22.37
N GLN H 193 32.87 10.18 22.59
CA GLN H 193 33.71 9.57 21.57
C GLN H 193 33.94 8.08 21.85
N ALA H 194 34.01 7.27 20.79
CA ALA H 194 34.18 5.83 20.91
C ALA H 194 35.22 5.36 19.90
N THR H 195 36.01 4.37 20.28
CA THR H 195 36.89 3.67 19.34
C THR H 195 36.66 2.17 19.45
N GLY H 196 36.88 1.45 18.33
CA GLY H 196 36.66 0.02 18.23
C GLY H 196 35.24 -0.45 18.46
N PHE H 197 34.28 0.30 17.93
CA PHE H 197 32.86 0.05 18.11
C PHE H 197 32.42 -1.30 17.53
N GLY H 198 31.57 -1.98 18.29
CA GLY H 198 31.01 -3.26 17.90
C GLY H 198 31.97 -4.42 17.99
N THR H 199 33.00 -4.31 18.84
CA THR H 199 34.03 -5.32 19.01
C THR H 199 34.22 -5.64 20.49
N ASN H 200 35.21 -6.48 20.75
CA ASN H 200 35.62 -6.78 22.12
C ASN H 200 36.35 -5.58 22.73
N GLU H 201 37.15 -4.88 21.94
CA GLU H 201 38.01 -3.78 22.41
C GLU H 201 37.32 -2.42 22.19
N THR H 202 36.13 -2.27 22.74
CA THR H 202 35.51 -0.96 22.67
C THR H 202 36.07 -0.09 23.78
N GLU H 203 36.37 1.16 23.44
CA GLU H 203 36.83 2.14 24.41
C GLU H 203 35.95 3.37 24.28
N TYR H 204 35.53 3.93 25.41
CA TYR H 204 34.62 5.06 25.42
C TYR H 204 35.23 6.22 26.17
N LEU H 205 35.00 7.43 25.66
CA LEU H 205 35.41 8.65 26.32
C LEU H 205 34.20 9.59 26.35
N PHE H 206 33.88 10.12 27.52
CA PHE H 206 32.87 11.16 27.59
C PHE H 206 33.50 12.51 27.27
N GLU H 207 32.83 13.29 26.40
CA GLU H 207 33.35 14.54 25.90
C GLU H 207 32.91 15.67 26.81
N VAL H 208 33.89 16.36 27.40
CA VAL H 208 33.60 17.55 28.18
C VAL H 208 33.62 18.78 27.28
N ASP H 209 34.69 18.94 26.49
CA ASP H 209 34.65 19.86 25.36
C ASP H 209 35.41 19.22 24.20
N ASN H 210 35.63 19.99 23.15
CA ASN H 210 36.26 19.48 21.93
C ASN H 210 37.74 19.12 22.13
N LEU H 211 38.38 19.62 23.18
CA LEU H 211 39.76 19.28 23.48
C LEU H 211 39.96 18.71 24.87
N THR H 212 38.89 18.49 25.64
CA THR H 212 38.97 17.93 26.99
C THR H 212 38.01 16.75 27.10
N TYR H 213 38.54 15.57 27.46
CA TYR H 213 37.73 14.36 27.52
C TYR H 213 38.00 13.67 28.86
N VAL H 214 37.11 12.75 29.25
CA VAL H 214 37.27 11.92 30.44
C VAL H 214 37.04 10.45 30.10
N GLN H 215 37.86 9.57 30.67
CA GLN H 215 37.71 8.15 30.39
C GLN H 215 36.44 7.65 31.10
N LEU H 216 35.54 7.02 30.35
CA LEU H 216 34.19 6.69 30.81
C LEU H 216 34.08 5.36 31.53
N GLU H 217 33.27 5.34 32.61
CA GLU H 217 32.93 4.12 33.33
C GLU H 217 31.42 3.90 33.21
N SER H 218 31.03 2.63 33.32
CA SER H 218 29.61 2.23 33.30
C SER H 218 28.75 2.83 34.41
N ARG H 219 29.33 3.04 35.59
CA ARG H 219 28.58 3.52 36.76
C ARG H 219 28.13 4.97 36.70
N PHE H 220 28.50 5.74 35.68
CA PHE H 220 28.07 7.13 35.63
C PHE H 220 26.67 7.24 35.04
N THR H 221 25.73 7.77 35.84
CA THR H 221 24.37 8.05 35.43
C THR H 221 24.41 9.40 34.71
N PRO H 222 23.42 9.74 33.86
CA PRO H 222 23.43 11.10 33.27
C PRO H 222 23.39 12.27 34.26
N GLN H 223 22.63 12.19 35.37
CA GLN H 223 22.55 13.32 36.30
C GLN H 223 23.86 13.53 37.03
N PHE H 224 24.51 12.42 37.36
CA PHE H 224 25.83 12.44 37.98
C PHE H 224 26.84 13.03 36.98
N LEU H 225 26.75 12.66 35.70
CA LEU H 225 27.61 13.27 34.68
C LEU H 225 27.42 14.79 34.62
N LEU H 226 26.18 15.26 34.63
CA LEU H 226 25.96 16.71 34.60
C LEU H 226 26.46 17.40 35.87
N GLN H 227 26.37 16.75 37.04
CA GLN H 227 26.92 17.40 38.24
C GLN H 227 28.46 17.48 38.16
N LEU H 228 29.13 16.42 37.66
CA LEU H 228 30.59 16.52 37.42
C LEU H 228 30.91 17.66 36.47
N ASN H 229 30.13 17.77 35.38
CA ASN H 229 30.33 18.85 34.40
C ASN H 229 30.15 20.21 35.04
N GLU H 230 29.13 20.40 35.86
CA GLU H 230 28.97 21.71 36.50
C GLU H 230 30.08 21.99 37.50
N THR H 231 30.57 20.95 38.20
CA THR H 231 31.72 21.14 39.10
C THR H 231 33.01 21.49 38.36
N ILE H 232 33.32 20.79 37.26
CA ILE H 232 34.51 21.10 36.46
C ILE H 232 34.42 22.49 35.83
N TYR H 233 33.23 22.86 35.33
CA TYR H 233 33.00 24.18 34.73
C TYR H 233 33.18 25.29 35.75
N THR H 234 32.59 25.14 36.94
CA THR H 234 32.66 26.19 37.96
C THR H 234 34.00 26.27 38.67
N SER H 235 34.68 25.14 38.89
CA SER H 235 36.01 25.15 39.50
C SER H 235 37.13 25.74 38.64
N GLY H 236 37.00 25.82 37.32
CA GLY H 236 38.08 26.44 36.57
C GLY H 236 39.24 25.46 36.35
N LYS H 237 38.88 24.25 35.94
CA LYS H 237 39.80 23.15 35.68
C LYS H 237 39.87 22.82 34.20
N ARG H 238 39.70 23.82 33.33
CA ARG H 238 39.92 23.63 31.91
C ARG H 238 41.38 23.67 31.49
N SER H 239 41.59 23.15 30.28
CA SER H 239 42.90 23.12 29.62
C SER H 239 43.36 24.51 29.25
N ASN H 240 44.57 24.87 29.67
CA ASN H 240 45.14 26.15 29.26
C ASN H 240 46.40 25.77 28.44
N THR H 241 46.20 24.89 27.45
CA THR H 241 47.32 24.32 26.70
C THR H 241 46.82 23.65 25.42
N THR H 242 47.69 23.71 24.42
CA THR H 242 47.47 23.07 23.11
C THR H 242 47.21 21.56 23.20
N GLY H 243 47.82 20.87 24.16
CA GLY H 243 47.69 19.42 24.23
C GLY H 243 46.48 18.92 24.97
N LYS H 244 46.35 17.59 24.94
CA LYS H 244 45.15 16.90 25.41
C LYS H 244 45.29 16.60 26.89
N LEU H 245 44.28 16.97 27.66
CA LEU H 245 44.24 16.71 29.10
C LEU H 245 43.19 15.62 29.33
N ILE H 246 43.65 14.45 29.75
CA ILE H 246 42.78 13.30 30.02
C ILE H 246 42.76 13.11 31.54
N TRP H 247 41.62 13.43 32.13
CA TRP H 247 41.39 13.18 33.54
C TRP H 247 41.07 11.70 33.74
N LYS H 248 41.33 11.20 34.93
CA LYS H 248 41.00 9.82 35.22
C LYS H 248 40.27 9.71 36.55
N VAL H 249 39.45 8.66 36.66
CA VAL H 249 38.61 8.39 37.84
C VAL H 249 38.99 7.02 38.37
N ASN H 250 39.75 6.97 39.46
CA ASN H 250 40.14 5.70 40.04
C ASN H 250 38.93 5.03 40.70
N PRO H 251 38.90 3.67 40.78
CA PRO H 251 37.64 2.96 41.13
C PRO H 251 37.08 3.30 42.51
N GLU H 252 37.94 3.80 43.41
CA GLU H 252 37.74 4.19 44.80
C GLU H 252 36.90 5.46 44.97
N ILE H 253 36.55 6.10 43.86
CA ILE H 253 35.58 7.19 43.83
C ILE H 253 34.19 6.60 44.06
N ASP H 254 33.43 7.24 44.95
CA ASP H 254 32.08 6.78 45.24
C ASP H 254 31.16 7.12 44.06
N THR H 255 30.19 6.25 43.83
CA THR H 255 29.17 6.45 42.81
C THR H 255 27.83 5.92 43.29
N THR H 256 26.77 6.46 42.68
CA THR H 256 25.40 6.05 42.94
C THR H 256 25.09 4.70 42.33
N SER H 275 30.25 18.76 43.78
CA SER H 275 30.55 19.46 45.02
C SER H 275 32.01 19.93 45.04
N GLU H 276 32.44 20.59 46.12
CA GLU H 276 33.81 21.07 46.28
C GLU H 276 34.70 20.03 46.98
N GLU H 277 34.34 18.75 46.86
CA GLU H 277 35.09 17.67 47.50
C GLU H 277 36.07 16.96 46.56
N LEU H 278 36.03 17.21 45.26
CA LEU H 278 36.94 16.55 44.32
C LEU H 278 38.20 17.40 44.14
N SER H 279 39.36 16.78 44.38
CA SER H 279 40.67 17.42 44.20
C SER H 279 41.40 16.81 43.00
N PHE H 280 41.82 17.66 42.06
CA PHE H 280 42.43 17.22 40.82
C PHE H 280 43.95 17.42 40.90
N THR H 281 44.68 16.45 40.36
CA THR H 281 46.14 16.44 40.38
C THR H 281 46.66 15.85 39.08
N VAL H 282 47.57 16.58 38.43
CA VAL H 282 48.09 16.19 37.13
C VAL H 282 49.33 15.33 37.34
N VAL H 283 49.38 14.19 36.66
CA VAL H 283 50.52 13.28 36.74
C VAL H 283 51.63 13.77 35.83
N UNK H 284 52.10 17.09 23.39
CA UNK H 284 51.71 15.71 23.12
C UNK H 284 50.44 15.34 23.89
N UNK H 285 50.62 14.79 25.08
CA UNK H 285 49.49 14.40 25.91
C UNK H 285 49.84 14.51 27.39
N UNK H 286 48.82 14.53 28.24
CA UNK H 286 49.03 14.65 29.68
C UNK H 286 47.90 13.97 30.46
N UNK H 287 48.26 12.96 31.25
CA UNK H 287 47.29 12.25 32.05
C UNK H 287 47.19 12.86 33.44
N UNK H 288 45.98 12.90 33.98
CA UNK H 288 45.74 13.46 35.31
C UNK H 288 44.99 12.47 36.19
N UNK H 289 44.49 12.95 37.32
CA UNK H 289 43.74 12.12 38.25
C UNK H 289 42.74 12.94 39.04
N UNK H 290 41.71 12.27 39.56
CA UNK H 290 40.68 12.94 40.36
C UNK H 290 40.33 12.11 41.59
N UNK H 291 40.71 12.61 42.76
CA UNK H 291 40.45 11.90 44.01
C UNK H 291 39.42 12.64 44.87
N UNK H 292 39.01 12.02 45.96
CA UNK H 292 38.03 12.62 46.86
C UNK H 292 38.71 13.14 48.12
N GLU I 1 -6.15 -15.34 27.46
CA GLU I 1 -5.14 -15.67 28.46
C GLU I 1 -4.61 -14.37 29.04
N ALA I 2 -4.17 -14.40 30.29
CA ALA I 2 -3.44 -13.27 30.85
C ALA I 2 -1.96 -13.23 30.48
N ILE I 3 -1.43 -12.01 30.51
CA ILE I 3 -0.03 -11.69 30.25
C ILE I 3 0.66 -11.58 31.60
N VAL I 4 1.65 -12.43 31.83
CA VAL I 4 2.43 -12.39 33.06
C VAL I 4 3.81 -11.89 32.69
N ASN I 5 4.08 -10.67 33.11
CA ASN I 5 5.33 -9.97 32.88
C ASN I 5 6.47 -10.69 33.59
N ALA I 6 7.45 -11.15 32.82
CA ALA I 6 8.60 -11.88 33.30
C ALA I 6 9.89 -11.13 33.03
N GLN I 7 9.85 -9.83 33.12
CA GLN I 7 10.98 -8.94 32.92
C GLN I 7 11.65 -8.63 34.25
N PRO I 8 12.93 -8.22 34.22
CA PRO I 8 13.59 -7.83 35.48
C PRO I 8 12.95 -6.69 36.25
N LYS I 9 12.53 -5.62 35.58
CA LYS I 9 11.82 -4.51 36.21
C LYS I 9 10.61 -4.12 35.36
N CYS I 10 9.75 -3.30 35.94
CA CYS I 10 8.65 -2.71 35.19
C CYS I 10 8.55 -1.26 35.61
N ASN I 11 8.68 -0.34 34.65
CA ASN I 11 8.31 1.05 34.89
C ASN I 11 6.81 1.14 34.87
N PRO I 12 6.16 1.37 36.01
CA PRO I 12 4.69 1.33 36.07
C PRO I 12 3.97 2.52 35.48
N ASN I 13 4.64 3.59 35.08
CA ASN I 13 3.99 4.76 34.51
C ASN I 13 4.33 4.89 33.04
N LEU I 14 3.37 5.37 32.25
CA LEU I 14 3.55 5.46 30.81
C LEU I 14 3.45 6.92 30.43
N HIS I 15 4.61 7.54 30.22
CA HIS I 15 4.74 8.90 29.73
C HIS I 15 4.75 8.89 28.20
N TYR I 16 3.63 9.21 27.56
CA TYR I 16 3.45 9.06 26.11
C TYR I 16 3.36 10.35 25.32
N TRP I 17 3.59 10.21 24.00
CA TRP I 17 3.28 11.21 22.98
C TRP I 17 2.50 10.57 21.85
N THR I 18 1.62 11.35 21.23
CA THR I 18 0.82 10.99 20.05
C THR I 18 0.44 12.26 19.27
N THR I 19 -0.33 12.10 18.19
CA THR I 19 -0.82 13.27 17.45
C THR I 19 -2.23 13.58 17.97
N GLN I 20 -2.61 14.85 17.89
CA GLN I 20 -3.96 15.35 18.20
C GLN I 20 -5.04 15.36 17.12
N ASP I 21 -5.88 14.32 17.16
CA ASP I 21 -6.96 14.12 16.20
C ASP I 21 -8.00 15.24 16.26
N GLU I 22 -8.54 15.57 15.08
CA GLU I 22 -9.06 16.87 14.65
C GLU I 22 -8.17 17.90 15.28
N GLY I 23 -7.02 18.07 14.68
CA GLY I 23 -6.10 19.06 15.09
C GLY I 23 -6.40 20.44 14.65
N ALA I 24 -7.51 20.69 13.94
CA ALA I 24 -7.90 22.08 13.71
C ALA I 24 -9.39 22.35 13.43
N ALA I 25 -10.21 22.52 14.50
CA ALA I 25 -11.68 22.54 14.38
C ALA I 25 -12.07 23.70 13.46
N ILE I 26 -12.00 24.93 13.96
CA ILE I 26 -12.43 26.13 13.24
C ILE I 26 -11.05 26.74 13.03
N GLY I 27 -10.94 27.96 12.55
CA GLY I 27 -9.64 28.56 12.31
C GLY I 27 -8.86 28.01 11.13
N LEU I 28 -7.68 28.62 10.95
CA LEU I 28 -6.82 28.34 9.83
C LEU I 28 -5.72 27.34 10.09
N ALA I 29 -5.68 26.72 11.26
CA ALA I 29 -4.56 25.83 11.55
C ALA I 29 -4.51 24.59 10.67
N TRP I 30 -5.63 24.16 10.07
CA TRP I 30 -5.62 23.00 9.16
C TRP I 30 -4.94 23.29 7.85
N ILE I 31 -4.89 24.52 7.42
CA ILE I 31 -4.23 24.87 6.18
C ILE I 31 -2.74 24.67 6.43
N PRO I 32 -2.06 23.82 5.68
CA PRO I 32 -0.62 23.59 5.89
C PRO I 32 0.24 24.82 5.95
N TYR I 33 0.02 25.80 5.10
CA TYR I 33 0.80 27.04 5.12
C TYR I 33 0.79 27.71 6.49
N PHE I 34 -0.35 27.72 7.18
CA PHE I 34 -0.43 28.40 8.45
C PHE I 34 -0.17 27.52 9.65
N GLY I 35 -0.34 26.22 9.54
CA GLY I 35 -0.28 25.33 10.68
C GLY I 35 1.08 25.10 11.33
N PRO I 36 1.12 24.18 12.29
CA PRO I 36 2.35 23.88 13.02
C PRO I 36 3.34 23.15 12.17
N ALA I 37 4.61 23.22 12.56
CA ALA I 37 5.59 22.37 11.91
C ALA I 37 5.42 20.92 12.34
N ALA I 38 6.18 20.03 11.69
CA ALA I 38 6.19 18.59 12.03
C ALA I 38 6.40 18.33 13.50
N GLU I 39 7.23 19.15 14.16
CA GLU I 39 7.60 18.96 15.55
C GLU I 39 6.51 19.37 16.52
N GLY I 40 5.52 20.14 16.10
CA GLY I 40 4.56 20.66 17.03
C GLY I 40 3.19 20.04 17.00
N ILE I 41 3.05 18.84 16.43
CA ILE I 41 1.73 18.24 16.32
C ILE I 41 1.45 17.23 17.42
N TYR I 42 2.35 17.05 18.37
CA TYR I 42 2.21 15.98 19.33
C TYR I 42 1.57 16.49 20.62
N ILE I 43 0.78 15.64 21.24
CA ILE I 43 0.29 15.83 22.59
C ILE I 43 0.92 14.78 23.48
N GLU I 44 0.89 15.04 24.79
CA GLU I 44 1.54 14.18 25.75
C GLU I 44 0.58 13.79 26.84
N GLY I 45 0.93 12.74 27.56
CA GLY I 45 0.13 12.38 28.71
C GLY I 45 0.80 11.38 29.62
N LEU I 46 0.10 11.08 30.71
CA LEU I 46 0.60 10.21 31.77
C LEU I 46 -0.44 9.16 32.10
N MET I 47 -0.08 7.89 32.00
CA MET I 47 -0.95 6.78 32.37
C MET I 47 -0.37 6.07 33.58
N HIS I 48 -1.24 5.67 34.49
CA HIS I 48 -0.81 4.93 35.67
C HIS I 48 -1.03 3.44 35.49
N ASN I 49 -0.56 2.69 36.47
CA ASN I 49 -0.44 1.24 36.43
C ASN I 49 -1.70 0.56 36.92
N GLN I 50 -2.87 1.10 36.58
CA GLN I 50 -4.10 0.42 36.94
C GLN I 50 -4.20 -0.97 36.31
N ASP I 51 -4.57 -1.93 37.15
CA ASP I 51 -4.68 -3.36 36.85
C ASP I 51 -3.39 -3.96 36.33
N GLY I 52 -2.26 -3.31 36.62
CA GLY I 52 -0.95 -3.67 36.10
C GLY I 52 -0.89 -3.74 34.58
N LEU I 53 -1.75 -2.98 33.90
CA LEU I 53 -1.91 -3.12 32.46
C LEU I 53 -0.68 -2.63 31.74
N ILE I 54 0.03 -1.67 32.33
CA ILE I 54 1.22 -1.13 31.72
C ILE I 54 2.29 -2.21 31.72
N CYS I 55 2.48 -2.86 32.88
CA CYS I 55 3.44 -3.96 32.96
C CYS I 55 3.05 -5.07 32.01
N GLY I 56 1.72 -5.33 31.89
CA GLY I 56 1.23 -6.27 30.89
C GLY I 56 1.61 -5.86 29.48
N LEU I 57 1.43 -4.58 29.16
CA LEU I 57 1.75 -4.11 27.82
C LEU I 57 3.21 -4.28 27.47
N ARG I 58 4.12 -4.00 28.42
CA ARG I 58 5.56 -4.13 28.17
C ARG I 58 6.01 -5.52 27.76
N GLN I 59 5.50 -6.55 28.41
CA GLN I 59 5.87 -7.89 28.00
C GLN I 59 5.36 -8.21 26.61
N LEU I 60 4.13 -7.76 26.26
CA LEU I 60 3.52 -8.04 24.95
C LEU I 60 4.36 -7.59 23.77
N ALA I 61 4.94 -6.40 23.85
CA ALA I 61 5.80 -5.91 22.77
C ALA I 61 6.95 -6.87 22.54
N ASN I 62 7.54 -7.34 23.65
CA ASN I 62 8.55 -8.37 23.67
C ASN I 62 8.15 -9.60 22.88
N GLU I 63 6.99 -10.17 23.20
CA GLU I 63 6.56 -11.40 22.52
C GLU I 63 6.26 -11.20 21.04
N THR I 64 5.90 -10.00 20.62
CA THR I 64 5.65 -9.77 19.20
C THR I 64 6.90 -9.85 18.34
N THR I 65 8.08 -9.59 18.92
CA THR I 65 9.26 -9.25 18.11
C THR I 65 9.66 -10.32 17.12
N GLN I 66 9.70 -11.60 17.54
CA GLN I 66 10.07 -12.69 16.65
C GLN I 66 9.19 -12.76 15.43
N ALA I 67 7.87 -12.81 15.64
CA ALA I 67 6.93 -12.93 14.54
C ALA I 67 7.02 -11.73 13.61
N LEU I 68 7.20 -10.54 14.20
CA LEU I 68 7.31 -9.33 13.40
C LEU I 68 8.55 -9.39 12.53
N GLN I 69 9.68 -9.81 13.12
CA GLN I 69 10.91 -9.94 12.37
C GLN I 69 10.80 -10.94 11.24
N LEU I 70 10.11 -12.07 11.48
CA LEU I 70 9.96 -13.05 10.41
C LEU I 70 9.11 -12.54 9.27
N PHE I 71 8.11 -11.70 9.59
CA PHE I 71 7.28 -11.10 8.56
C PHE I 71 8.10 -10.20 7.66
N LEU I 72 9.00 -9.42 8.26
CA LEU I 72 9.80 -8.48 7.48
C LEU I 72 10.78 -9.22 6.60
N ARG I 73 11.24 -10.39 7.04
CA ARG I 73 12.07 -11.23 6.18
C ARG I 73 11.36 -11.63 4.89
N ALA I 74 10.07 -11.91 4.95
CA ALA I 74 9.44 -12.47 3.74
C ALA I 74 9.01 -11.44 2.70
N THR I 75 8.83 -10.17 3.05
CA THR I 75 8.44 -9.14 2.09
C THR I 75 9.61 -8.48 1.38
N THR I 76 9.32 -7.96 0.20
CA THR I 76 10.20 -7.14 -0.60
C THR I 76 9.87 -5.67 -0.52
N GLU I 77 8.80 -5.30 0.19
CA GLU I 77 8.50 -3.91 0.47
C GLU I 77 9.57 -3.24 1.31
N LEU I 78 9.94 -2.03 0.93
CA LEU I 78 10.97 -1.31 1.65
C LEU I 78 10.44 -0.71 2.94
N ARG I 79 9.22 -0.15 2.89
CA ARG I 79 8.50 0.37 4.05
C ARG I 79 7.13 -0.26 4.07
N THR I 80 6.80 -0.95 5.15
CA THR I 80 5.55 -1.68 5.27
C THR I 80 4.54 -0.88 6.08
N PHE I 81 3.42 -0.49 5.47
CA PHE I 81 2.40 0.28 6.19
C PHE I 81 1.09 -0.45 6.36
N SER I 82 0.98 -1.69 5.91
CA SER I 82 -0.30 -2.32 5.68
C SER I 82 -0.66 -3.41 6.67
N ILE I 83 0.09 -3.56 7.76
CA ILE I 83 -0.09 -4.70 8.66
C ILE I 83 -1.48 -4.70 9.30
N LEU I 84 -1.95 -3.55 9.75
CA LEU I 84 -3.26 -3.46 10.37
C LEU I 84 -4.39 -3.63 9.37
N ASN I 85 -4.19 -3.15 8.14
CA ASN I 85 -5.18 -3.36 7.10
C ASN I 85 -5.34 -4.84 6.78
N ARG I 86 -4.23 -5.57 6.75
CA ARG I 86 -4.27 -7.00 6.51
C ARG I 86 -4.90 -7.76 7.68
N LYS I 87 -4.65 -7.30 8.91
CA LYS I 87 -5.34 -7.85 10.08
C LYS I 87 -6.84 -7.67 9.98
N ALA I 88 -7.29 -6.47 9.58
CA ALA I 88 -8.71 -6.21 9.41
C ALA I 88 -9.34 -7.12 8.36
N ILE I 89 -8.64 -7.30 7.24
CA ILE I 89 -9.10 -8.20 6.18
C ILE I 89 -9.20 -9.62 6.69
N ASP I 90 -8.20 -10.06 7.47
CA ASP I 90 -8.24 -11.40 8.03
C ASP I 90 -9.38 -11.60 9.01
N PHE I 91 -9.69 -10.59 9.82
CA PHE I 91 -10.89 -10.63 10.66
C PHE I 91 -12.14 -10.88 9.83
N LEU I 92 -12.29 -10.11 8.75
CA LEU I 92 -13.46 -10.25 7.91
C LEU I 92 -13.51 -11.60 7.21
N LEU I 93 -12.38 -12.09 6.70
CA LEU I 93 -12.39 -13.37 6.01
C LEU I 93 -12.60 -14.52 6.98
N GLN I 94 -12.10 -14.40 8.20
CA GLN I 94 -12.37 -15.39 9.24
C GLN I 94 -13.86 -15.49 9.52
N ARG I 95 -14.56 -14.36 9.61
CA ARG I 95 -15.97 -14.57 9.96
C ARG I 95 -16.89 -14.76 8.76
N TRP I 96 -16.78 -13.95 7.72
CA TRP I 96 -17.76 -14.05 6.65
C TRP I 96 -17.15 -14.47 5.33
N GLY I 97 -15.90 -14.90 5.33
CA GLY I 97 -15.28 -15.34 4.10
C GLY I 97 -15.78 -16.70 3.66
N GLY I 98 -16.45 -17.42 4.54
CA GLY I 98 -17.05 -18.69 4.21
C GLY I 98 -18.50 -18.86 4.60
N THR I 99 -18.96 -20.09 4.46
CA THR I 99 -20.31 -20.49 4.83
C THR I 99 -20.56 -20.37 6.33
N CYS I 100 -21.65 -19.70 6.71
CA CYS I 100 -22.06 -19.56 8.11
C CYS I 100 -23.00 -20.71 8.46
N HIS I 101 -22.50 -21.65 9.25
CA HIS I 101 -23.32 -22.76 9.71
C HIS I 101 -23.95 -22.35 11.03
N ILE I 102 -25.27 -22.18 11.02
CA ILE I 102 -26.01 -21.66 12.17
C ILE I 102 -25.94 -22.68 13.30
N LEU I 103 -25.75 -22.18 14.53
CA LEU I 103 -25.47 -22.83 15.84
C LEU I 103 -24.02 -23.32 15.93
N GLY I 104 -23.23 -23.19 14.87
CA GLY I 104 -21.83 -23.54 14.92
C GLY I 104 -20.99 -22.54 15.69
N PRO I 105 -19.82 -22.97 16.14
CA PRO I 105 -18.96 -22.10 16.95
C PRO I 105 -18.26 -20.99 16.17
N ASP I 106 -18.26 -21.03 14.84
CA ASP I 106 -17.62 -19.99 14.04
C ASP I 106 -18.60 -19.08 13.33
N CYS I 107 -19.90 -19.26 13.53
CA CYS I 107 -20.91 -18.36 12.97
C CYS I 107 -21.47 -17.51 14.11
N CYS I 108 -21.37 -16.18 14.01
CA CYS I 108 -21.80 -15.27 15.10
C CYS I 108 -23.26 -14.80 14.88
N ILE I 109 -24.21 -15.74 14.83
CA ILE I 109 -25.62 -15.34 14.78
C ILE I 109 -26.31 -15.78 16.07
N GLU I 110 -26.91 -14.81 16.77
CA GLU I 110 -27.67 -15.06 17.99
C GLU I 110 -29.17 -14.92 17.70
N PRO I 111 -29.97 -15.99 17.76
CA PRO I 111 -31.41 -15.83 17.55
C PRO I 111 -32.38 -15.78 18.73
N HIS I 112 -31.99 -15.39 19.96
CA HIS I 112 -32.96 -15.38 21.07
C HIS I 112 -34.06 -14.35 20.86
N ASP I 113 -33.67 -13.12 20.49
CA ASP I 113 -34.66 -12.10 20.14
C ASP I 113 -35.39 -12.47 18.86
N TRP I 114 -34.69 -13.14 17.95
CA TRP I 114 -35.33 -13.70 16.76
C TRP I 114 -36.31 -14.81 17.11
N THR I 115 -36.06 -15.55 18.20
CA THR I 115 -37.04 -16.52 18.67
C THR I 115 -38.29 -15.81 19.18
N LYS I 116 -38.14 -14.74 19.98
CA LYS I 116 -39.32 -13.98 20.39
C LYS I 116 -40.02 -13.29 19.21
N ASN I 117 -39.29 -13.02 18.12
CA ASN I 117 -39.90 -12.49 16.91
C ASN I 117 -40.80 -13.52 16.25
N ILE I 118 -40.45 -14.80 16.31
CA ILE I 118 -41.32 -15.77 15.65
C ILE I 118 -42.38 -16.29 16.65
N THR I 119 -42.06 -16.25 17.94
CA THR I 119 -43.01 -16.69 18.96
C THR I 119 -44.10 -15.69 19.31
N ASP I 120 -43.90 -14.37 19.17
CA ASP I 120 -45.11 -13.55 19.27
C ASP I 120 -46.03 -13.75 18.06
N LYS I 121 -45.50 -13.95 16.85
CA LYS I 121 -46.45 -14.23 15.78
C LYS I 121 -46.91 -15.69 15.70
N ILE I 122 -46.61 -16.56 16.67
CA ILE I 122 -47.34 -17.84 16.71
C ILE I 122 -48.83 -17.64 17.02
N ASP I 123 -49.17 -16.75 17.96
CA ASP I 123 -50.55 -16.48 18.35
C ASP I 123 -51.37 -15.59 17.42
N GLN I 124 -50.80 -15.02 16.35
CA GLN I 124 -51.66 -14.25 15.43
C GLN I 124 -52.64 -15.13 14.66
N ILE I 125 -52.35 -16.43 14.47
CA ILE I 125 -53.27 -17.35 13.83
C ILE I 125 -53.51 -18.60 14.67
N ILE I 126 -52.55 -18.99 15.52
CA ILE I 126 -52.76 -20.19 16.31
C ILE I 126 -53.74 -19.98 17.48
N HIS I 127 -53.80 -18.79 18.05
CA HIS I 127 -54.75 -18.55 19.13
C HIS I 127 -56.15 -18.23 18.60
N ASP I 128 -56.27 -17.41 17.55
CA ASP I 128 -57.57 -17.22 16.88
C ASP I 128 -57.71 -18.21 15.74
N PHE I 129 -57.95 -19.46 16.13
CA PHE I 129 -58.17 -20.54 15.17
C PHE I 129 -59.51 -21.21 15.51
N VAL I 130 -60.58 -20.43 15.45
CA VAL I 130 -61.89 -20.88 15.92
C VAL I 130 -62.56 -21.79 14.89
N GLU J 1 -15.11 -23.70 -15.30
CA GLU J 1 -14.72 -24.21 -16.61
C GLU J 1 -13.35 -24.86 -16.48
N ALA J 2 -13.07 -25.86 -17.29
CA ALA J 2 -11.72 -26.39 -17.40
C ALA J 2 -10.78 -25.58 -18.28
N ILE J 3 -9.49 -25.70 -17.96
CA ILE J 3 -8.38 -25.08 -18.68
C ILE J 3 -7.83 -26.12 -19.64
N VAL J 4 -7.87 -25.82 -20.93
CA VAL J 4 -7.34 -26.70 -21.95
C VAL J 4 -6.09 -26.03 -22.50
N ASN J 5 -4.96 -26.60 -22.16
CA ASN J 5 -3.64 -26.13 -22.56
C ASN J 5 -3.49 -26.26 -24.06
N ALA J 6 -3.26 -25.12 -24.73
CA ALA J 6 -3.11 -25.02 -26.17
C ALA J 6 -1.73 -24.53 -26.54
N GLN J 7 -0.73 -24.91 -25.81
CA GLN J 7 0.66 -24.56 -26.01
C GLN J 7 1.36 -25.64 -26.83
N PRO J 8 2.47 -25.29 -27.51
CA PRO J 8 3.21 -26.31 -28.26
C PRO J 8 3.74 -27.49 -27.44
N LYS J 9 4.30 -27.25 -26.25
CA LYS J 9 4.75 -28.30 -25.36
C LYS J 9 4.28 -28.00 -23.94
N CYS J 10 4.41 -29.00 -23.07
CA CYS J 10 4.17 -28.79 -21.64
C CYS J 10 5.26 -29.54 -20.90
N ASN J 11 6.05 -28.82 -20.09
CA ASN J 11 6.92 -29.48 -19.12
C ASN J 11 6.05 -29.96 -17.97
N PRO J 12 5.86 -31.27 -17.83
CA PRO J 12 4.92 -31.79 -16.83
C PRO J 12 5.40 -31.75 -15.38
N ASN J 13 6.65 -31.41 -15.10
CA ASN J 13 7.15 -31.35 -13.73
C ASN J 13 7.42 -29.92 -13.31
N LEU J 14 7.18 -29.62 -12.05
CA LEU J 14 7.32 -28.25 -11.55
C LEU J 14 8.40 -28.26 -10.49
N HIS J 15 9.59 -27.84 -10.88
CA HIS J 15 10.72 -27.65 -9.99
C HIS J 15 10.69 -26.23 -9.41
N TYR J 16 10.21 -26.07 -8.17
CA TYR J 16 9.94 -24.77 -7.57
C TYR J 16 10.89 -24.36 -6.44
N TRP J 17 10.88 -23.04 -6.16
CA TRP J 17 11.45 -22.42 -4.97
C TRP J 17 10.42 -21.50 -4.33
N THR J 18 10.47 -21.40 -3.00
CA THR J 18 9.67 -20.48 -2.17
C THR J 18 10.40 -20.18 -0.86
N THR J 19 9.78 -19.40 0.02
CA THR J 19 10.38 -19.15 1.34
C THR J 19 9.75 -20.14 2.32
N GLN J 20 10.52 -20.47 3.36
CA GLN J 20 10.09 -21.32 4.49
C GLN J 20 9.39 -20.68 5.69
N ASP J 21 8.06 -20.75 5.67
CA ASP J 21 7.21 -20.18 6.71
C ASP J 21 7.45 -20.83 8.08
N GLU J 22 7.34 -19.99 9.12
CA GLU J 22 8.03 -20.05 10.43
C GLU J 22 9.42 -20.57 10.12
N GLY J 23 10.23 -19.69 9.63
CA GLY J 23 11.59 -19.99 9.38
C GLY J 23 12.47 -19.98 10.57
N ALA J 24 11.97 -19.75 11.79
CA ALA J 24 12.81 -19.98 12.96
C ALA J 24 12.09 -20.26 14.29
N ALA J 25 11.74 -21.55 14.56
CA ALA J 25 10.86 -21.92 15.67
C ALA J 25 11.48 -21.47 16.97
N ILE J 26 12.52 -22.17 17.44
CA ILE J 26 13.18 -21.91 18.72
C ILE J 26 14.51 -21.41 18.17
N GLY J 27 15.52 -21.21 18.98
CA GLY J 27 16.78 -20.69 18.49
C GLY J 27 16.80 -19.24 18.08
N LEU J 28 17.99 -18.83 17.67
CA LEU J 28 18.28 -17.45 17.32
C LEU J 28 18.19 -17.11 15.85
N ALA J 29 17.76 -18.04 15.01
CA ALA J 29 17.75 -17.74 13.59
C ALA J 29 16.78 -16.63 13.18
N TRP J 30 15.74 -16.35 13.97
CA TRP J 30 14.81 -15.26 13.65
C TRP J 30 15.41 -13.89 13.84
N ILE J 31 16.41 -13.75 14.69
CA ILE J 31 17.05 -12.48 14.91
C ILE J 31 17.83 -12.18 13.62
N PRO J 32 17.55 -11.08 12.94
CA PRO J 32 18.27 -10.75 11.70
C PRO J 32 19.78 -10.80 11.77
N TYR J 33 20.38 -10.31 12.84
CA TYR J 33 21.83 -10.36 12.97
C TYR J 33 22.39 -11.76 12.83
N PHE J 34 21.72 -12.76 13.39
CA PHE J 34 22.25 -14.12 13.33
C PHE J 34 21.74 -14.94 12.16
N GLY J 35 20.61 -14.61 11.57
CA GLY J 35 19.98 -15.44 10.57
C GLY J 35 20.66 -15.53 9.22
N PRO J 36 19.99 -16.20 8.28
CA PRO J 36 20.55 -16.41 6.94
C PRO J 36 20.56 -15.13 6.14
N ALA J 37 21.40 -15.10 5.11
CA ALA J 37 21.33 -13.99 4.18
C ALA J 37 20.09 -14.12 3.30
N ALA J 38 19.84 -13.08 2.50
CA ALA J 38 18.74 -13.06 1.52
C ALA J 38 18.69 -14.29 0.64
N GLU J 39 19.87 -14.81 0.27
CA GLU J 39 19.98 -15.92 -0.66
C GLU J 39 19.66 -17.27 -0.02
N GLY J 40 19.66 -17.36 1.30
CA GLY J 40 19.49 -18.65 1.91
C GLY J 40 18.15 -18.93 2.55
N ILE J 41 17.11 -18.19 2.19
CA ILE J 41 15.82 -18.38 2.83
C ILE J 41 14.89 -19.25 2.01
N TYR J 42 15.33 -19.80 0.88
CA TYR J 42 14.42 -20.49 0.00
C TYR J 42 14.47 -21.99 0.24
N ILE J 43 13.32 -22.63 0.06
CA ILE J 43 13.21 -24.08 0.01
C ILE J 43 12.81 -24.45 -1.41
N GLU J 44 13.02 -25.71 -1.76
CA GLU J 44 12.78 -26.20 -3.09
C GLU J 44 11.91 -27.44 -3.06
N GLY J 45 11.32 -27.73 -4.21
CA GLY J 45 10.57 -28.97 -4.29
C GLY J 45 10.23 -29.38 -5.71
N LEU J 46 9.59 -30.54 -5.81
CA LEU J 46 9.25 -31.16 -7.08
C LEU J 46 7.79 -31.56 -7.07
N MET J 47 7.02 -31.07 -8.03
CA MET J 47 5.62 -31.45 -8.19
C MET J 47 5.45 -32.21 -9.49
N HIS J 48 4.62 -33.24 -9.46
CA HIS J 48 4.34 -34.02 -10.65
C HIS J 48 3.03 -33.58 -11.29
N ASN J 49 2.76 -34.17 -12.45
CA ASN J 49 1.69 -33.77 -13.36
C ASN J 49 0.40 -34.48 -13.03
N GLN J 50 0.08 -34.67 -11.75
CA GLN J 50 -1.20 -35.26 -11.40
C GLN J 50 -2.37 -34.39 -11.88
N ASP J 51 -3.32 -35.07 -12.51
CA ASP J 51 -4.52 -34.52 -13.13
C ASP J 51 -4.21 -33.49 -14.21
N GLY J 52 -2.99 -33.52 -14.76
CA GLY J 52 -2.49 -32.54 -15.69
C GLY J 52 -2.55 -31.12 -15.17
N LEU J 53 -2.50 -30.94 -13.85
CA LEU J 53 -2.75 -29.64 -13.26
C LEU J 53 -1.63 -28.68 -13.56
N ILE J 54 -0.42 -29.20 -13.75
CA ILE J 54 0.73 -28.37 -14.06
C ILE J 54 0.54 -27.80 -15.44
N CYS J 55 0.19 -28.65 -16.41
CA CYS J 55 -0.08 -28.16 -17.76
C CYS J 55 -1.24 -27.17 -17.75
N GLY J 56 -2.25 -27.43 -16.90
CA GLY J 56 -3.34 -26.47 -16.70
C GLY J 56 -2.82 -25.14 -16.18
N LEU J 57 -1.93 -25.18 -15.19
CA LEU J 57 -1.42 -23.95 -14.62
C LEU J 57 -0.64 -23.12 -15.63
N ARG J 58 0.17 -23.77 -16.48
CA ARG J 58 0.95 -23.03 -17.49
C ARG J 58 0.13 -22.21 -18.46
N GLN J 59 -0.98 -22.74 -18.94
CA GLN J 59 -1.82 -21.95 -19.81
C GLN J 59 -2.42 -20.75 -19.09
N LEU J 60 -2.83 -20.94 -17.82
CA LEU J 60 -3.47 -19.87 -17.03
C LEU J 60 -2.64 -18.62 -16.91
N ALA J 61 -1.34 -18.75 -16.66
CA ALA J 61 -0.45 -17.60 -16.56
C ALA J 61 -0.49 -16.81 -17.85
N ASN J 62 -0.47 -17.52 -18.97
CA ASN J 62 -0.65 -16.99 -20.32
C ASN J 62 -1.90 -16.11 -20.42
N GLU J 63 -3.05 -16.65 -20.05
CA GLU J 63 -4.29 -15.90 -20.18
C GLU J 63 -4.37 -14.68 -19.28
N THR J 64 -3.66 -14.68 -18.14
CA THR J 64 -3.67 -13.51 -17.28
C THR J 64 -2.99 -12.30 -17.88
N THR J 65 -2.04 -12.50 -18.80
CA THR J 65 -1.06 -11.45 -19.15
C THR J 65 -1.70 -10.16 -19.64
N GLN J 66 -2.65 -10.25 -20.58
CA GLN J 66 -3.31 -9.08 -21.14
C GLN J 66 -3.94 -8.22 -20.06
N ALA J 67 -4.80 -8.83 -19.23
CA ALA J 67 -5.50 -8.10 -18.19
C ALA J 67 -4.54 -7.49 -17.20
N LEU J 68 -3.47 -8.23 -16.87
CA LEU J 68 -2.47 -7.73 -15.95
C LEU J 68 -1.78 -6.52 -16.53
N GLN J 69 -1.40 -6.60 -17.79
CA GLN J 69 -0.75 -5.48 -18.45
C GLN J 69 -1.64 -4.25 -18.51
N LEU J 70 -2.94 -4.44 -18.76
CA LEU J 70 -3.85 -3.29 -18.79
C LEU J 70 -3.99 -2.64 -17.44
N PHE J 71 -3.94 -3.43 -16.37
CA PHE J 71 -4.02 -2.90 -15.02
C PHE J 71 -2.83 -2.01 -14.75
N LEU J 72 -1.63 -2.44 -15.17
CA LEU J 72 -0.42 -1.68 -14.90
C LEU J 72 -0.43 -0.38 -15.67
N ARG J 73 -1.06 -0.37 -16.85
CA ARG J 73 -1.22 0.87 -17.60
C ARG J 73 -2.01 1.91 -16.82
N ALA J 74 -3.03 1.51 -16.07
CA ALA J 74 -3.88 2.53 -15.47
C ALA J 74 -3.38 3.12 -14.15
N THR J 75 -2.49 2.47 -13.43
CA THR J 75 -1.94 2.98 -12.18
C THR J 75 -0.72 3.86 -12.36
N THR J 76 -0.53 4.75 -11.39
CA THR J 76 0.64 5.59 -11.22
C THR J 76 1.60 5.07 -10.17
N GLU J 77 1.24 3.99 -9.47
CA GLU J 77 2.16 3.33 -8.56
C GLU J 77 3.37 2.76 -9.29
N LEU J 78 4.54 2.95 -8.69
CA LEU J 78 5.77 2.47 -9.31
C LEU J 78 5.94 0.98 -9.07
N ARG J 79 5.61 0.50 -7.86
CA ARG J 79 5.62 -0.91 -7.50
C ARG J 79 4.27 -1.25 -6.89
N THR J 80 3.56 -2.19 -7.48
CA THR J 80 2.22 -2.53 -7.06
C THR J 80 2.25 -3.79 -6.20
N PHE J 81 1.85 -3.69 -4.93
CA PHE J 81 1.84 -4.84 -4.04
C PHE J 81 0.45 -5.27 -3.59
N SER J 82 -0.59 -4.61 -4.05
CA SER J 82 -1.89 -4.68 -3.40
C SER J 82 -2.93 -5.46 -4.17
N ILE J 83 -2.56 -6.20 -5.22
CA ILE J 83 -3.54 -6.82 -6.10
C ILE J 83 -4.38 -7.85 -5.36
N LEU J 84 -3.75 -8.68 -4.54
CA LEU J 84 -4.49 -9.70 -3.79
C LEU J 84 -5.34 -9.11 -2.69
N ASN J 85 -4.88 -8.03 -2.07
CA ASN J 85 -5.69 -7.33 -1.07
C ASN J 85 -6.95 -6.77 -1.69
N ARG J 86 -6.83 -6.22 -2.89
CA ARG J 86 -7.99 -5.69 -3.60
C ARG J 86 -8.94 -6.80 -4.03
N LYS J 87 -8.39 -7.95 -4.45
CA LYS J 87 -9.22 -9.13 -4.73
C LYS J 87 -10.01 -9.57 -3.50
N ALA J 88 -9.36 -9.61 -2.34
CA ALA J 88 -10.03 -9.97 -1.10
C ALA J 88 -11.17 -9.01 -0.77
N ILE J 89 -10.91 -7.71 -0.93
CA ILE J 89 -11.93 -6.70 -0.69
C ILE J 89 -13.10 -6.87 -1.65
N ASP J 90 -12.80 -7.17 -2.92
CA ASP J 90 -13.85 -7.40 -3.90
C ASP J 90 -14.69 -8.61 -3.58
N PHE J 91 -14.08 -9.70 -3.09
CA PHE J 91 -14.82 -10.84 -2.58
C PHE J 91 -15.81 -10.44 -1.51
N LEU J 92 -15.34 -9.66 -0.54
CA LEU J 92 -16.19 -9.25 0.56
C LEU J 92 -17.31 -8.32 0.09
N LEU J 93 -17.00 -7.36 -0.80
CA LEU J 93 -18.03 -6.46 -1.27
C LEU J 93 -19.04 -7.15 -2.16
N GLN J 94 -18.59 -8.15 -2.93
CA GLN J 94 -19.52 -8.96 -3.72
C GLN J 94 -20.51 -9.68 -2.81
N ARG J 95 -20.05 -10.24 -1.70
CA ARG J 95 -21.07 -10.98 -0.95
C ARG J 95 -21.83 -10.14 0.07
N TRP J 96 -21.15 -9.33 0.87
CA TRP J 96 -21.87 -8.63 1.94
C TRP J 96 -21.86 -7.13 1.78
N GLY J 97 -21.41 -6.63 0.63
CA GLY J 97 -21.43 -5.19 0.41
C GLY J 97 -22.81 -4.65 0.17
N GLY J 98 -23.77 -5.53 -0.12
CA GLY J 98 -25.14 -5.14 -0.30
C GLY J 98 -26.16 -5.93 0.50
N THR J 99 -27.42 -5.67 0.17
CA THR J 99 -28.56 -6.36 0.75
C THR J 99 -28.58 -7.85 0.41
N CYS J 100 -28.72 -8.70 1.44
CA CYS J 100 -28.81 -10.15 1.25
C CYS J 100 -30.28 -10.51 1.13
N HIS J 101 -30.69 -10.88 -0.09
CA HIS J 101 -32.06 -11.31 -0.32
C HIS J 101 -32.09 -12.82 -0.16
N ILE J 102 -32.78 -13.29 0.90
CA ILE J 102 -32.79 -14.69 1.27
C ILE J 102 -33.52 -15.48 0.18
N LEU J 103 -32.98 -16.67 -0.15
CA LEU J 103 -33.27 -17.63 -1.23
C LEU J 103 -32.76 -17.14 -2.59
N GLY J 104 -32.20 -15.94 -2.67
CA GLY J 104 -31.61 -15.45 -3.89
C GLY J 104 -30.28 -16.11 -4.21
N PRO J 105 -29.88 -16.04 -5.48
CA PRO J 105 -28.64 -16.69 -5.92
C PRO J 105 -27.36 -16.00 -5.47
N ASP J 106 -27.43 -14.77 -4.96
CA ASP J 106 -26.24 -14.07 -4.51
C ASP J 106 -26.15 -13.93 -2.99
N CYS J 107 -27.09 -14.50 -2.25
CA CYS J 107 -27.03 -14.50 -0.79
C CYS J 107 -26.66 -15.93 -0.35
N CYS J 108 -25.56 -16.10 0.39
CA CYS J 108 -25.09 -17.45 0.80
C CYS J 108 -25.62 -17.83 2.19
N ILE J 109 -26.94 -17.87 2.36
CA ILE J 109 -27.51 -18.37 3.61
C ILE J 109 -28.24 -19.68 3.34
N GLU J 110 -27.84 -20.75 4.06
CA GLU J 110 -28.46 -22.06 3.99
C GLU J 110 -29.30 -22.31 5.25
N PRO J 111 -30.62 -22.38 5.17
CA PRO J 111 -31.40 -22.70 6.38
C PRO J 111 -31.93 -24.11 6.65
N HIS J 112 -31.35 -25.20 6.10
CA HIS J 112 -31.90 -26.54 6.36
C HIS J 112 -31.78 -26.93 7.84
N ASP J 113 -30.58 -26.74 8.41
CA ASP J 113 -30.40 -26.97 9.84
C ASP J 113 -31.18 -25.94 10.65
N TRP J 114 -31.31 -24.73 10.12
CA TRP J 114 -32.17 -23.73 10.74
C TRP J 114 -33.65 -24.12 10.66
N THR J 115 -34.03 -24.87 9.62
CA THR J 115 -35.39 -25.42 9.57
C THR J 115 -35.59 -26.44 10.68
N LYS J 116 -34.63 -27.37 10.87
CA LYS J 116 -34.75 -28.29 12.01
C LYS J 116 -34.68 -27.59 13.36
N ASN J 117 -34.04 -26.41 13.42
CA ASN J 117 -34.04 -25.62 14.65
C ASN J 117 -35.42 -25.07 14.95
N ILE J 118 -36.20 -24.73 13.93
CA ILE J 118 -37.52 -24.20 14.26
C ILE J 118 -38.56 -25.33 14.31
N THR J 119 -38.30 -26.43 13.60
CA THR J 119 -39.20 -27.58 13.63
C THR J 119 -39.08 -28.48 14.85
N ASP J 120 -37.92 -28.58 15.53
CA ASP J 120 -38.03 -29.25 16.82
C ASP J 120 -38.79 -28.39 17.84
N LYS J 121 -38.65 -27.05 17.82
CA LYS J 121 -39.49 -26.32 18.77
C LYS J 121 -40.93 -26.07 18.27
N ILE J 122 -41.40 -26.68 17.18
CA ILE J 122 -42.85 -26.66 16.96
C ILE J 122 -43.61 -27.48 18.01
N ASP J 123 -43.08 -28.65 18.39
CA ASP J 123 -43.72 -29.52 19.38
C ASP J 123 -43.55 -29.13 20.85
N GLN J 124 -42.79 -28.08 21.19
CA GLN J 124 -42.73 -27.69 22.61
C GLN J 124 -44.05 -27.11 23.11
N ILE J 125 -44.90 -26.55 22.22
CA ILE J 125 -46.21 -26.06 22.61
C ILE J 125 -47.32 -26.62 21.72
N ILE J 126 -47.00 -27.01 20.49
CA ILE J 126 -48.06 -27.54 19.62
C ILE J 126 -48.47 -28.97 19.99
N HIS J 127 -47.54 -29.79 20.50
CA HIS J 127 -47.91 -31.14 20.89
C HIS J 127 -48.54 -31.17 22.29
N ASP J 128 -48.00 -30.43 23.25
CA ASP J 128 -48.66 -30.29 24.56
C ASP J 128 -49.58 -29.06 24.54
N PHE J 129 -50.69 -29.21 23.83
CA PHE J 129 -51.72 -28.17 23.74
C PHE J 129 -53.05 -28.77 24.18
N VAL J 130 -53.11 -29.23 25.42
CA VAL J 130 -54.25 -29.99 25.92
C VAL J 130 -55.41 -29.06 26.27
N VAL K 2 17.60 -20.99 37.30
CA VAL K 2 16.31 -21.69 37.32
C VAL K 2 16.58 -23.18 37.39
N GLN K 3 15.99 -23.85 38.39
CA GLN K 3 16.25 -25.25 38.64
C GLN K 3 14.95 -26.06 38.58
N LEU K 4 15.07 -27.28 38.11
CA LEU K 4 13.94 -28.18 37.89
C LEU K 4 14.12 -29.42 38.75
N GLN K 5 13.02 -30.07 39.08
CA GLN K 5 13.13 -31.28 39.88
C GLN K 5 11.93 -32.17 39.63
N GLU K 6 12.17 -33.45 39.40
CA GLU K 6 11.07 -34.35 39.11
C GLU K 6 10.61 -35.08 40.37
N SER K 7 9.36 -35.50 40.35
CA SER K 7 8.85 -36.34 41.42
C SER K 7 7.72 -37.21 40.87
N GLY K 8 7.50 -38.32 41.55
CA GLY K 8 6.47 -39.27 41.19
C GLY K 8 6.69 -40.60 41.89
N PRO K 9 5.83 -41.56 41.63
CA PRO K 9 6.04 -42.91 42.19
C PRO K 9 7.19 -43.64 41.51
N GLY K 10 7.47 -44.85 41.98
CA GLY K 10 8.49 -45.67 41.35
C GLY K 10 7.89 -46.88 40.67
N LEU K 11 6.65 -47.19 40.99
CA LEU K 11 5.94 -48.33 40.42
C LEU K 11 4.64 -47.86 39.81
N VAL K 12 4.23 -48.52 38.73
CA VAL K 12 2.86 -48.40 38.23
C VAL K 12 2.32 -49.81 38.05
N LYS K 13 1.03 -49.90 37.87
CA LYS K 13 0.46 -51.16 37.45
C LYS K 13 -0.01 -51.05 36.00
N PRO K 14 -0.10 -52.15 35.25
CA PRO K 14 -0.62 -52.05 33.89
C PRO K 14 -2.10 -51.72 33.88
N SER K 15 -2.53 -51.12 32.77
CA SER K 15 -3.85 -50.51 32.61
C SER K 15 -4.12 -49.48 33.71
N GLY K 16 -3.17 -48.58 33.89
CA GLY K 16 -3.27 -47.55 34.90
C GLY K 16 -2.79 -46.19 34.40
N THR K 17 -2.52 -45.27 35.32
CA THR K 17 -2.22 -43.89 34.98
C THR K 17 -0.89 -43.50 35.59
N LEU K 18 0.04 -43.07 34.74
CA LEU K 18 1.33 -42.57 35.18
C LEU K 18 1.20 -41.08 35.45
N SER K 19 1.64 -40.65 36.63
CA SER K 19 1.53 -39.25 37.05
C SER K 19 2.91 -38.73 37.42
N LEU K 20 3.28 -37.59 36.87
CA LEU K 20 4.59 -37.01 37.12
C LEU K 20 4.45 -35.53 37.44
N THR K 21 5.19 -35.07 38.45
CA THR K 21 5.18 -33.69 38.89
C THR K 21 6.55 -33.07 38.69
N CYS K 22 6.63 -32.08 37.83
CA CYS K 22 7.90 -31.40 37.56
C CYS K 22 7.82 -30.05 38.20
N ALA K 23 8.56 -29.86 39.29
CA ALA K 23 8.49 -28.66 40.10
C ALA K 23 9.65 -27.74 39.77
N VAL K 24 9.35 -26.47 39.57
CA VAL K 24 10.36 -25.49 39.22
C VAL K 24 10.62 -24.62 40.44
N SER K 25 11.89 -24.25 40.61
CA SER K 25 12.31 -23.42 41.74
C SER K 25 13.33 -22.42 41.24
N GLY K 26 13.24 -21.19 41.75
CA GLY K 26 14.09 -20.12 41.31
C GLY K 26 13.47 -19.18 40.32
N GLY K 27 12.21 -19.40 39.94
CA GLY K 27 11.55 -18.54 38.98
C GLY K 27 10.07 -18.85 38.88
N SER K 28 9.51 -18.69 37.69
CA SER K 28 8.13 -19.05 37.45
C SER K 28 7.97 -19.41 35.98
N ILE K 29 6.85 -20.05 35.66
CA ILE K 29 6.66 -20.76 34.40
C ILE K 29 6.37 -19.78 33.24
N SER K 30 6.37 -18.49 33.53
CA SER K 30 6.11 -17.55 32.47
C SER K 30 7.39 -17.18 31.73
N GLY K 31 7.23 -16.76 30.49
CA GLY K 31 8.33 -16.22 29.71
C GLY K 31 8.40 -16.73 28.29
N THR K 32 9.60 -16.71 27.71
CA THR K 32 9.86 -17.28 26.39
C THR K 32 10.45 -18.68 26.52
N ASN K 33 9.95 -19.43 27.51
CA ASN K 33 10.37 -20.77 27.82
C ASN K 33 9.33 -21.78 27.38
N TRP K 34 9.74 -22.73 26.56
CA TRP K 34 8.96 -23.91 26.24
C TRP K 34 9.29 -25.00 27.24
N TRP K 35 8.31 -25.79 27.61
CA TRP K 35 8.56 -26.75 28.67
C TRP K 35 8.21 -28.15 28.17
N THR K 36 9.26 -28.94 27.89
CA THR K 36 9.16 -30.19 27.15
C THR K 36 9.34 -31.36 28.10
N TRP K 37 8.84 -32.52 27.68
CA TRP K 37 9.01 -33.78 28.38
C TRP K 37 9.74 -34.78 27.50
N VAL K 38 10.72 -35.49 28.07
CA VAL K 38 11.53 -36.46 27.34
C VAL K 38 11.51 -37.78 28.13
N ARG K 39 11.51 -38.92 27.44
CA ARG K 39 11.68 -40.21 28.12
C ARG K 39 12.82 -40.97 27.50
N GLN K 40 13.42 -41.90 28.24
CA GLN K 40 14.50 -42.73 27.71
C GLN K 40 14.47 -44.13 28.33
N PRO K 41 13.95 -45.14 27.62
CA PRO K 41 14.15 -46.51 28.05
C PRO K 41 15.61 -46.90 27.89
N PRO K 42 16.11 -47.89 28.66
CA PRO K 42 17.54 -47.94 28.95
C PRO K 42 18.41 -48.36 27.77
N GLY K 43 19.59 -47.73 27.68
CA GLY K 43 20.60 -48.03 26.68
C GLY K 43 20.20 -47.69 25.28
N ARG K 44 19.95 -46.41 25.00
CA ARG K 44 19.20 -46.06 23.81
C ARG K 44 19.42 -44.60 23.43
N GLY K 45 18.55 -44.09 22.55
CA GLY K 45 18.32 -42.68 22.40
C GLY K 45 17.07 -42.20 23.13
N LEU K 46 16.87 -40.89 23.09
CA LEU K 46 15.78 -40.31 23.87
C LEU K 46 14.55 -40.10 22.98
N GLU K 47 13.38 -40.08 23.60
CA GLU K 47 12.12 -40.04 22.87
C GLU K 47 11.26 -38.86 23.33
N TRP K 48 11.04 -37.91 22.43
CA TRP K 48 10.31 -36.67 22.72
C TRP K 48 8.82 -36.96 22.93
N ILE K 49 8.23 -36.35 23.95
CA ILE K 49 6.86 -36.66 24.35
C ILE K 49 5.90 -35.52 24.04
N GLY K 50 6.13 -34.35 24.60
CA GLY K 50 5.21 -33.25 24.42
C GLY K 50 5.78 -32.00 25.03
N GLU K 51 5.02 -30.92 24.93
CA GLU K 51 5.48 -29.67 25.50
C GLU K 51 4.29 -28.79 25.85
N ILE K 52 4.58 -27.68 26.53
CA ILE K 52 3.58 -26.66 26.78
C ILE K 52 4.25 -25.29 26.70
N TYR K 53 3.45 -24.27 26.40
CA TYR K 53 3.84 -22.88 26.51
C TYR K 53 3.06 -22.26 27.65
N TYR K 54 3.39 -21.04 28.02
CA TYR K 54 2.83 -20.48 29.24
C TYR K 54 1.47 -19.84 29.04
N ARG K 55 0.85 -19.99 27.87
CA ARG K 55 -0.46 -19.44 27.62
C ARG K 55 -1.51 -20.52 27.37
N GLY K 56 -1.29 -21.42 26.44
CA GLY K 56 -2.23 -22.51 26.25
C GLY K 56 -1.90 -23.33 25.02
N SER K 57 -2.86 -24.21 24.65
CA SER K 57 -2.81 -25.11 23.48
C SER K 57 -1.57 -26.01 23.47
N PRO K 58 -1.59 -27.12 24.21
CA PRO K 58 -0.39 -27.96 24.32
C PRO K 58 -0.07 -28.70 23.02
N ASN K 59 1.19 -29.11 22.88
CA ASN K 59 1.71 -29.75 21.69
C ASN K 59 2.16 -31.17 22.02
N TYR K 60 2.29 -32.01 21.00
CA TYR K 60 2.43 -33.43 21.26
C TYR K 60 3.28 -34.12 20.20
N ASN K 61 3.34 -35.46 20.33
CA ASN K 61 3.99 -36.49 19.55
C ASN K 61 2.94 -37.47 19.03
N PRO K 62 2.98 -37.81 17.73
CA PRO K 62 1.81 -38.45 17.11
C PRO K 62 1.61 -39.90 17.53
N SER K 63 2.65 -40.59 17.94
CA SER K 63 2.49 -41.97 18.40
C SER K 63 1.96 -42.05 19.82
N LEU K 64 1.83 -40.93 20.51
CA LEU K 64 1.30 -40.92 21.86
C LEU K 64 0.06 -40.04 21.99
N LYS K 65 -0.30 -39.29 20.95
CA LYS K 65 -1.27 -38.20 20.91
C LYS K 65 -2.71 -38.61 21.25
N SER K 66 -3.02 -39.85 21.58
CA SER K 66 -4.35 -40.18 22.09
C SER K 66 -4.38 -40.36 23.60
N ARG K 67 -3.22 -40.45 24.27
CA ARG K 67 -3.22 -40.87 25.66
C ARG K 67 -2.21 -40.12 26.52
N VAL K 68 -1.93 -38.86 26.22
CA VAL K 68 -0.97 -38.07 26.98
C VAL K 68 -1.54 -36.67 27.24
N THR K 69 -1.51 -36.22 28.50
CA THR K 69 -1.98 -34.89 28.86
C THR K 69 -0.92 -34.16 29.68
N ILE K 70 -0.68 -32.89 29.34
CA ILE K 70 0.20 -31.99 30.07
C ILE K 70 -0.61 -30.86 30.68
N SER K 71 -0.30 -30.48 31.93
CA SER K 71 -1.04 -29.40 32.57
C SER K 71 -0.14 -28.59 33.49
N VAL K 72 -0.24 -27.26 33.40
CA VAL K 72 0.60 -26.32 34.14
C VAL K 72 -0.21 -25.68 35.27
N ASP K 73 0.40 -25.56 36.46
CA ASP K 73 -0.18 -24.81 37.58
C ASP K 73 0.79 -23.71 37.99
N GLN K 74 0.42 -22.44 37.73
CA GLN K 74 1.34 -21.33 37.96
C GLN K 74 1.41 -20.93 39.42
N SER K 75 0.38 -21.23 40.20
CA SER K 75 0.36 -20.86 41.62
C SER K 75 1.43 -21.61 42.38
N LYS K 76 1.34 -22.94 42.41
CA LYS K 76 2.41 -23.75 42.95
C LYS K 76 3.58 -23.89 42.00
N SER K 77 3.40 -23.50 40.73
CA SER K 77 4.42 -23.52 39.67
C SER K 77 4.99 -24.93 39.46
N GLN K 78 4.13 -25.82 38.96
CA GLN K 78 4.54 -27.19 38.71
C GLN K 78 3.78 -27.75 37.52
N PHE K 79 4.25 -28.90 37.04
CA PHE K 79 3.59 -29.66 35.97
C PHE K 79 3.02 -30.96 36.48
N SER K 80 1.84 -31.29 35.97
CA SER K 80 1.32 -32.64 36.01
C SER K 80 1.34 -33.17 34.59
N LEU K 81 2.15 -34.21 34.37
CA LEU K 81 2.08 -35.03 33.15
C LEU K 81 1.37 -36.33 33.48
N LYS K 82 0.34 -36.65 32.70
CA LYS K 82 -0.49 -37.82 32.95
C LYS K 82 -0.53 -38.68 31.69
N LEU K 83 -0.06 -39.92 31.81
CA LEU K 83 -0.17 -40.93 30.76
C LEU K 83 -1.27 -41.91 31.16
N THR K 84 -2.14 -42.23 30.21
CA THR K 84 -3.21 -43.17 30.46
C THR K 84 -3.12 -44.35 29.51
N SER K 85 -3.80 -45.44 29.89
CA SER K 85 -3.73 -46.75 29.23
C SER K 85 -2.28 -47.21 29.08
N VAL K 86 -1.64 -47.41 30.22
CA VAL K 86 -0.21 -47.70 30.25
C VAL K 86 0.02 -49.15 29.82
N THR K 87 1.21 -49.40 29.26
CA THR K 87 1.62 -50.73 28.83
C THR K 87 2.99 -51.05 29.43
N ALA K 88 3.55 -52.18 29.04
CA ALA K 88 4.85 -52.58 29.55
C ALA K 88 6.01 -52.07 28.72
N ALA K 89 5.77 -51.11 27.82
CA ALA K 89 6.81 -50.62 26.93
C ALA K 89 7.14 -49.15 27.17
N ASP K 90 7.00 -48.67 28.40
CA ASP K 90 7.35 -47.29 28.71
C ASP K 90 8.05 -47.18 30.06
N THR K 91 8.69 -48.26 30.49
CA THR K 91 9.59 -48.18 31.64
C THR K 91 10.88 -47.52 31.21
N ALA K 92 11.24 -46.44 31.87
CA ALA K 92 12.23 -45.53 31.34
C ALA K 92 12.68 -44.61 32.45
N VAL K 93 13.74 -43.87 32.19
CA VAL K 93 14.08 -42.72 33.01
C VAL K 93 13.54 -41.48 32.32
N TYR K 94 12.67 -40.77 33.02
CA TYR K 94 11.92 -39.64 32.48
C TYR K 94 12.56 -38.35 32.88
N TYR K 95 12.40 -37.35 32.04
CA TYR K 95 13.02 -36.06 32.24
C TYR K 95 12.02 -34.98 31.87
N CYS K 96 12.11 -33.84 32.55
CA CYS K 96 11.48 -32.61 32.08
C CYS K 96 12.58 -31.63 31.72
N LEU K 97 12.62 -31.22 30.47
CA LEU K 97 13.54 -30.25 29.94
C LEU K 97 12.83 -28.91 29.81
N ARG K 98 13.58 -27.82 29.99
CA ARG K 98 13.10 -26.47 29.76
C ARG K 98 13.91 -25.89 28.61
N LEU K 99 13.28 -25.59 27.49
CA LEU K 99 14.00 -25.16 26.29
C LEU K 99 13.68 -23.72 25.96
N SER K 100 14.70 -22.93 25.65
CA SER K 100 14.55 -21.50 25.46
C SER K 100 15.27 -21.06 24.20
N HIS K 101 15.25 -19.77 23.95
CA HIS K 101 15.87 -19.26 22.74
C HIS K 101 17.38 -19.19 22.89
N TYR K 102 17.87 -19.23 24.12
CA TYR K 102 19.32 -19.13 24.31
C TYR K 102 19.90 -20.44 24.81
N GLY K 103 19.20 -21.13 25.68
CA GLY K 103 19.66 -22.39 26.19
C GLY K 103 18.52 -23.30 26.59
N GLY K 104 18.66 -23.87 27.78
CA GLY K 104 17.66 -24.74 28.38
C GLY K 104 18.30 -25.36 29.59
N ALA K 105 17.61 -26.33 30.16
CA ALA K 105 18.09 -26.99 31.35
C ALA K 105 17.37 -28.30 31.53
N TRP K 106 18.12 -29.32 31.88
CA TRP K 106 17.54 -30.63 32.12
C TRP K 106 17.35 -30.80 33.60
N GLY K 107 16.56 -31.80 33.95
CA GLY K 107 16.29 -32.12 35.32
C GLY K 107 17.12 -33.27 35.82
N GLN K 108 16.56 -34.02 36.77
CA GLN K 108 17.30 -35.12 37.38
C GLN K 108 16.79 -36.49 36.98
N GLY K 109 15.57 -36.60 36.46
CA GLY K 109 15.12 -37.83 35.87
C GLY K 109 14.62 -38.79 36.90
N THR K 110 13.51 -39.44 36.61
CA THR K 110 12.88 -40.36 37.56
C THR K 110 12.78 -41.73 36.91
N LEU K 111 13.19 -42.76 37.63
CA LEU K 111 13.06 -44.12 37.13
C LEU K 111 11.64 -44.61 37.32
N VAL K 112 11.01 -45.07 36.24
CA VAL K 112 9.65 -45.56 36.32
C VAL K 112 9.59 -46.91 35.63
N THR K 113 9.09 -47.92 36.33
CA THR K 113 8.99 -49.27 35.81
C THR K 113 7.53 -49.67 35.70
N VAL K 114 7.30 -50.89 35.23
CA VAL K 114 6.02 -51.57 35.33
C VAL K 114 6.28 -52.91 36.01
N SER K 115 5.19 -53.62 36.29
CA SER K 115 5.33 -54.95 36.90
C SER K 115 4.14 -55.83 36.55
N VAL L 2 -4.72 -24.00 -39.49
CA VAL L 2 -6.05 -24.26 -38.97
C VAL L 2 -7.07 -23.92 -40.04
N GLN L 3 -7.93 -24.88 -40.39
CA GLN L 3 -8.88 -24.71 -41.48
C GLN L 3 -10.30 -24.89 -40.97
N LEU L 4 -11.21 -24.15 -41.59
CA LEU L 4 -12.62 -24.11 -41.21
C LEU L 4 -13.46 -24.57 -42.37
N GLN L 5 -14.65 -25.07 -42.08
CA GLN L 5 -15.52 -25.52 -43.17
C GLN L 5 -16.96 -25.46 -42.72
N GLU L 6 -17.83 -24.89 -43.53
CA GLU L 6 -19.22 -24.77 -43.14
C GLU L 6 -20.04 -25.91 -43.71
N SER L 7 -21.15 -26.21 -43.03
CA SER L 7 -22.11 -27.16 -43.55
C SER L 7 -23.49 -26.82 -43.03
N GLY L 8 -24.50 -27.27 -43.77
CA GLY L 8 -25.89 -27.06 -43.43
C GLY L 8 -26.77 -27.34 -44.63
N PRO L 9 -28.08 -27.15 -44.46
CA PRO L 9 -29.00 -27.30 -45.60
C PRO L 9 -28.88 -26.16 -46.59
N GLY L 10 -29.65 -26.23 -47.67
CA GLY L 10 -29.68 -25.15 -48.63
C GLY L 10 -31.01 -24.44 -48.64
N LEU L 11 -32.02 -25.07 -48.03
CA LEU L 11 -33.37 -24.51 -47.98
C LEU L 11 -33.81 -24.46 -46.52
N VAL L 12 -34.60 -23.45 -46.18
CA VAL L 12 -35.36 -23.44 -44.94
C VAL L 12 -36.80 -23.14 -45.29
N LYS L 13 -37.68 -23.35 -44.33
CA LYS L 13 -39.04 -22.86 -44.49
C LYS L 13 -39.26 -21.70 -43.53
N PRO L 14 -40.19 -20.79 -43.82
CA PRO L 14 -40.47 -19.71 -42.87
C PRO L 14 -41.12 -20.25 -41.60
N SER L 15 -40.94 -19.49 -40.51
CA SER L 15 -41.28 -19.88 -39.14
C SER L 15 -40.61 -21.22 -38.77
N GLY L 16 -39.31 -21.29 -39.02
CA GLY L 16 -38.52 -22.47 -38.75
C GLY L 16 -37.18 -22.16 -38.12
N THR L 17 -36.27 -23.13 -38.14
CA THR L 17 -35.00 -23.03 -37.43
C THR L 17 -33.86 -23.27 -38.40
N LEU L 18 -32.97 -22.28 -38.50
CA LEU L 18 -31.77 -22.40 -39.32
C LEU L 18 -30.67 -23.01 -38.46
N SER L 19 -30.04 -24.06 -38.99
CA SER L 19 -29.00 -24.79 -38.28
C SER L 19 -27.73 -24.82 -39.12
N LEU L 20 -26.61 -24.44 -38.51
CA LEU L 20 -25.34 -24.38 -39.22
C LEU L 20 -24.25 -25.05 -38.39
N THR L 21 -23.42 -25.85 -39.05
CA THR L 21 -22.33 -26.57 -38.41
C THR L 21 -21.00 -26.08 -38.98
N CYS L 22 -20.19 -25.48 -38.13
CA CYS L 22 -18.89 -24.98 -38.56
C CYS L 22 -17.84 -25.90 -37.97
N ALA L 23 -17.22 -26.72 -38.82
CA ALA L 23 -16.30 -27.75 -38.38
C ALA L 23 -14.87 -27.29 -38.57
N VAL L 24 -14.07 -27.47 -37.55
CA VAL L 24 -12.67 -27.05 -37.58
C VAL L 24 -11.80 -28.29 -37.73
N SER L 25 -10.72 -28.13 -38.50
CA SER L 25 -9.79 -29.21 -38.77
C SER L 25 -8.38 -28.65 -38.72
N GLY L 26 -7.46 -29.43 -38.15
CA GLY L 26 -6.10 -28.99 -37.99
C GLY L 26 -5.76 -28.48 -36.61
N GLY L 27 -6.72 -28.49 -35.69
CA GLY L 27 -6.47 -27.99 -34.35
C GLY L 27 -7.61 -28.30 -33.42
N SER L 28 -7.88 -27.40 -32.46
CA SER L 28 -9.01 -27.54 -31.59
C SER L 28 -9.42 -26.15 -31.11
N ILE L 29 -10.63 -26.07 -30.55
CA ILE L 29 -11.32 -24.80 -30.33
C ILE L 29 -10.75 -24.04 -29.12
N SER L 30 -9.73 -24.59 -28.49
CA SER L 30 -9.17 -23.91 -27.35
C SER L 30 -8.11 -22.91 -27.78
N GLY L 31 -7.90 -21.90 -26.95
CA GLY L 31 -6.81 -20.96 -27.14
C GLY L 31 -7.20 -19.51 -26.94
N THR L 32 -6.47 -18.59 -27.57
CA THR L 32 -6.78 -17.17 -27.59
C THR L 32 -7.52 -16.80 -28.87
N ASN L 33 -8.40 -17.71 -29.30
CA ASN L 33 -9.19 -17.57 -30.51
C ASN L 33 -10.63 -17.26 -30.15
N TRP L 34 -11.14 -16.16 -30.70
CA TRP L 34 -12.56 -15.86 -30.67
C TRP L 34 -13.20 -16.42 -31.92
N TRP L 35 -14.42 -16.91 -31.82
CA TRP L 35 -15.00 -17.60 -32.95
C TRP L 35 -16.31 -16.93 -33.31
N THR L 36 -16.31 -16.17 -34.42
CA THR L 36 -17.37 -15.25 -34.78
C THR L 36 -18.16 -15.80 -35.95
N TRP L 37 -19.38 -15.32 -36.09
CA TRP L 37 -20.25 -15.64 -37.21
C TRP L 37 -20.63 -14.37 -37.98
N VAL L 38 -20.57 -14.44 -39.31
CA VAL L 38 -20.85 -13.29 -40.17
C VAL L 38 -21.88 -13.74 -41.22
N ARG L 39 -22.80 -12.85 -41.61
CA ARG L 39 -23.69 -13.15 -42.74
C ARG L 39 -23.61 -12.03 -43.76
N GLN L 40 -23.96 -12.34 -45.02
CA GLN L 40 -23.96 -11.32 -46.08
C GLN L 40 -25.06 -11.59 -47.09
N PRO L 41 -26.19 -10.88 -47.01
CA PRO L 41 -27.14 -10.91 -48.12
C PRO L 41 -26.56 -10.21 -49.34
N PRO L 42 -27.01 -10.55 -50.56
CA PRO L 42 -26.16 -10.35 -51.74
C PRO L 42 -25.97 -8.90 -52.15
N GLY L 43 -24.76 -8.59 -52.61
CA GLY L 43 -24.39 -7.29 -53.14
C GLY L 43 -24.41 -6.19 -52.10
N ARG L 44 -23.56 -6.28 -51.08
CA ARG L 44 -23.77 -5.50 -49.88
C ARG L 44 -22.49 -5.41 -49.05
N GLY L 45 -22.64 -4.98 -47.80
CA GLY L 45 -21.67 -5.22 -46.76
C GLY L 45 -22.05 -6.41 -45.87
N LEU L 46 -21.14 -6.71 -44.95
CA LEU L 46 -21.34 -7.90 -44.13
C LEU L 46 -21.94 -7.52 -42.78
N GLU L 47 -22.65 -8.45 -42.16
CA GLU L 47 -23.39 -8.19 -40.94
C GLU L 47 -23.00 -9.14 -39.82
N TRP L 48 -22.39 -8.60 -38.77
CA TRP L 48 -21.86 -9.36 -37.64
C TRP L 48 -22.99 -9.96 -36.81
N ILE L 49 -22.87 -11.24 -36.42
CA ILE L 49 -23.95 -11.96 -35.76
C ILE L 49 -23.64 -12.23 -34.30
N GLY L 50 -22.56 -12.92 -34.01
CA GLY L 50 -22.27 -13.28 -32.63
C GLY L 50 -20.92 -13.95 -32.57
N GLU L 51 -20.53 -14.33 -31.36
CA GLU L 51 -19.25 -15.00 -31.19
C GLU L 51 -19.28 -15.89 -29.96
N ILE L 52 -18.22 -16.67 -29.79
CA ILE L 52 -18.02 -17.44 -28.58
C ILE L 52 -16.53 -17.45 -28.25
N TYR L 53 -16.23 -17.65 -26.97
CA TYR L 53 -14.90 -17.93 -26.48
C TYR L 53 -14.87 -19.37 -26.01
N TYR L 54 -13.69 -19.88 -25.68
CA TYR L 54 -13.57 -21.30 -25.43
C TYR L 54 -13.90 -21.70 -23.99
N ARG L 55 -14.42 -20.78 -23.19
CA ARG L 55 -14.81 -21.07 -21.82
C ARG L 55 -16.31 -20.93 -21.59
N GLY L 56 -16.91 -19.80 -21.91
CA GLY L 56 -18.35 -19.69 -21.80
C GLY L 56 -18.81 -18.26 -22.03
N SER L 57 -20.10 -18.02 -21.70
CA SER L 57 -20.81 -16.74 -21.81
C SER L 57 -20.75 -16.14 -23.21
N PRO L 58 -21.62 -16.58 -24.12
CA PRO L 58 -21.55 -16.12 -25.52
C PRO L 58 -21.96 -14.66 -25.67
N ASN L 59 -21.51 -14.05 -26.76
CA ASN L 59 -21.73 -12.64 -27.05
C ASN L 59 -22.55 -12.50 -28.32
N TYR L 60 -23.16 -11.32 -28.51
CA TYR L 60 -24.19 -11.21 -29.53
C TYR L 60 -24.24 -9.81 -30.13
N ASN L 61 -25.25 -9.61 -30.99
CA ASN L 61 -25.68 -8.46 -31.76
C ASN L 61 -27.10 -8.09 -31.36
N PRO L 62 -27.38 -6.82 -31.09
CA PRO L 62 -28.61 -6.47 -30.38
C PRO L 62 -29.87 -6.60 -31.20
N SER L 63 -29.76 -6.49 -32.53
CA SER L 63 -30.94 -6.67 -33.37
C SER L 63 -31.30 -8.12 -33.59
N LEU L 64 -30.48 -9.05 -33.12
CA LEU L 64 -30.77 -10.47 -33.23
C LEU L 64 -30.84 -11.16 -31.89
N LYS L 65 -30.50 -10.49 -30.80
CA LYS L 65 -30.23 -10.99 -29.46
C LYS L 65 -31.42 -11.67 -28.78
N SER L 66 -32.60 -11.80 -29.40
CA SER L 66 -33.65 -12.61 -28.82
C SER L 66 -33.79 -13.97 -29.47
N ARG L 67 -33.14 -14.20 -30.63
CA ARG L 67 -33.43 -15.40 -31.41
C ARG L 67 -32.20 -16.04 -32.03
N VAL L 68 -31.04 -15.95 -31.38
CA VAL L 68 -29.82 -16.53 -31.93
C VAL L 68 -29.06 -17.26 -30.82
N THR L 69 -28.66 -18.51 -31.06
CA THR L 69 -27.89 -19.29 -30.10
C THR L 69 -26.64 -19.87 -30.75
N ILE L 70 -25.51 -19.76 -30.06
CA ILE L 70 -24.24 -20.36 -30.47
C ILE L 70 -23.83 -21.42 -29.46
N SER L 71 -23.33 -22.56 -29.94
CA SER L 71 -22.91 -23.62 -29.03
C SER L 71 -21.70 -24.37 -29.57
N VAL L 72 -20.71 -24.61 -28.70
CA VAL L 72 -19.44 -25.25 -29.05
C VAL L 72 -19.41 -26.68 -28.53
N ASP L 73 -18.91 -27.61 -29.36
CA ASP L 73 -18.65 -28.99 -28.94
C ASP L 73 -17.18 -29.32 -29.17
N GLN L 74 -16.42 -29.47 -28.07
CA GLN L 74 -14.97 -29.64 -28.18
C GLN L 74 -14.58 -31.05 -28.57
N SER L 75 -15.44 -32.03 -28.29
CA SER L 75 -15.13 -33.42 -28.61
C SER L 75 -15.04 -33.64 -30.11
N LYS L 76 -16.15 -33.39 -30.81
CA LYS L 76 -16.11 -33.39 -32.26
C LYS L 76 -15.53 -32.10 -32.82
N SER L 77 -15.36 -31.07 -31.98
CA SER L 77 -14.77 -29.77 -32.33
C SER L 77 -15.54 -29.09 -33.46
N GLN L 78 -16.77 -28.70 -33.15
CA GLN L 78 -17.60 -28.03 -34.15
C GLN L 78 -18.54 -27.05 -33.47
N PHE L 79 -19.17 -26.20 -34.29
CA PHE L 79 -20.19 -25.26 -33.84
C PHE L 79 -21.56 -25.61 -34.36
N SER L 80 -22.54 -25.45 -33.51
CA SER L 80 -23.93 -25.35 -33.92
C SER L 80 -24.38 -23.92 -33.70
N LEU L 81 -24.70 -23.22 -34.80
CA LEU L 81 -25.41 -21.94 -34.74
C LEU L 81 -26.87 -22.19 -35.11
N LYS L 82 -27.78 -21.71 -34.25
CA LYS L 82 -29.20 -21.94 -34.41
C LYS L 82 -29.93 -20.61 -34.39
N LEU L 83 -30.61 -20.30 -35.50
CA LEU L 83 -31.50 -19.15 -35.60
C LEU L 83 -32.94 -19.63 -35.52
N THR L 84 -33.74 -18.97 -34.71
CA THR L 84 -35.14 -19.33 -34.57
C THR L 84 -36.04 -18.15 -34.95
N SER L 85 -37.30 -18.47 -35.23
CA SER L 85 -38.31 -17.56 -35.78
C SER L 85 -37.79 -16.86 -37.03
N VAL L 86 -37.51 -17.67 -38.04
CA VAL L 86 -36.87 -17.18 -39.26
C VAL L 86 -37.87 -16.39 -40.09
N THR L 87 -37.36 -15.45 -40.89
CA THR L 87 -38.15 -14.63 -41.78
C THR L 87 -37.56 -14.69 -43.18
N ALA L 88 -38.11 -13.90 -44.09
CA ALA L 88 -37.61 -13.88 -45.46
C ALA L 88 -36.52 -12.86 -45.67
N ALA L 89 -35.92 -12.31 -44.61
CA ALA L 89 -34.92 -11.27 -44.74
C ALA L 89 -33.55 -11.71 -44.24
N ASP L 90 -33.24 -13.01 -44.31
CA ASP L 90 -31.92 -13.48 -43.90
C ASP L 90 -31.38 -14.53 -44.86
N THR L 91 -31.82 -14.50 -46.11
CA THR L 91 -31.19 -15.29 -47.15
C THR L 91 -29.88 -14.62 -47.55
N ALA L 92 -28.80 -15.37 -47.44
CA ALA L 92 -27.48 -14.76 -47.43
C ALA L 92 -26.46 -15.85 -47.64
N VAL L 93 -25.22 -15.44 -47.88
CA VAL L 93 -24.09 -16.36 -47.79
C VAL L 93 -23.46 -16.15 -46.43
N TYR L 94 -23.42 -17.23 -45.66
CA TYR L 94 -23.01 -17.21 -44.26
C TYR L 94 -21.58 -17.67 -44.13
N TYR L 95 -20.91 -17.17 -43.11
CA TYR L 95 -19.51 -17.44 -42.90
C TYR L 95 -19.29 -17.65 -41.41
N CYS L 96 -18.33 -18.50 -41.08
CA CYS L 96 -17.75 -18.53 -39.74
C CYS L 96 -16.30 -18.08 -39.84
N LEU L 97 -15.99 -17.00 -39.15
CA LEU L 97 -14.65 -16.43 -39.05
C LEU L 97 -14.04 -16.83 -37.73
N ARG L 98 -12.73 -17.00 -37.71
CA ARG L 98 -11.96 -17.23 -36.49
C ARG L 98 -11.02 -16.06 -36.31
N LEU L 99 -11.20 -15.27 -35.25
CA LEU L 99 -10.45 -14.04 -35.07
C LEU L 99 -9.51 -14.15 -33.87
N SER L 100 -8.27 -13.72 -34.05
CA SER L 100 -7.24 -13.90 -33.05
C SER L 100 -6.49 -12.61 -32.82
N HIS L 101 -5.47 -12.68 -31.97
CA HIS L 101 -4.71 -11.48 -31.66
C HIS L 101 -3.74 -11.16 -32.78
N TYR L 102 -3.43 -12.13 -33.62
CA TYR L 102 -2.46 -11.87 -34.67
C TYR L 102 -3.12 -11.86 -36.05
N GLY L 103 -4.08 -12.73 -36.28
CA GLY L 103 -4.78 -12.78 -37.53
C GLY L 103 -6.19 -13.32 -37.37
N GLY L 104 -6.54 -14.24 -38.27
CA GLY L 104 -7.81 -14.91 -38.26
C GLY L 104 -7.88 -15.70 -39.55
N ALA L 105 -9.06 -16.22 -39.83
CA ALA L 105 -9.27 -17.03 -41.01
C ALA L 105 -10.74 -17.13 -41.31
N TRP L 106 -11.08 -16.99 -42.57
CA TRP L 106 -12.44 -17.11 -43.01
C TRP L 106 -12.68 -18.50 -43.52
N GLY L 107 -13.94 -18.84 -43.67
CA GLY L 107 -14.33 -20.13 -44.18
C GLY L 107 -14.73 -20.06 -45.63
N GLN L 108 -15.64 -20.95 -46.02
CA GLN L 108 -16.03 -21.05 -47.41
C GLN L 108 -17.43 -20.53 -47.69
N GLY L 109 -18.28 -20.42 -46.67
CA GLY L 109 -19.54 -19.75 -46.82
C GLY L 109 -20.59 -20.64 -47.41
N THR L 110 -21.79 -20.58 -46.87
CA THR L 110 -22.88 -21.44 -47.30
C THR L 110 -24.03 -20.58 -47.77
N LEU L 111 -24.57 -20.88 -48.94
CA LEU L 111 -25.74 -20.16 -49.43
C LEU L 111 -27.00 -20.68 -48.77
N VAL L 112 -27.76 -19.79 -48.16
CA VAL L 112 -29.00 -20.18 -47.49
C VAL L 112 -30.10 -19.24 -47.96
N THR L 113 -31.18 -19.83 -48.44
CA THR L 113 -32.33 -19.09 -48.94
C THR L 113 -33.55 -19.36 -48.07
N VAL L 114 -34.65 -18.72 -48.43
CA VAL L 114 -35.98 -19.07 -47.94
C VAL L 114 -36.87 -19.31 -49.15
N SER L 115 -38.08 -19.76 -48.89
CA SER L 115 -39.03 -19.98 -49.98
C SER L 115 -40.47 -19.85 -49.49
#